data_4H86
# 
_entry.id   4H86 
# 
_audit_conform.dict_name       mmcif_pdbx.dic 
_audit_conform.dict_version    5.381 
_audit_conform.dict_location   http://mmcif.pdb.org/dictionaries/ascii/mmcif_pdbx.dic 
# 
loop_
_database_2.database_id 
_database_2.database_code 
_database_2.pdbx_database_accession 
_database_2.pdbx_DOI 
PDB   4H86         pdb_00004h86 10.2210/pdb4h86/pdb 
RCSB  RCSB075140   ?            ?                   
WWPDB D_1000075140 ?            ?                   
# 
loop_
_pdbx_database_related.db_name 
_pdbx_database_related.db_id 
_pdbx_database_related.details 
_pdbx_database_related.content_type 
PDB 4DSQ . unspecified 
PDB 4DSR . unspecified 
PDB 4DSS . unspecified 
# 
_pdbx_database_status.entry_id                        4H86 
_pdbx_database_status.methods_development_category    ? 
_pdbx_database_status.deposit_site                    RCSB 
_pdbx_database_status.process_site                    PDBJ 
_pdbx_database_status.recvd_initial_deposition_date   2012-09-21 
_pdbx_database_status.status_code                     REL 
_pdbx_database_status.status_code_sf                  REL 
_pdbx_database_status.status_code_mr                  ? 
_pdbx_database_status.SG_entry                        ? 
_pdbx_database_status.status_code_cs                  ? 
_pdbx_database_status.pdb_format_compatible           Y 
_pdbx_database_status.status_code_nmr_data            ? 
# 
loop_
_audit_author.name 
_audit_author.pdbx_ordinal 
'Liu, M.'  1 
'Wang, F.' 2 
'Qiu, R.'  3 
'Wu, T.'   4 
'Gu, S.'   5 
'Tang, R.' 6 
'Ji, C.'   7 
# 
_citation.id                        primary 
_citation.title                     'Crystal structure of Ahp1 from Saccharomyces cerevisiae in reduced form' 
_citation.journal_abbrev            'To be Published' 
_citation.journal_volume            ? 
_citation.page_first                ? 
_citation.page_last                 ? 
_citation.year                      ? 
_citation.journal_id_ASTM           ? 
_citation.country                   ? 
_citation.journal_id_ISSN           ? 
_citation.journal_id_CSD            0353 
_citation.book_publisher            ? 
_citation.pdbx_database_id_PubMed   ? 
_citation.pdbx_database_id_DOI      ? 
# 
loop_
_citation_author.citation_id 
_citation_author.name 
_citation_author.ordinal 
_citation_author.identifier_ORCID 
primary 'Liu, M.'  1 ? 
primary 'Wang, F.' 2 ? 
primary 'Qiu, R.'  3 ? 
primary 'Wu, T.'   4 ? 
primary 'Gu, S.'   5 ? 
primary 'Tang, R.' 6 ? 
primary 'Ji, C.'   7 ? 
# 
_cell.length_a           149.049 
_cell.length_b           149.049 
_cell.length_c           149.049 
_cell.angle_alpha        90.000 
_cell.angle_beta         90.000 
_cell.angle_gamma        90.000 
_cell.entry_id           4H86 
_cell.pdbx_unique_axis   ? 
_cell.Z_PDB              24 
_cell.length_a_esd       ? 
_cell.length_b_esd       ? 
_cell.length_c_esd       ? 
_cell.angle_alpha_esd    ? 
_cell.angle_beta_esd     ? 
_cell.angle_gamma_esd    ? 
# 
_symmetry.space_group_name_H-M             'I 21 3' 
_symmetry.entry_id                         4H86 
_symmetry.Int_Tables_number                199 
_symmetry.pdbx_full_space_group_name_H-M   ? 
_symmetry.cell_setting                     ? 
_symmetry.space_group_name_Hall            ? 
# 
loop_
_entity.id 
_entity.type 
_entity.src_method 
_entity.pdbx_description 
_entity.formula_weight 
_entity.pdbx_number_of_molecules 
_entity.pdbx_ec 
_entity.pdbx_mutation 
_entity.pdbx_fragment 
_entity.details 
1 polymer man 'Peroxiredoxin type-2' 21593.324 1   1.11.1.15 ? ? ? 
2 water   nat water                  18.015    246 ?         ? ? ? 
# 
_entity_name_com.entity_id   1 
_entity_name_com.name        
;AHPC1, Cytoplasmic thiol peroxidase 3, cTPx 3, Peroxiredoxin type II, Peroxisomal alkyl hydroperoxide reductase, TPx type II, Thiol-specific antioxidant II, TSA II, Thioredoxin peroxidase type II, Thioredoxin reductase type II
;
# 
_entity_poly.entity_id                      1 
_entity_poly.type                           'polypeptide(L)' 
_entity_poly.nstd_linkage                   no 
_entity_poly.nstd_monomer                   no 
_entity_poly.pdbx_seq_one_letter_code       
;MGSSHHHHHHSSGLVPRGSHMASMSDLVNKKFPAGDYKFQYIAISQSDADSESCKMPQTVEWSKLISENKKVIITGAPAA
FSPTCTVSHIPGYINYLDELVKEKEVDQVIVVTVDNPFANQAWAKSLGVKDTTHIKFASDPGCAFTKSIGFELAVGDGVY
WSGRWAMVVENGIVTYAAKETNPGTDVTVSSVESVLAHL
;
_entity_poly.pdbx_seq_one_letter_code_can   
;MGSSHHHHHHSSGLVPRGSHMASMSDLVNKKFPAGDYKFQYIAISQSDADSESCKMPQTVEWSKLISENKKVIITGAPAA
FSPTCTVSHIPGYINYLDELVKEKEVDQVIVVTVDNPFANQAWAKSLGVKDTTHIKFASDPGCAFTKSIGFELAVGDGVY
WSGRWAMVVENGIVTYAAKETNPGTDVTVSSVESVLAHL
;
_entity_poly.pdbx_strand_id                 A 
_entity_poly.pdbx_target_identifier         ? 
# 
loop_
_entity_poly_seq.entity_id 
_entity_poly_seq.num 
_entity_poly_seq.mon_id 
_entity_poly_seq.hetero 
1 1   MET n 
1 2   GLY n 
1 3   SER n 
1 4   SER n 
1 5   HIS n 
1 6   HIS n 
1 7   HIS n 
1 8   HIS n 
1 9   HIS n 
1 10  HIS n 
1 11  SER n 
1 12  SER n 
1 13  GLY n 
1 14  LEU n 
1 15  VAL n 
1 16  PRO n 
1 17  ARG n 
1 18  GLY n 
1 19  SER n 
1 20  HIS n 
1 21  MET n 
1 22  ALA n 
1 23  SER n 
1 24  MET n 
1 25  SER n 
1 26  ASP n 
1 27  LEU n 
1 28  VAL n 
1 29  ASN n 
1 30  LYS n 
1 31  LYS n 
1 32  PHE n 
1 33  PRO n 
1 34  ALA n 
1 35  GLY n 
1 36  ASP n 
1 37  TYR n 
1 38  LYS n 
1 39  PHE n 
1 40  GLN n 
1 41  TYR n 
1 42  ILE n 
1 43  ALA n 
1 44  ILE n 
1 45  SER n 
1 46  GLN n 
1 47  SER n 
1 48  ASP n 
1 49  ALA n 
1 50  ASP n 
1 51  SER n 
1 52  GLU n 
1 53  SER n 
1 54  CYS n 
1 55  LYS n 
1 56  MET n 
1 57  PRO n 
1 58  GLN n 
1 59  THR n 
1 60  VAL n 
1 61  GLU n 
1 62  TRP n 
1 63  SER n 
1 64  LYS n 
1 65  LEU n 
1 66  ILE n 
1 67  SER n 
1 68  GLU n 
1 69  ASN n 
1 70  LYS n 
1 71  LYS n 
1 72  VAL n 
1 73  ILE n 
1 74  ILE n 
1 75  THR n 
1 76  GLY n 
1 77  ALA n 
1 78  PRO n 
1 79  ALA n 
1 80  ALA n 
1 81  PHE n 
1 82  SER n 
1 83  PRO n 
1 84  THR n 
1 85  CYS n 
1 86  THR n 
1 87  VAL n 
1 88  SER n 
1 89  HIS n 
1 90  ILE n 
1 91  PRO n 
1 92  GLY n 
1 93  TYR n 
1 94  ILE n 
1 95  ASN n 
1 96  TYR n 
1 97  LEU n 
1 98  ASP n 
1 99  GLU n 
1 100 LEU n 
1 101 VAL n 
1 102 LYS n 
1 103 GLU n 
1 104 LYS n 
1 105 GLU n 
1 106 VAL n 
1 107 ASP n 
1 108 GLN n 
1 109 VAL n 
1 110 ILE n 
1 111 VAL n 
1 112 VAL n 
1 113 THR n 
1 114 VAL n 
1 115 ASP n 
1 116 ASN n 
1 117 PRO n 
1 118 PHE n 
1 119 ALA n 
1 120 ASN n 
1 121 GLN n 
1 122 ALA n 
1 123 TRP n 
1 124 ALA n 
1 125 LYS n 
1 126 SER n 
1 127 LEU n 
1 128 GLY n 
1 129 VAL n 
1 130 LYS n 
1 131 ASP n 
1 132 THR n 
1 133 THR n 
1 134 HIS n 
1 135 ILE n 
1 136 LYS n 
1 137 PHE n 
1 138 ALA n 
1 139 SER n 
1 140 ASP n 
1 141 PRO n 
1 142 GLY n 
1 143 CYS n 
1 144 ALA n 
1 145 PHE n 
1 146 THR n 
1 147 LYS n 
1 148 SER n 
1 149 ILE n 
1 150 GLY n 
1 151 PHE n 
1 152 GLU n 
1 153 LEU n 
1 154 ALA n 
1 155 VAL n 
1 156 GLY n 
1 157 ASP n 
1 158 GLY n 
1 159 VAL n 
1 160 TYR n 
1 161 TRP n 
1 162 SER n 
1 163 GLY n 
1 164 ARG n 
1 165 TRP n 
1 166 ALA n 
1 167 MET n 
1 168 VAL n 
1 169 VAL n 
1 170 GLU n 
1 171 ASN n 
1 172 GLY n 
1 173 ILE n 
1 174 VAL n 
1 175 THR n 
1 176 TYR n 
1 177 ALA n 
1 178 ALA n 
1 179 LYS n 
1 180 GLU n 
1 181 THR n 
1 182 ASN n 
1 183 PRO n 
1 184 GLY n 
1 185 THR n 
1 186 ASP n 
1 187 VAL n 
1 188 THR n 
1 189 VAL n 
1 190 SER n 
1 191 SER n 
1 192 VAL n 
1 193 GLU n 
1 194 SER n 
1 195 VAL n 
1 196 LEU n 
1 197 ALA n 
1 198 HIS n 
1 199 LEU n 
# 
_entity_src_gen.entity_id                          1 
_entity_src_gen.pdbx_src_id                        1 
_entity_src_gen.pdbx_alt_source_flag               sample 
_entity_src_gen.pdbx_seq_type                      ? 
_entity_src_gen.pdbx_beg_seq_num                   ? 
_entity_src_gen.pdbx_end_seq_num                   ? 
_entity_src_gen.gene_src_common_name               yeast 
_entity_src_gen.gene_src_genus                     ? 
_entity_src_gen.pdbx_gene_src_gene                 'AHP1, YLR109W, L2916, L9354.5' 
_entity_src_gen.gene_src_species                   ? 
_entity_src_gen.gene_src_strain                    'ATCC 204508 / S288c' 
_entity_src_gen.gene_src_tissue                    ? 
_entity_src_gen.gene_src_tissue_fraction           ? 
_entity_src_gen.gene_src_details                   ? 
_entity_src_gen.pdbx_gene_src_fragment             ? 
_entity_src_gen.pdbx_gene_src_scientific_name      'Saccharomyces cerevisiae' 
_entity_src_gen.pdbx_gene_src_ncbi_taxonomy_id     559292 
_entity_src_gen.pdbx_gene_src_variant              ? 
_entity_src_gen.pdbx_gene_src_cell_line            ? 
_entity_src_gen.pdbx_gene_src_atcc                 ? 
_entity_src_gen.pdbx_gene_src_organ                ? 
_entity_src_gen.pdbx_gene_src_organelle            ? 
_entity_src_gen.pdbx_gene_src_cell                 ? 
_entity_src_gen.pdbx_gene_src_cellular_location    ? 
_entity_src_gen.host_org_common_name               ? 
_entity_src_gen.pdbx_host_org_scientific_name      'Escherichia coli' 
_entity_src_gen.pdbx_host_org_ncbi_taxonomy_id     562 
_entity_src_gen.host_org_genus                     ? 
_entity_src_gen.pdbx_host_org_gene                 ? 
_entity_src_gen.pdbx_host_org_organ                ? 
_entity_src_gen.host_org_species                   ? 
_entity_src_gen.pdbx_host_org_tissue               ? 
_entity_src_gen.pdbx_host_org_tissue_fraction      ? 
_entity_src_gen.pdbx_host_org_strain               ? 
_entity_src_gen.pdbx_host_org_variant              ? 
_entity_src_gen.pdbx_host_org_cell_line            ? 
_entity_src_gen.pdbx_host_org_atcc                 ? 
_entity_src_gen.pdbx_host_org_culture_collection   ? 
_entity_src_gen.pdbx_host_org_cell                 ? 
_entity_src_gen.pdbx_host_org_organelle            ? 
_entity_src_gen.pdbx_host_org_cellular_location    ? 
_entity_src_gen.pdbx_host_org_vector_type          plasmid 
_entity_src_gen.pdbx_host_org_vector               ? 
_entity_src_gen.host_org_details                   ? 
_entity_src_gen.expression_system_id               ? 
_entity_src_gen.plasmid_name                       ? 
_entity_src_gen.plasmid_details                    ? 
_entity_src_gen.pdbx_description                   ? 
# 
_struct_ref.id                         1 
_struct_ref.db_name                    UNP 
_struct_ref.db_code                    AHP1_YEAST 
_struct_ref.pdbx_db_accession          P38013 
_struct_ref.entity_id                  1 
_struct_ref.pdbx_seq_one_letter_code   
;MSDLVNKKFPAGDYKFQYIAISQSDADSESCKMPQTVEWSKLISENKKVIITGAPAAFSPTCTVSHIPGYINYLDELVKE
KEVDQVIVVTVDNPFANQAWAKSLGVKDTTHIKFASDPGCAFTKSIGFELAVGDGVYWSGRWAMVVENGIVTYAAKETNP
GTDVTVSSVESVLAHL
;
_struct_ref.pdbx_align_begin           1 
_struct_ref.pdbx_db_isoform            ? 
# 
_struct_ref_seq.align_id                      1 
_struct_ref_seq.ref_id                        1 
_struct_ref_seq.pdbx_PDB_id_code              4H86 
_struct_ref_seq.pdbx_strand_id                A 
_struct_ref_seq.seq_align_beg                 24 
_struct_ref_seq.pdbx_seq_align_beg_ins_code   ? 
_struct_ref_seq.seq_align_end                 199 
_struct_ref_seq.pdbx_seq_align_end_ins_code   ? 
_struct_ref_seq.pdbx_db_accession             P38013 
_struct_ref_seq.db_align_beg                  1 
_struct_ref_seq.pdbx_db_align_beg_ins_code    ? 
_struct_ref_seq.db_align_end                  176 
_struct_ref_seq.pdbx_db_align_end_ins_code    ? 
_struct_ref_seq.pdbx_auth_seq_align_beg       1 
_struct_ref_seq.pdbx_auth_seq_align_end       176 
# 
loop_
_struct_ref_seq_dif.align_id 
_struct_ref_seq_dif.pdbx_pdb_id_code 
_struct_ref_seq_dif.mon_id 
_struct_ref_seq_dif.pdbx_pdb_strand_id 
_struct_ref_seq_dif.seq_num 
_struct_ref_seq_dif.pdbx_pdb_ins_code 
_struct_ref_seq_dif.pdbx_seq_db_name 
_struct_ref_seq_dif.pdbx_seq_db_accession_code 
_struct_ref_seq_dif.db_mon_id 
_struct_ref_seq_dif.pdbx_seq_db_seq_num 
_struct_ref_seq_dif.details 
_struct_ref_seq_dif.pdbx_auth_seq_num 
_struct_ref_seq_dif.pdbx_ordinal 
1 4H86 MET A 1  ? UNP P38013 ? ? 'expression tag' -22 1  
1 4H86 GLY A 2  ? UNP P38013 ? ? 'expression tag' -21 2  
1 4H86 SER A 3  ? UNP P38013 ? ? 'expression tag' -20 3  
1 4H86 SER A 4  ? UNP P38013 ? ? 'expression tag' -19 4  
1 4H86 HIS A 5  ? UNP P38013 ? ? 'expression tag' -18 5  
1 4H86 HIS A 6  ? UNP P38013 ? ? 'expression tag' -17 6  
1 4H86 HIS A 7  ? UNP P38013 ? ? 'expression tag' -16 7  
1 4H86 HIS A 8  ? UNP P38013 ? ? 'expression tag' -15 8  
1 4H86 HIS A 9  ? UNP P38013 ? ? 'expression tag' -14 9  
1 4H86 HIS A 10 ? UNP P38013 ? ? 'expression tag' -13 10 
1 4H86 SER A 11 ? UNP P38013 ? ? 'expression tag' -12 11 
1 4H86 SER A 12 ? UNP P38013 ? ? 'expression tag' -11 12 
1 4H86 GLY A 13 ? UNP P38013 ? ? 'expression tag' -10 13 
1 4H86 LEU A 14 ? UNP P38013 ? ? 'expression tag' -9  14 
1 4H86 VAL A 15 ? UNP P38013 ? ? 'expression tag' -8  15 
1 4H86 PRO A 16 ? UNP P38013 ? ? 'expression tag' -7  16 
1 4H86 ARG A 17 ? UNP P38013 ? ? 'expression tag' -6  17 
1 4H86 GLY A 18 ? UNP P38013 ? ? 'expression tag' -5  18 
1 4H86 SER A 19 ? UNP P38013 ? ? 'expression tag' -4  19 
1 4H86 HIS A 20 ? UNP P38013 ? ? 'expression tag' -3  20 
1 4H86 MET A 21 ? UNP P38013 ? ? 'expression tag' -2  21 
1 4H86 ALA A 22 ? UNP P38013 ? ? 'expression tag' -1  22 
1 4H86 SER A 23 ? UNP P38013 ? ? 'expression tag' 0   23 
# 
loop_
_chem_comp.id 
_chem_comp.type 
_chem_comp.mon_nstd_flag 
_chem_comp.name 
_chem_comp.pdbx_synonyms 
_chem_comp.formula 
_chem_comp.formula_weight 
ALA 'L-peptide linking' y ALANINE         ? 'C3 H7 N O2'     89.093  
ARG 'L-peptide linking' y ARGININE        ? 'C6 H15 N4 O2 1' 175.209 
ASN 'L-peptide linking' y ASPARAGINE      ? 'C4 H8 N2 O3'    132.118 
ASP 'L-peptide linking' y 'ASPARTIC ACID' ? 'C4 H7 N O4'     133.103 
CYS 'L-peptide linking' y CYSTEINE        ? 'C3 H7 N O2 S'   121.158 
GLN 'L-peptide linking' y GLUTAMINE       ? 'C5 H10 N2 O3'   146.144 
GLU 'L-peptide linking' y 'GLUTAMIC ACID' ? 'C5 H9 N O4'     147.129 
GLY 'peptide linking'   y GLYCINE         ? 'C2 H5 N O2'     75.067  
HIS 'L-peptide linking' y HISTIDINE       ? 'C6 H10 N3 O2 1' 156.162 
HOH non-polymer         . WATER           ? 'H2 O'           18.015  
ILE 'L-peptide linking' y ISOLEUCINE      ? 'C6 H13 N O2'    131.173 
LEU 'L-peptide linking' y LEUCINE         ? 'C6 H13 N O2'    131.173 
LYS 'L-peptide linking' y LYSINE          ? 'C6 H15 N2 O2 1' 147.195 
MET 'L-peptide linking' y METHIONINE      ? 'C5 H11 N O2 S'  149.211 
PHE 'L-peptide linking' y PHENYLALANINE   ? 'C9 H11 N O2'    165.189 
PRO 'L-peptide linking' y PROLINE         ? 'C5 H9 N O2'     115.130 
SER 'L-peptide linking' y SERINE          ? 'C3 H7 N O3'     105.093 
THR 'L-peptide linking' y THREONINE       ? 'C4 H9 N O3'     119.119 
TRP 'L-peptide linking' y TRYPTOPHAN      ? 'C11 H12 N2 O2'  204.225 
TYR 'L-peptide linking' y TYROSINE        ? 'C9 H11 N O3'    181.189 
VAL 'L-peptide linking' y VALINE          ? 'C5 H11 N O2'    117.146 
# 
_exptl.crystals_number   1 
_exptl.entry_id          4H86 
_exptl.method            'X-RAY DIFFRACTION' 
# 
_exptl_crystal.id                    1 
_exptl_crystal.pdbx_mosaicity        0.251 
_exptl_crystal.pdbx_mosaicity_esd    ? 
_exptl_crystal.density_Matthews      6.39 
_exptl_crystal.density_diffrn        ? 
_exptl_crystal.density_meas          ? 
_exptl_crystal.density_meas_temp     ? 
_exptl_crystal.density_percent_sol   80.75 
_exptl_crystal.size_max              ? 
_exptl_crystal.size_mid              ? 
_exptl_crystal.size_min              ? 
_exptl_crystal.size_rad              ? 
_exptl_crystal.description           ? 
_exptl_crystal.F_000                 ? 
_exptl_crystal.preparation           ? 
# 
_exptl_crystal_grow.crystal_id      1 
_exptl_crystal_grow.method          'VAPOR DIFFUSION, HANGING DROP' 
_exptl_crystal_grow.pH              5.4 
_exptl_crystal_grow.temp            298 
_exptl_crystal_grow.temp_details    ? 
_exptl_crystal_grow.pdbx_details    
;Protein Solution (40 mg/ml Ahp1 protein, in Milli-Q water containing 10mM DTT) mixed in a 1:1 ratio with the well solution (0.1 M BIS-TRIS pH 5.4, 2.0 M Ammonium Sulfate) Cryoprotected with 20% Glycerol , VAPOR DIFFUSION, HANGING DROP, temperature 298K
;
_exptl_crystal_grow.pdbx_pH_range   . 
# 
_diffrn.id                     1 
_diffrn.ambient_temp           100 
_diffrn.ambient_temp_details   ? 
_diffrn.crystal_id             1 
# 
_diffrn_detector.diffrn_id              1 
_diffrn_detector.detector               CCD 
_diffrn_detector.type                   'RAYONIX MX-225' 
_diffrn_detector.pdbx_collection_date   2011-11-08 
_diffrn_detector.details                ? 
# 
_diffrn_radiation.diffrn_id                        1 
_diffrn_radiation.wavelength_id                    1 
_diffrn_radiation.pdbx_diffrn_protocol             'SINGLE WAVELENGTH' 
_diffrn_radiation.monochromator                    GRAPHITE 
_diffrn_radiation.pdbx_monochromatic_or_laue_m_l   M 
_diffrn_radiation.pdbx_scattering_type             x-ray 
# 
_diffrn_radiation_wavelength.id           1 
_diffrn_radiation_wavelength.wavelength   0.97915 
_diffrn_radiation_wavelength.wt           1.0 
# 
_diffrn_source.diffrn_id                   1 
_diffrn_source.source                      SYNCHROTRON 
_diffrn_source.type                        'SSRF BEAMLINE BL17U' 
_diffrn_source.pdbx_wavelength             ? 
_diffrn_source.pdbx_wavelength_list        0.97915 
_diffrn_source.pdbx_synchrotron_site       SSRF 
_diffrn_source.pdbx_synchrotron_beamline   BL17U 
# 
_reflns.entry_id                     4H86 
_reflns.d_resolution_high            2.000 
_reflns.d_resolution_low             50.000 
_reflns.number_obs                   37056 
_reflns.pdbx_Rmerge_I_obs            0.125 
_reflns.pdbx_netI_over_sigmaI        9.000 
_reflns.pdbx_chi_squared             2.820 
_reflns.pdbx_redundancy              44.800 
_reflns.percent_possible_obs         100.000 
_reflns.observed_criterion_sigma_F   0 
_reflns.observed_criterion_sigma_I   0 
_reflns.number_all                   37056 
_reflns.pdbx_Rsym_value              ? 
_reflns.B_iso_Wilson_estimate        29.79 
_reflns.R_free_details               ? 
_reflns.limit_h_max                  ? 
_reflns.limit_h_min                  ? 
_reflns.limit_k_max                  ? 
_reflns.limit_k_min                  ? 
_reflns.limit_l_max                  ? 
_reflns.limit_l_min                  ? 
_reflns.observed_criterion_F_max     ? 
_reflns.observed_criterion_F_min     ? 
_reflns.pdbx_scaling_rejects         ? 
_reflns.pdbx_ordinal                 1 
_reflns.pdbx_diffrn_id               1 
# 
loop_
_reflns_shell.d_res_high 
_reflns_shell.d_res_low 
_reflns_shell.number_measured_obs 
_reflns_shell.number_measured_all 
_reflns_shell.number_unique_obs 
_reflns_shell.pdbx_rejects 
_reflns_shell.Rmerge_I_obs 
_reflns_shell.meanI_over_sigI_obs 
_reflns_shell.pdbx_Rsym_value 
_reflns_shell.pdbx_chi_squared 
_reflns_shell.pdbx_redundancy 
_reflns_shell.percent_possible_obs 
_reflns_shell.pdbx_netI_over_sigmaI_obs 
_reflns_shell.number_possible 
_reflns_shell.number_unique_all 
_reflns_shell.Rmerge_F_all 
_reflns_shell.Rmerge_F_obs 
_reflns_shell.Rmerge_I_all 
_reflns_shell.meanI_over_sigI_all 
_reflns_shell.percent_possible_all 
_reflns_shell.pdbx_Rrim_I_all 
_reflns_shell.pdbx_Rpim_I_all 
_reflns_shell.pdbx_ordinal 
_reflns_shell.pdbx_diffrn_id 
2.000 2.030  ? ? ? ? 0.765 ? ? 1.263 45.000 ? ? ? 1844 ? ? ? ? 100.000 ? ? 1  1 
2.030 2.070  ? ? ? ? 0.655 ? ? 1.403 44.900 ? ? ? 1850 ? ? ? ? 100.000 ? ? 2  1 
2.070 2.110  ? ? ? ? 0.535 ? ? 1.318 45.100 ? ? ? 1820 ? ? ? ? 100.000 ? ? 3  1 
2.110 2.150  ? ? ? ? 0.437 ? ? 1.360 44.900 ? ? ? 1863 ? ? ? ? 100.000 ? ? 4  1 
2.150 2.200  ? ? ? ? 0.382 ? ? 1.408 45.000 ? ? ? 1817 ? ? ? ? 100.000 ? ? 5  1 
2.200 2.250  ? ? ? ? 0.378 ? ? 1.608 45.100 ? ? ? 1848 ? ? ? ? 100.000 ? ? 6  1 
2.250 2.310  ? ? ? ? 0.326 ? ? 1.465 45.000 ? ? ? 1841 ? ? ? ? 100.000 ? ? 7  1 
2.310 2.370  ? ? ? ? 0.272 ? ? 1.552 45.000 ? ? ? 1844 ? ? ? ? 100.000 ? ? 8  1 
2.370 2.440  ? ? ? ? 0.256 ? ? 1.695 45.100 ? ? ? 1837 ? ? ? ? 100.000 ? ? 9  1 
2.440 2.520  ? ? ? ? 0.236 ? ? 1.904 45.000 ? ? ? 1833 ? ? ? ? 100.000 ? ? 10 1 
2.520 2.610  ? ? ? ? 0.222 ? ? 2.156 45.100 ? ? ? 1835 ? ? ? ? 100.000 ? ? 11 1 
2.610 2.710  ? ? ? ? 0.211 ? ? 2.536 44.800 ? ? ? 1852 ? ? ? ? 100.000 ? ? 12 1 
2.710 2.840  ? ? ? ? 0.181 ? ? 3.138 45.000 ? ? ? 1863 ? ? ? ? 100.000 ? ? 13 1 
2.840 2.990  ? ? ? ? 0.169 ? ? 3.869 44.800 ? ? ? 1833 ? ? ? ? 100.000 ? ? 14 1 
2.990 3.170  ? ? ? ? 0.147 ? ? 4.353 44.700 ? ? ? 1850 ? ? ? ? 100.000 ? ? 15 1 
3.170 3.420  ? ? ? ? 0.117 ? ? 4.552 44.300 ? ? ? 1863 ? ? ? ? 100.000 ? ? 16 1 
3.420 3.760  ? ? ? ? 0.096 ? ? 4.836 43.400 ? ? ? 1860 ? ? ? ? 100.000 ? ? 17 1 
3.760 4.310  ? ? ? ? 0.084 ? ? 5.247 44.700 ? ? ? 1872 ? ? ? ? 100.000 ? ? 18 1 
4.310 5.430  ? ? ? ? 0.079 ? ? 5.306 45.300 ? ? ? 1884 ? ? ? ? 100.000 ? ? 19 1 
5.430 50.000 ? ? ? ? 0.076 ? ? 5.349 43.400 ? ? ? 1947 ? ? ? ? 99.700  ? ? 20 1 
# 
_refine.entry_id                                 4H86 
_refine.ls_d_res_high                            2.0040 
_refine.ls_d_res_low                             35.1310 
_refine.pdbx_ls_sigma_F                          1.330 
_refine.pdbx_data_cutoff_high_absF               ? 
_refine.pdbx_data_cutoff_low_absF                ? 
_refine.ls_percent_reflns_obs                    99.8700 
_refine.ls_number_reflns_obs                     37007 
_refine.ls_number_reflns_all                     37055 
_refine.pdbx_ls_cross_valid_method               ? 
_refine.pdbx_R_Free_selection_details            RANDOM 
_refine.details                                  ? 
_refine.ls_R_factor_all                          0.1584 
_refine.ls_R_factor_obs                          0.1584 
_refine.ls_R_factor_R_work                       0.1576 
_refine.ls_wR_factor_R_work                      ? 
_refine.ls_R_factor_R_free                       0.1734 
_refine.ls_wR_factor_R_free                      ? 
_refine.ls_percent_reflns_R_free                 5.0300 
_refine.ls_number_reflns_R_free                  1863 
_refine.ls_R_factor_R_free_error                 ? 
_refine.B_iso_mean                               33.7781 
_refine.solvent_model_param_bsol                 ? 
_refine.solvent_model_param_ksol                 ? 
_refine.pdbx_isotropic_thermal_model             ? 
_refine.aniso_B[1][1]                            ? 
_refine.aniso_B[2][2]                            ? 
_refine.aniso_B[3][3]                            ? 
_refine.aniso_B[1][2]                            ? 
_refine.aniso_B[1][3]                            ? 
_refine.aniso_B[2][3]                            ? 
_refine.correlation_coeff_Fo_to_Fc               ? 
_refine.correlation_coeff_Fo_to_Fc_free          ? 
_refine.overall_SU_R_Cruickshank_DPI             ? 
_refine.overall_SU_R_free                        ? 
_refine.pdbx_overall_ESU_R                       ? 
_refine.pdbx_overall_ESU_R_Free                  ? 
_refine.overall_SU_ML                            0.1500 
_refine.overall_SU_B                             ? 
_refine.solvent_model_details                    'FLAT BULK SOLVENT MODEL' 
_refine.pdbx_solvent_vdw_probe_radii             1.1100 
_refine.pdbx_solvent_ion_probe_radii             ? 
_refine.pdbx_solvent_shrinkage_radii             0.9000 
_refine.ls_number_parameters                     ? 
_refine.ls_number_restraints                     ? 
_refine.pdbx_starting_model                      'PDB ENTRIES 1TP9, 3UMA, 1NM3 AND 2PWJ' 
_refine.pdbx_method_to_determine_struct          'MOLECULAR REPLACEMENT' 
_refine.pdbx_stereochemistry_target_values       ML 
_refine.pdbx_stereochem_target_val_spec_case     ? 
_refine.overall_FOM_work_R_set                   0.8890 
_refine.B_iso_max                                116.290 
_refine.B_iso_min                                15.740 
_refine.pdbx_overall_phase_error                 17.5500 
_refine.occupancy_max                            1.000 
_refine.occupancy_min                            0.030 
_refine.pdbx_ls_sigma_I                          ? 
_refine.ls_redundancy_reflns_obs                 ? 
_refine.ls_R_factor_R_free_error_details         ? 
_refine.pdbx_data_cutoff_high_rms_absF           ? 
_refine.overall_FOM_free_R_set                   ? 
_refine.pdbx_diffrn_id                           1 
_refine.pdbx_refine_id                           'X-RAY DIFFRACTION' 
_refine.pdbx_TLS_residual_ADP_flag               ? 
_refine.pdbx_overall_SU_R_free_Cruickshank_DPI   ? 
_refine.pdbx_overall_SU_R_Blow_DPI               ? 
_refine.pdbx_overall_SU_R_free_Blow_DPI          ? 
# 
_refine_hist.pdbx_refine_id                   'X-RAY DIFFRACTION' 
_refine_hist.cycle_id                         LAST 
_refine_hist.pdbx_number_atoms_protein        1422 
_refine_hist.pdbx_number_atoms_nucleic_acid   0 
_refine_hist.pdbx_number_atoms_ligand         0 
_refine_hist.number_atoms_solvent             246 
_refine_hist.number_atoms_total               1668 
_refine_hist.d_res_high                       2.0040 
_refine_hist.d_res_low                        35.1310 
# 
loop_
_refine_ls_restr.type 
_refine_ls_restr.number 
_refine_ls_restr.dev_ideal 
_refine_ls_restr.dev_ideal_target 
_refine_ls_restr.weight 
_refine_ls_restr.pdbx_restraint_function 
_refine_ls_restr.pdbx_refine_id 
f_bond_d           1484 0.006  ? ? ? 'X-RAY DIFFRACTION' 
f_angle_d          2024 0.907  ? ? ? 'X-RAY DIFFRACTION' 
f_chiral_restr     230  0.066  ? ? ? 'X-RAY DIFFRACTION' 
f_plane_restr      260  0.004  ? ? ? 'X-RAY DIFFRACTION' 
f_dihedral_angle_d 530  11.438 ? ? ? 'X-RAY DIFFRACTION' 
# 
loop_
_refine_ls_shell.d_res_high 
_refine_ls_shell.d_res_low 
_refine_ls_shell.pdbx_total_number_of_bins_used 
_refine_ls_shell.percent_reflns_obs 
_refine_ls_shell.number_reflns_R_work 
_refine_ls_shell.R_factor_all 
_refine_ls_shell.R_factor_R_work 
_refine_ls_shell.R_factor_R_free 
_refine_ls_shell.percent_reflns_R_free 
_refine_ls_shell.number_reflns_R_free 
_refine_ls_shell.R_factor_R_free_error 
_refine_ls_shell.number_reflns_all 
_refine_ls_shell.number_reflns_obs 
_refine_ls_shell.pdbx_refine_id 
_refine_ls_shell.redundancy_reflns_obs 
2.0036 2.0578  13 100.0000 2690 . 0.1862 0.2048 . 138 . 2828 . 'X-RAY DIFFRACTION' . 
2.0578 2.1183  13 100.0000 2686 . 0.1719 0.2169 . 145 . 2831 . 'X-RAY DIFFRACTION' . 
2.1183 2.1867  13 100.0000 2677 . 0.1630 0.1859 . 140 . 2817 . 'X-RAY DIFFRACTION' . 
2.1867 2.2648  13 100.0000 2707 . 0.1652 0.2005 . 143 . 2850 . 'X-RAY DIFFRACTION' . 
2.2648 2.3555  13 100.0000 2676 . 0.1759 0.1800 . 141 . 2817 . 'X-RAY DIFFRACTION' . 
2.3555 2.4626  13 100.0000 2666 . 0.1727 0.2006 . 145 . 2811 . 'X-RAY DIFFRACTION' . 
2.4626 2.5924  13 100.0000 2703 . 0.1726 0.2420 . 141 . 2844 . 'X-RAY DIFFRACTION' . 
2.5924 2.7548  13 100.0000 2685 . 0.1744 0.2067 . 143 . 2828 . 'X-RAY DIFFRACTION' . 
2.7548 2.9674  13 100.0000 2689 . 0.1655 0.1664 . 140 . 2829 . 'X-RAY DIFFRACTION' . 
2.9674 3.2658  13 100.0000 2710 . 0.1591 0.1722 . 148 . 2858 . 'X-RAY DIFFRACTION' . 
3.2658 3.7379  13 100.0000 2721 . 0.1388 0.1448 . 142 . 2863 . 'X-RAY DIFFRACTION' . 
3.7379 4.7076  13 100.0000 2715 . 0.1261 0.1390 . 147 . 2862 . 'X-RAY DIFFRACTION' . 
4.7076 35.1366 13 100.0000 2819 . 0.1714 0.1795 . 150 . 2969 . 'X-RAY DIFFRACTION' . 
# 
_struct.entry_id                  4H86 
_struct.title                     'Crystal structure of Ahp1 from Saccharomyces cerevisiae in reduced form' 
_struct.pdbx_model_details        ? 
_struct.pdbx_CASP_flag            ? 
_struct.pdbx_model_type_details   ? 
# 
_struct_keywords.entry_id        4H86 
_struct_keywords.pdbx_keywords   OXIDOREDUCTASE 
_struct_keywords.text            'Oxidoreductase, Peroxiredoxin type-2' 
# 
loop_
_struct_asym.id 
_struct_asym.pdbx_blank_PDB_chainid_flag 
_struct_asym.pdbx_modified 
_struct_asym.entity_id 
_struct_asym.details 
A N N 1 ? 
B N N 2 ? 
# 
_struct_biol.id        1 
_struct_biol.details   ? 
# 
loop_
_struct_conf.conf_type_id 
_struct_conf.id 
_struct_conf.pdbx_PDB_helix_id 
_struct_conf.beg_label_comp_id 
_struct_conf.beg_label_asym_id 
_struct_conf.beg_label_seq_id 
_struct_conf.pdbx_beg_PDB_ins_code 
_struct_conf.end_label_comp_id 
_struct_conf.end_label_asym_id 
_struct_conf.end_label_seq_id 
_struct_conf.pdbx_end_PDB_ins_code 
_struct_conf.beg_auth_comp_id 
_struct_conf.beg_auth_asym_id 
_struct_conf.beg_auth_seq_id 
_struct_conf.end_auth_comp_id 
_struct_conf.end_auth_asym_id 
_struct_conf.end_auth_seq_id 
_struct_conf.pdbx_PDB_helix_class 
_struct_conf.details 
_struct_conf.pdbx_PDB_helix_length 
HELX_P HELX_P1 1 SER A 51  ? LYS A 55  ? SER A 28  LYS A 32  5 ? 5  
HELX_P HELX_P2 2 TRP A 62  ? ASN A 69  ? TRP A 39  ASN A 46  1 ? 8  
HELX_P HELX_P3 3 SER A 82  ? SER A 88  ? SER A 59  SER A 65  1 ? 7  
HELX_P HELX_P4 4 HIS A 89  ? LYS A 104 ? HIS A 66  LYS A 81  1 ? 16 
HELX_P HELX_P5 5 ASN A 116 ? LEU A 127 ? ASN A 93  LEU A 104 1 ? 12 
HELX_P HELX_P6 6 CYS A 143 ? ILE A 149 ? CYS A 120 ILE A 126 1 ? 7  
HELX_P HELX_P7 7 SER A 191 ? ALA A 197 ? SER A 168 ALA A 174 1 ? 7  
# 
_struct_conf_type.id          HELX_P 
_struct_conf_type.criteria    ? 
_struct_conf_type.reference   ? 
# 
loop_
_struct_sheet.id 
_struct_sheet.type 
_struct_sheet.number_strands 
_struct_sheet.details 
A ? 2 ? 
B ? 5 ? 
C ? 2 ? 
# 
loop_
_struct_sheet_order.sheet_id 
_struct_sheet_order.range_id_1 
_struct_sheet_order.range_id_2 
_struct_sheet_order.offset 
_struct_sheet_order.sense 
A 1 2 ? anti-parallel 
B 1 2 ? parallel      
B 2 3 ? parallel      
B 3 4 ? anti-parallel 
B 4 5 ? anti-parallel 
C 1 2 ? anti-parallel 
# 
loop_
_struct_sheet_range.sheet_id 
_struct_sheet_range.id 
_struct_sheet_range.beg_label_comp_id 
_struct_sheet_range.beg_label_asym_id 
_struct_sheet_range.beg_label_seq_id 
_struct_sheet_range.pdbx_beg_PDB_ins_code 
_struct_sheet_range.end_label_comp_id 
_struct_sheet_range.end_label_asym_id 
_struct_sheet_range.end_label_seq_id 
_struct_sheet_range.pdbx_end_PDB_ins_code 
_struct_sheet_range.beg_auth_comp_id 
_struct_sheet_range.beg_auth_asym_id 
_struct_sheet_range.beg_auth_seq_id 
_struct_sheet_range.end_auth_comp_id 
_struct_sheet_range.end_auth_asym_id 
_struct_sheet_range.end_auth_seq_id 
A 1 LYS A 38  ? TYR A 41  ? LYS A 15  TYR A 18  
A 2 GLN A 58  ? GLU A 61  ? GLN A 35  GLU A 38  
B 1 ILE A 135 ? SER A 139 ? ILE A 112 SER A 116 
B 2 GLN A 108 ? THR A 113 ? GLN A 85  THR A 90  
B 3 LYS A 71  ? GLY A 76  ? LYS A 48  GLY A 53  
B 4 TRP A 165 ? GLU A 170 ? TRP A 142 GLU A 147 
B 5 ILE A 173 ? LYS A 179 ? ILE A 150 LYS A 156 
C 1 GLU A 152 ? GLY A 156 ? GLU A 129 GLY A 133 
C 2 VAL A 159 ? SER A 162 ? VAL A 136 SER A 139 
# 
loop_
_pdbx_struct_sheet_hbond.sheet_id 
_pdbx_struct_sheet_hbond.range_id_1 
_pdbx_struct_sheet_hbond.range_id_2 
_pdbx_struct_sheet_hbond.range_1_label_atom_id 
_pdbx_struct_sheet_hbond.range_1_label_comp_id 
_pdbx_struct_sheet_hbond.range_1_label_asym_id 
_pdbx_struct_sheet_hbond.range_1_label_seq_id 
_pdbx_struct_sheet_hbond.range_1_PDB_ins_code 
_pdbx_struct_sheet_hbond.range_1_auth_atom_id 
_pdbx_struct_sheet_hbond.range_1_auth_comp_id 
_pdbx_struct_sheet_hbond.range_1_auth_asym_id 
_pdbx_struct_sheet_hbond.range_1_auth_seq_id 
_pdbx_struct_sheet_hbond.range_2_label_atom_id 
_pdbx_struct_sheet_hbond.range_2_label_comp_id 
_pdbx_struct_sheet_hbond.range_2_label_asym_id 
_pdbx_struct_sheet_hbond.range_2_label_seq_id 
_pdbx_struct_sheet_hbond.range_2_PDB_ins_code 
_pdbx_struct_sheet_hbond.range_2_auth_atom_id 
_pdbx_struct_sheet_hbond.range_2_auth_comp_id 
_pdbx_struct_sheet_hbond.range_2_auth_asym_id 
_pdbx_struct_sheet_hbond.range_2_auth_seq_id 
A 1 2 N PHE A 39  ? N PHE A 16  O VAL A 60  ? O VAL A 37  
B 1 2 O LYS A 136 ? O LYS A 113 N VAL A 111 ? N VAL A 88  
B 2 3 O ILE A 110 ? O ILE A 87  N ILE A 73  ? N ILE A 50  
B 3 4 N VAL A 72  ? N VAL A 49  O VAL A 169 ? O VAL A 146 
B 4 5 N GLU A 170 ? N GLU A 147 O ILE A 173 ? O ILE A 150 
C 1 2 N LEU A 153 ? N LEU A 130 O TRP A 161 ? O TRP A 138 
# 
_atom_sites.entry_id                    4H86 
_atom_sites.fract_transf_matrix[1][1]   0.00663334 
_atom_sites.fract_transf_matrix[1][2]   0.00099321 
_atom_sites.fract_transf_matrix[1][3]   -0.00015189 
_atom_sites.fract_transf_matrix[2][1]   -0.00094677 
_atom_sites.fract_transf_matrix[2][2]   0.00583907 
_atom_sites.fract_transf_matrix[2][3]   -0.00316537 
_atom_sites.fract_transf_matrix[3][1]   -0.00033641 
_atom_sites.fract_transf_matrix[3][2]   0.00315110 
_atom_sites.fract_transf_matrix[3][3]   0.00591338 
_atom_sites.fract_transf_vector[1]      0.670918 
_atom_sites.fract_transf_vector[2]      0.507506 
_atom_sites.fract_transf_vector[3]      0.648765 
# 
loop_
_atom_type.symbol 
C 
N 
O 
S 
# 
loop_
_atom_site.group_PDB 
_atom_site.id 
_atom_site.type_symbol 
_atom_site.label_atom_id 
_atom_site.label_alt_id 
_atom_site.label_comp_id 
_atom_site.label_asym_id 
_atom_site.label_entity_id 
_atom_site.label_seq_id 
_atom_site.pdbx_PDB_ins_code 
_atom_site.Cartn_x 
_atom_site.Cartn_y 
_atom_site.Cartn_z 
_atom_site.occupancy 
_atom_site.B_iso_or_equiv 
_atom_site.pdbx_formal_charge 
_atom_site.auth_seq_id 
_atom_site.auth_comp_id 
_atom_site.auth_asym_id 
_atom_site.auth_atom_id 
_atom_site.pdbx_PDB_model_num 
ATOM   1    N N   . GLY A 1 13  ? 4.558   26.272  -22.189 1.00 69.16  ? -10 GLY A N   1 
ATOM   2    C CA  . GLY A 1 13  ? 5.238   24.990  -22.207 1.00 61.75  ? -10 GLY A CA  1 
ATOM   3    C C   . GLY A 1 13  ? 4.415   23.876  -21.588 1.00 56.59  ? -10 GLY A C   1 
ATOM   4    O O   . GLY A 1 13  ? 3.262   24.081  -21.195 1.00 49.66  ? -10 GLY A O   1 
ATOM   5    N N   . LEU A 1 14  ? 5.010   22.692  -21.494 1.00 53.24  ? -9  LEU A N   1 
ATOM   6    C CA  . LEU A 1 14  ? 4.313   21.524  -20.965 1.00 49.01  ? -9  LEU A CA  1 
ATOM   7    C C   . LEU A 1 14  ? 4.000   21.673  -19.476 1.00 39.89  ? -9  LEU A C   1 
ATOM   8    O O   . LEU A 1 14  ? 2.889   21.387  -19.036 1.00 45.77  ? -9  LEU A O   1 
ATOM   9    C CB  . LEU A 1 14  ? 5.133   20.252  -21.212 1.00 42.10  ? -9  LEU A CB  1 
ATOM   10   C CG  . LEU A 1 14  ? 4.439   18.931  -20.877 1.00 38.83  ? -9  LEU A CG  1 
ATOM   11   C CD1 . LEU A 1 14  ? 3.128   18.800  -21.641 1.00 34.36  ? -9  LEU A CD1 1 
ATOM   12   C CD2 . LEU A 1 14  ? 5.355   17.755  -21.178 1.00 41.88  ? -9  LEU A CD2 1 
ATOM   13   N N   . VAL A 1 15  ? 4.980   22.135  -18.706 1.00 42.40  ? -8  VAL A N   1 
ATOM   14   C CA  . VAL A 1 15  ? 4.808   22.275  -17.262 1.00 49.72  ? -8  VAL A CA  1 
ATOM   15   C C   . VAL A 1 15  ? 4.967   23.726  -16.819 1.00 53.67  ? -8  VAL A C   1 
ATOM   16   O O   . VAL A 1 15  ? 6.085   24.234  -16.742 1.00 50.74  ? -8  VAL A O   1 
ATOM   17   C CB  . VAL A 1 15  ? 5.818   21.412  -16.492 1.00 58.51  ? -8  VAL A CB  1 
ATOM   18   C CG1 . VAL A 1 15  ? 5.495   21.422  -15.012 1.00 54.85  ? -8  VAL A CG1 1 
ATOM   19   C CG2 . VAL A 1 15  ? 5.808   19.997  -17.026 1.00 60.49  ? -8  VAL A CG2 1 
ATOM   20   N N   . PRO A 1 16  ? 3.845   24.391  -16.515 1.00 67.48  ? -7  PRO A N   1 
ATOM   21   C CA  . PRO A 1 16  ? 3.842   25.805  -16.125 1.00 73.74  ? -7  PRO A CA  1 
ATOM   22   C C   . PRO A 1 16  ? 4.316   26.042  -14.692 1.00 79.93  ? -7  PRO A C   1 
ATOM   23   O O   . PRO A 1 16  ? 5.072   25.237  -14.140 1.00 61.74  ? -7  PRO A O   1 
ATOM   24   C CB  . PRO A 1 16  ? 2.370   26.195  -16.260 1.00 73.86  ? -7  PRO A CB  1 
ATOM   25   C CG  . PRO A 1 16  ? 1.631   24.931  -15.995 1.00 78.36  ? -7  PRO A CG  1 
ATOM   26   C CD  . PRO A 1 16  ? 2.482   23.831  -16.574 1.00 67.28  ? -7  PRO A CD  1 
ATOM   27   N N   . ARG A 1 17  ? 3.853   27.147  -14.111 1.00 98.73  ? -6  ARG A N   1 
ATOM   28   C CA  . ARG A 1 17  ? 4.258   27.600  -12.780 1.00 90.32  ? -6  ARG A CA  1 
ATOM   29   C C   . ARG A 1 17  ? 4.126   26.542  -11.686 1.00 80.15  ? -6  ARG A C   1 
ATOM   30   O O   . ARG A 1 17  ? 3.024   26.076  -11.385 1.00 93.97  ? -6  ARG A O   1 
ATOM   31   C CB  . ARG A 1 17  ? 3.457   28.851  -12.389 1.00 102.16 ? -6  ARG A CB  1 
ATOM   32   C CG  . ARG A 1 17  ? 3.447   29.154  -10.895 1.00 102.73 ? -6  ARG A CG  1 
ATOM   33   C CD  . ARG A 1 17  ? 2.518   30.315  -10.561 1.00 95.49  ? -6  ARG A CD  1 
ATOM   34   N NE  . ARG A 1 17  ? 1.223   30.202  -11.228 1.00 116.29 ? -6  ARG A NE  1 
ATOM   35   C CZ  . ARG A 1 17  ? 0.219   29.439  -10.802 1.00 114.92 ? -6  ARG A CZ  1 
ATOM   36   N NH1 . ARG A 1 17  ? -0.922  29.405  -11.478 1.00 92.54  ? -6  ARG A NH1 1 
ATOM   37   N NH2 . ARG A 1 17  ? 0.357   28.706  -9.705  1.00 107.94 ? -6  ARG A NH2 1 
ATOM   38   N N   . GLY A 1 18  ? 5.264   26.165  -11.107 1.00 77.53  ? -5  GLY A N   1 
ATOM   39   C CA  . GLY A 1 18  ? 5.308   25.294  -9.944  1.00 80.83  ? -5  GLY A CA  1 
ATOM   40   C C   . GLY A 1 18  ? 4.561   23.973  -10.037 1.00 88.40  ? -5  GLY A C   1 
ATOM   41   O O   . GLY A 1 18  ? 4.269   23.350  -9.015  1.00 82.45  ? -5  GLY A O   1 
ATOM   42   N N   . SER A 1 19  ? 4.249   23.543  -11.255 1.00 78.11  ? -4  SER A N   1 
ATOM   43   C CA  . SER A 1 19  ? 3.566   22.271  -11.455 1.00 74.87  ? -4  SER A CA  1 
ATOM   44   C C   . SER A 1 19  ? 4.577   21.135  -11.576 1.00 58.80  ? -4  SER A C   1 
ATOM   45   O O   . SER A 1 19  ? 5.746   21.359  -11.894 1.00 53.01  ? -4  SER A O   1 
ATOM   46   C CB  . SER A 1 19  ? 2.671   22.321  -12.696 1.00 63.64  ? -4  SER A CB  1 
ATOM   47   O OG  . SER A 1 19  ? 1.606   23.239  -12.522 1.00 81.33  ? -4  SER A OG  1 
ATOM   48   N N   . HIS A 1 20  ? 4.128   19.916  -11.301 1.00 54.54  ? -3  HIS A N   1 
ATOM   49   C CA  . HIS A 1 20  ? 4.997   18.754  -11.408 1.00 40.08  ? -3  HIS A CA  1 
ATOM   50   C C   . HIS A 1 20  ? 4.243   17.581  -11.996 1.00 40.86  ? -3  HIS A C   1 
ATOM   51   O O   . HIS A 1 20  ? 3.024   17.467  -11.850 1.00 43.87  ? -3  HIS A O   1 
ATOM   52   C CB  . HIS A 1 20  ? 5.586   18.374  -10.049 1.00 43.96  ? -3  HIS A CB  1 
ATOM   53   C CG  . HIS A 1 20  ? 6.496   19.416  -9.476  1.00 59.34  ? -3  HIS A CG  1 
ATOM   54   N ND1 . HIS A 1 20  ? 6.026   20.550  -8.851  1.00 61.74  ? -3  HIS A ND1 1 
ATOM   55   C CD2 . HIS A 1 20  ? 7.847   19.495  -9.438  1.00 54.90  ? -3  HIS A CD2 1 
ATOM   56   C CE1 . HIS A 1 20  ? 7.050   21.286  -8.453  1.00 60.10  ? -3  HIS A CE1 1 
ATOM   57   N NE2 . HIS A 1 20  ? 8.165   20.668  -8.796  1.00 73.38  ? -3  HIS A NE2 1 
ATOM   58   N N   . MET A 1 21  ? 4.977   16.705  -12.665 1.00 33.41  ? -2  MET A N   1 
ATOM   59   C CA  . MET A 1 21  ? 4.367   15.543  -13.274 1.00 33.83  ? -2  MET A CA  1 
ATOM   60   C C   . MET A 1 21  ? 4.821   14.303  -12.532 1.00 34.01  ? -2  MET A C   1 
ATOM   61   O O   . MET A 1 21  ? 6.003   14.153  -12.220 1.00 31.44  ? -2  MET A O   1 
ATOM   62   C CB  . MET A 1 21  ? 4.764   15.461  -14.749 1.00 28.72  ? -2  MET A CB  1 
ATOM   63   C CG  . MET A 1 21  ? 4.387   16.701  -15.535 1.00 40.51  ? -2  MET A CG  1 
ATOM   64   S SD  . MET A 1 21  ? 5.006   16.647  -17.225 1.00 49.60  ? -2  MET A SD  1 
ATOM   65   C CE  . MET A 1 21  ? 4.472   15.052  -17.709 1.00 36.45  ? -2  MET A CE  1 
ATOM   66   N N   . ALA A 1 22  ? 3.873   13.421  -12.239 1.00 30.64  ? -1  ALA A N   1 
ATOM   67   C CA  . ALA A 1 22  ? 4.191   12.138  -11.636 1.00 32.42  ? -1  ALA A CA  1 
ATOM   68   C C   . ALA A 1 22  ? 4.679   11.183  -12.719 1.00 33.18  ? -1  ALA A C   1 
ATOM   69   O O   . ALA A 1 22  ? 3.972   10.912  -13.689 1.00 34.28  ? -1  ALA A O   1 
ATOM   70   C CB  . ALA A 1 22  ? 2.973   11.564  -10.933 1.00 27.37  ? -1  ALA A CB  1 
ATOM   71   N N   . SER A 1 23  ? 5.883   10.660  -12.538 1.00 28.71  ? 0   SER A N   1 
ATOM   72   C CA  . SER A 1 23  ? 6.486   9.787   -13.533 1.00 27.33  ? 0   SER A CA  1 
ATOM   73   C C   . SER A 1 23  ? 6.581   8.355   -13.026 1.00 33.06  ? 0   SER A C   1 
ATOM   74   O O   . SER A 1 23  ? 6.382   8.089   -11.840 1.00 28.15  ? 0   SER A O   1 
ATOM   75   C CB  . SER A 1 23  ? 7.882   10.297  -13.879 1.00 32.87  ? 0   SER A CB  1 
ATOM   76   O OG  . SER A 1 23  ? 8.680   10.345  -12.711 1.00 36.96  ? 0   SER A OG  1 
ATOM   77   N N   . MET A 1 24  ? 6.874   7.430   -13.932 1.00 24.85  ? 1   MET A N   1 
ATOM   78   C CA  . MET A 1 24  ? 7.113   6.050   -13.536 1.00 25.63  ? 1   MET A CA  1 
ATOM   79   C C   . MET A 1 24  ? 8.461   5.958   -12.838 1.00 33.68  ? 1   MET A C   1 
ATOM   80   O O   . MET A 1 24  ? 9.431   6.579   -13.269 1.00 29.75  ? 1   MET A O   1 
ATOM   81   C CB  . MET A 1 24  ? 7.101   5.120   -14.749 1.00 28.86  ? 1   MET A CB  1 
ATOM   82   C CG  . MET A 1 24  ? 6.961   3.645   -14.380 1.00 27.60  ? 1   MET A CG  1 
ATOM   83   S SD  . MET A 1 24  ? 5.276   3.219   -13.858 1.00 27.34  ? 1   MET A SD  1 
ATOM   84   C CE  . MET A 1 24  ? 4.501   3.006   -15.466 1.00 24.73  ? 1   MET A CE  1 
ATOM   85   N N   . SER A 1 25  ? 8.523   5.185   -11.759 1.00 26.75  ? 2   SER A N   1 
ATOM   86   C CA  . SER A 1 25  ? 9.778   4.988   -11.046 1.00 27.25  ? 2   SER A CA  1 
ATOM   87   C C   . SER A 1 25  ? 10.712  4.060   -11.818 1.00 25.83  ? 2   SER A C   1 
ATOM   88   O O   . SER A 1 25  ? 10.263  3.141   -12.505 1.00 24.04  ? 2   SER A O   1 
ATOM   89   C CB  . SER A 1 25  ? 9.518   4.386   -9.662  1.00 29.07  ? 2   SER A CB  1 
ATOM   90   O OG  . SER A 1 25  ? 10.727  3.923   -9.086  1.00 27.38  ? 2   SER A OG  1 
ATOM   91   N N   . ASP A 1 26  ? 12.012  4.282   -11.660 1.00 28.16  ? 3   ASP A N   1 
ATOM   92   C CA  . ASP A 1 26  ? 13.030  3.436   -12.280 1.00 35.51  ? 3   ASP A CA  1 
ATOM   93   C C   . ASP A 1 26  ? 13.007  1.999   -11.741 1.00 44.07  ? 3   ASP A C   1 
ATOM   94   O O   . ASP A 1 26  ? 13.640  1.104   -12.307 1.00 33.93  ? 3   ASP A O   1 
ATOM   95   C CB  . ASP A 1 26  ? 14.413  4.069   -12.092 1.00 34.92  ? 3   ASP A CB  1 
ATOM   96   C CG  . ASP A 1 26  ? 15.518  3.295   -12.792 1.00 58.43  ? 3   ASP A CG  1 
ATOM   97   O OD1 . ASP A 1 26  ? 15.595  3.359   -14.037 1.00 47.13  ? 3   ASP A OD1 1 
ATOM   98   O OD2 . ASP A 1 26  ? 16.316  2.633   -12.093 1.00 59.81  ? 3   ASP A OD2 1 
ATOM   99   N N   . LEU A 1 27  ? 12.261  1.777   -10.660 1.00 30.53  ? 4   LEU A N   1 
ATOM   100  C CA  . LEU A 1 27  ? 12.114  0.439   -10.078 1.00 27.15  ? 4   LEU A CA  1 
ATOM   101  C C   . LEU A 1 27  ? 11.495  -0.553  -11.051 1.00 30.32  ? 4   LEU A C   1 
ATOM   102  O O   . LEU A 1 27  ? 11.668  -1.768  -10.917 1.00 30.73  ? 4   LEU A O   1 
ATOM   103  C CB  . LEU A 1 27  ? 11.243  0.497   -8.817  1.00 32.97  ? 4   LEU A CB  1 
ATOM   104  C CG  . LEU A 1 27  ? 11.833  1.176   -7.581  1.00 63.88  ? 4   LEU A CG  1 
ATOM   105  C CD1 . LEU A 1 27  ? 10.735  1.557   -6.594  1.00 51.68  ? 4   LEU A CD1 1 
ATOM   106  C CD2 . LEU A 1 27  ? 12.848  0.261   -6.924  1.00 60.94  ? 4   LEU A CD2 1 
ATOM   107  N N   . VAL A 1 28  ? 10.753  -0.036  -12.025 1.00 25.49  ? 5   VAL A N   1 
ATOM   108  C CA  . VAL A 1 28  ? 10.036  -0.894  -12.955 1.00 26.15  ? 5   VAL A CA  1 
ATOM   109  C C   . VAL A 1 28  ? 11.006  -1.755  -13.769 1.00 32.35  ? 5   VAL A C   1 
ATOM   110  O O   . VAL A 1 28  ? 12.073  -1.286  -14.161 1.00 30.20  ? 5   VAL A O   1 
ATOM   111  C CB  . VAL A 1 28  ? 9.093   -0.074  -13.865 1.00 26.80  ? 5   VAL A CB  1 
ATOM   112  C CG1 . VAL A 1 28  ? 8.600   -0.904  -15.042 1.00 33.52  ? 5   VAL A CG1 1 
ATOM   113  C CG2 . VAL A 1 28  ? 7.913   0.447   -13.048 1.00 26.70  ? 5   VAL A CG2 1 
ATOM   114  N N   . ASN A 1 29  ? 10.622  -3.017  -13.968 1.00 26.86  ? 6   ASN A N   1 
ATOM   115  C CA  . ASN A 1 29  ? 11.408  -4.025  -14.689 1.00 37.54  ? 6   ASN A CA  1 
ATOM   116  C C   . ASN A 1 29  ? 12.588  -4.592  -13.898 1.00 42.13  ? 6   ASN A C   1 
ATOM   117  O O   . ASN A 1 29  ? 13.362  -5.392  -14.418 1.00 42.94  ? 6   ASN A O   1 
ATOM   118  C CB  . ASN A 1 29  ? 11.844  -3.524  -16.079 1.00 36.64  ? 6   ASN A CB  1 
ATOM   119  C CG  . ASN A 1 29  ? 10.664  -3.241  -16.987 1.00 50.75  ? 6   ASN A CG  1 
ATOM   120  O OD1 . ASN A 1 29  ? 10.524  -2.142  -17.525 1.00 71.15  ? 6   ASN A OD1 1 
ATOM   121  N ND2 . ASN A 1 29  ? 9.798   -4.231  -17.154 1.00 62.26  ? 6   ASN A ND2 1 
ATOM   122  N N   . LYS A 1 30  ? 12.711  -4.185  -12.638 1.00 33.36  ? 7   LYS A N   1 
ATOM   123  C CA  . LYS A 1 30  ? 13.732  -4.738  -11.752 1.00 29.98  ? 7   LYS A CA  1 
ATOM   124  C C   . LYS A 1 30  ? 13.091  -5.634  -10.700 1.00 39.93  ? 7   LYS A C   1 
ATOM   125  O O   . LYS A 1 30  ? 11.885  -5.558  -10.464 1.00 30.59  ? 7   LYS A O   1 
ATOM   126  C CB  . LYS A 1 30  ? 14.519  -3.622  -11.075 1.00 32.71  ? 7   LYS A CB  1 
ATOM   127  C CG  . LYS A 1 30  ? 15.235  -2.697  -12.047 1.00 36.67  ? 7   LYS A CG  1 
ATOM   128  C CD  . LYS A 1 30  ? 15.973  -1.598  -11.308 1.00 39.62  ? 7   LYS A CD  1 
ATOM   129  C CE  . LYS A 1 30  ? 16.727  -0.700  -12.278 1.00 45.61  ? 7   LYS A CE  1 
ATOM   130  N NZ  . LYS A 1 30  ? 15.861  -0.276  -13.417 1.00 48.90  ? 7   LYS A NZ  1 
ATOM   131  N N   . LYS A 1 31  ? 13.897  -6.486  -10.074 1.00 33.79  ? 8   LYS A N   1 
ATOM   132  C CA  . LYS A 1 31  ? 13.416  -7.325  -8.987  1.00 32.75  ? 8   LYS A CA  1 
ATOM   133  C C   . LYS A 1 31  ? 12.931  -6.458  -7.829  1.00 28.01  ? 8   LYS A C   1 
ATOM   134  O O   . LYS A 1 31  ? 13.536  -5.429  -7.512  1.00 28.80  ? 8   LYS A O   1 
ATOM   135  C CB  . LYS A 1 31  ? 14.522  -8.261  -8.488  1.00 36.43  ? 8   LYS A CB  1 
ATOM   136  C CG  . LYS A 1 31  ? 14.916  -9.356  -9.460  1.00 51.25  ? 8   LYS A CG  1 
ATOM   137  C CD  . LYS A 1 31  ? 16.088  -10.168 -8.919  1.00 56.48  ? 8   LYS A CD  1 
ATOM   138  C CE  . LYS A 1 31  ? 16.502  -11.261 -9.894  1.00 73.63  ? 8   LYS A CE  1 
ATOM   139  N NZ  . LYS A 1 31  ? 17.726  -11.981 -9.443  1.00 84.56  ? 8   LYS A NZ  1 
ATOM   140  N N   . PHE A 1 32  ? 11.834  -6.878  -7.211  1.00 31.38  ? 9   PHE A N   1 
ATOM   141  C CA  . PHE A 1 32  ? 11.342  -6.230  -5.998  1.00 27.45  ? 9   PHE A CA  1 
ATOM   142  C C   . PHE A 1 32  ? 12.434  -6.252  -4.934  1.00 33.03  ? 9   PHE A C   1 
ATOM   143  O O   . PHE A 1 32  ? 12.909  -7.324  -4.562  1.00 36.34  ? 9   PHE A O   1 
ATOM   144  C CB  . PHE A 1 32  ? 10.103  -6.972  -5.490  1.00 29.82  ? 9   PHE A CB  1 
ATOM   145  C CG  . PHE A 1 32  ? 9.489   -6.362  -4.259  1.00 36.28  ? 9   PHE A CG  1 
ATOM   146  C CD1 . PHE A 1 32  ? 8.656   -5.259  -4.362  1.00 29.72  ? 9   PHE A CD1 1 
ATOM   147  C CD2 . PHE A 1 32  ? 9.736   -6.900  -3.004  1.00 36.32  ? 9   PHE A CD2 1 
ATOM   148  C CE1 . PHE A 1 32  ? 8.079   -4.694  -3.233  1.00 32.38  ? 9   PHE A CE1 1 
ATOM   149  C CE2 . PHE A 1 32  ? 9.163   -6.343  -1.869  1.00 33.54  ? 9   PHE A CE2 1 
ATOM   150  C CZ  . PHE A 1 32  ? 8.334   -5.239  -1.984  1.00 29.81  ? 9   PHE A CZ  1 
ATOM   151  N N   . PRO A 1 33  ? 12.841  -5.070  -4.443  1.00 28.38  ? 10  PRO A N   1 
ATOM   152  C CA  . PRO A 1 33  ? 13.960  -4.976  -3.502  1.00 30.31  ? 10  PRO A CA  1 
ATOM   153  C C   . PRO A 1 33  ? 13.501  -5.170  -2.059  1.00 25.88  ? 10  PRO A C   1 
ATOM   154  O O   . PRO A 1 33  ? 13.483  -4.217  -1.273  1.00 33.99  ? 10  PRO A O   1 
ATOM   155  C CB  . PRO A 1 33  ? 14.459  -3.550  -3.715  1.00 31.23  ? 10  PRO A CB  1 
ATOM   156  C CG  . PRO A 1 33  ? 13.203  -2.784  -4.049  1.00 29.52  ? 10  PRO A CG  1 
ATOM   157  C CD  . PRO A 1 33  ? 12.306  -3.742  -4.801  1.00 30.76  ? 10  PRO A CD  1 
ATOM   158  N N   . ALA A 1 34  ? 13.137  -6.401  -1.720  1.00 32.21  ? 11  ALA A N   1 
ATOM   159  C CA  . ALA A 1 34  ? 12.604  -6.703  -0.395  1.00 39.83  ? 11  ALA A CA  1 
ATOM   160  C C   . ALA A 1 34  ? 13.654  -6.574  0.706   1.00 38.15  ? 11  ALA A C   1 
ATOM   161  O O   . ALA A 1 34  ? 13.334  -6.182  1.827   1.00 32.50  ? 11  ALA A O   1 
ATOM   162  C CB  . ALA A 1 34  ? 11.992  -8.092  -0.381  1.00 29.77  ? 11  ALA A CB  1 
ATOM   163  N N   . GLY A 1 35  ? 14.904  -6.897  0.380   1.00 37.45  ? 12  GLY A N   1 
ATOM   164  C CA  . GLY A 1 35  ? 15.969  -6.938  1.370   1.00 35.03  ? 12  GLY A CA  1 
ATOM   165  C C   . GLY A 1 35  ? 15.554  -7.772  2.572   1.00 26.25  ? 12  GLY A C   1 
ATOM   166  O O   . GLY A 1 35  ? 14.944  -8.834  2.421   1.00 32.40  ? 12  GLY A O   1 
ATOM   167  N N   . ASP A 1 36  ? 15.853  -7.275  3.766   1.00 29.91  ? 13  ASP A N   1 
ATOM   168  C CA  . ASP A 1 36  ? 15.399  -7.921  4.991   1.00 36.06  ? 13  ASP A CA  1 
ATOM   169  C C   . ASP A 1 36  ? 14.265  -7.142  5.659   1.00 40.52  ? 13  ASP A C   1 
ATOM   170  O O   . ASP A 1 36  ? 14.003  -7.323  6.848   1.00 31.44  ? 13  ASP A O   1 
ATOM   171  C CB  . ASP A 1 36  ? 16.562  -8.087  5.970   1.00 39.14  ? 13  ASP A CB  1 
ATOM   172  C CG  . ASP A 1 36  ? 17.628  -9.035  5.448   1.00 57.91  ? 13  ASP A CG  1 
ATOM   173  O OD1 . ASP A 1 36  ? 17.261  -10.057 4.827   1.00 49.77  ? 13  ASP A OD1 1 
ATOM   174  O OD2 . ASP A 1 36  ? 18.827  -8.753  5.650   1.00 66.63  ? 13  ASP A OD2 1 
ATOM   175  N N   . TYR A 1 37  ? 13.589  -6.285  4.898   1.00 35.06  ? 14  TYR A N   1 
ATOM   176  C CA  . TYR A 1 37  ? 12.507  -5.467  5.459   1.00 29.20  ? 14  TYR A CA  1 
ATOM   177  C C   . TYR A 1 37  ? 11.283  -6.299  5.833   1.00 20.68  ? 14  TYR A C   1 
ATOM   178  O O   . TYR A 1 37  ? 10.968  -7.295  5.182   1.00 27.55  ? 14  TYR A O   1 
ATOM   179  C CB  . TYR A 1 37  ? 12.129  -4.321  4.506   1.00 25.66  ? 14  TYR A CB  1 
ATOM   180  C CG  . TYR A 1 37  ? 13.238  -3.313  4.350   1.00 28.29  ? 14  TYR A CG  1 
ATOM   181  C CD1 . TYR A 1 37  ? 13.510  -2.398  5.356   1.00 29.27  ? 14  TYR A CD1 1 
ATOM   182  C CD2 . TYR A 1 37  ? 14.031  -3.288  3.205   1.00 31.34  ? 14  TYR A CD2 1 
ATOM   183  C CE1 . TYR A 1 37  ? 14.537  -1.481  5.230   1.00 32.57  ? 14  TYR A CE1 1 
ATOM   184  C CE2 . TYR A 1 37  ? 15.059  -2.370  3.068   1.00 31.07  ? 14  TYR A CE2 1 
ATOM   185  C CZ  . TYR A 1 37  ? 15.309  -1.475  4.085   1.00 29.41  ? 14  TYR A CZ  1 
ATOM   186  O OH  . TYR A 1 37  ? 16.328  -0.562  3.970   1.00 35.21  ? 14  TYR A OH  1 
ATOM   187  N N   . LYS A 1 38  ? 10.595  -5.872  6.892   1.00 25.69  ? 15  LYS A N   1 
ATOM   188  C CA  . LYS A 1 38  ? 9.432   -6.582  7.403   1.00 27.02  ? 15  LYS A CA  1 
ATOM   189  C C   . LYS A 1 38  ? 8.311   -5.597  7.685   1.00 22.02  ? 15  LYS A C   1 
ATOM   190  O O   . LYS A 1 38  ? 8.565   -4.432  7.983   1.00 25.67  ? 15  LYS A O   1 
ATOM   191  C CB  . LYS A 1 38  ? 9.778   -7.310  8.711   1.00 29.63  ? 15  LYS A CB  1 
ATOM   192  C CG  . LYS A 1 38  ? 10.906  -8.329  8.587   1.00 37.83  ? 15  LYS A CG  1 
ATOM   193  C CD  . LYS A 1 38  ? 11.277  -8.918  9.942   1.00 36.29  ? 15  LYS A CD  1 
ATOM   194  C CE  . LYS A 1 38  ? 12.452  -9.882  9.815   1.00 53.52  ? 15  LYS A CE  1 
ATOM   195  N NZ  . LYS A 1 38  ? 12.740  -10.573 11.102  1.00 58.01  ? 15  LYS A NZ  1 
ATOM   196  N N   . PHE A 1 39  ? 7.073   -6.071  7.602   1.00 24.49  ? 16  PHE A N   1 
ATOM   197  C CA  . PHE A 1 39  ? 5.943   -5.263  8.032   1.00 27.37  ? 16  PHE A CA  1 
ATOM   198  C C   . PHE A 1 39  ? 5.096   -5.994  9.068   1.00 24.89  ? 16  PHE A C   1 
ATOM   199  O O   . PHE A 1 39  ? 5.189   -7.213  9.207   1.00 28.12  ? 16  PHE A O   1 
ATOM   200  C CB  . PHE A 1 39  ? 5.097   -4.797  6.834   1.00 21.85  ? 16  PHE A CB  1 
ATOM   201  C CG  . PHE A 1 39  ? 4.348   -5.896  6.119   1.00 21.94  ? 16  PHE A CG  1 
ATOM   202  C CD1 . PHE A 1 39  ? 3.098   -6.311  6.562   1.00 22.99  ? 16  PHE A CD1 1 
ATOM   203  C CD2 . PHE A 1 39  ? 4.868   -6.475  4.970   1.00 27.09  ? 16  PHE A CD2 1 
ATOM   204  C CE1 . PHE A 1 39  ? 2.388   -7.290  5.883   1.00 24.27  ? 16  PHE A CE1 1 
ATOM   205  C CE2 . PHE A 1 39  ? 4.171   -7.461  4.289   1.00 26.38  ? 16  PHE A CE2 1 
ATOM   206  C CZ  . PHE A 1 39  ? 2.926   -7.868  4.742   1.00 28.06  ? 16  PHE A CZ  1 
ATOM   207  N N   . GLN A 1 40  ? 4.284   -5.242  9.797   1.00 22.68  ? 17  GLN A N   1 
ATOM   208  C CA  . GLN A 1 40  ? 3.318   -5.835  10.715  1.00 24.53  ? 17  GLN A CA  1 
ATOM   209  C C   . GLN A 1 40  ? 1.900   -5.537  10.266  1.00 30.02  ? 17  GLN A C   1 
ATOM   210  O O   . GLN A 1 40  ? 1.623   -4.468  9.718   1.00 23.03  ? 17  GLN A O   1 
ATOM   211  C CB  . GLN A 1 40  ? 3.511   -5.301  12.140  1.00 26.07  ? 17  GLN A CB  1 
ATOM   212  C CG  . GLN A 1 40  ? 4.779   -5.794  12.833  1.00 34.44  ? 17  GLN A CG  1 
ATOM   213  C CD  . GLN A 1 40  ? 6.030   -5.105  12.321  1.00 44.26  ? 17  GLN A CD  1 
ATOM   214  O OE1 . GLN A 1 40  ? 6.038   -3.896  12.104  1.00 44.49  ? 17  GLN A OE1 1 
ATOM   215  N NE2 . GLN A 1 40  ? 7.092   -5.877  12.116  1.00 49.90  ? 17  GLN A NE2 1 
ATOM   216  N N   . TYR A 1 41  ? 0.999   -6.483  10.509  1.00 23.26  ? 18  TYR A N   1 
ATOM   217  C CA  . TYR A 1 41  ? -0.422  -6.246  10.308  1.00 25.57  ? 18  TYR A CA  1 
ATOM   218  C C   . TYR A 1 41  ? -1.216  -7.088  11.301  1.00 27.48  ? 18  TYR A C   1 
ATOM   219  O O   . TYR A 1 41  ? -0.696  -8.049  11.868  1.00 27.05  ? 18  TYR A O   1 
ATOM   220  C CB  . TYR A 1 41  ? -0.845  -6.575  8.875   1.00 20.97  ? 18  TYR A CB  1 
ATOM   221  C CG  . TYR A 1 41  ? -1.112  -8.047  8.618   1.00 26.00  ? 18  TYR A CG  1 
ATOM   222  C CD1 . TYR A 1 41  ? -0.066  -8.947  8.458   1.00 26.58  ? 18  TYR A CD1 1 
ATOM   223  C CD2 . TYR A 1 41  ? -2.408  -8.529  8.525   1.00 25.91  ? 18  TYR A CD2 1 
ATOM   224  C CE1 . TYR A 1 41  ? -0.309  -10.296 8.223   1.00 26.00  ? 18  TYR A CE1 1 
ATOM   225  C CE2 . TYR A 1 41  ? -2.662  -9.871  8.283   1.00 26.57  ? 18  TYR A CE2 1 
ATOM   226  C CZ  . TYR A 1 41  ? -1.607  -10.747 8.135   1.00 30.18  ? 18  TYR A CZ  1 
ATOM   227  O OH  . TYR A 1 41  ? -1.851  -12.081 7.898   1.00 34.34  ? 18  TYR A OH  1 
ATOM   228  N N   . ILE A 1 42  ? -2.464  -6.708  11.525  1.00 22.38  ? 19  ILE A N   1 
ATOM   229  C CA  . ILE A 1 42  ? -3.366  -7.520  12.331  1.00 24.87  ? 19  ILE A CA  1 
ATOM   230  C C   . ILE A 1 42  ? -4.481  -8.054  11.445  1.00 27.85  ? 19  ILE A C   1 
ATOM   231  O O   . ILE A 1 42  ? -5.135  -7.299  10.720  1.00 22.22  ? 19  ILE A O   1 
ATOM   232  C CB  . ILE A 1 42  ? -3.972  -6.716  13.490  1.00 20.15  ? 19  ILE A CB  1 
ATOM   233  C CG1 . ILE A 1 42  ? -2.880  -5.903  14.194  1.00 23.30  ? 19  ILE A CG1 1 
ATOM   234  C CG2 . ILE A 1 42  ? -4.681  -7.660  14.482  1.00 25.11  ? 19  ILE A CG2 1 
ATOM   235  C CD1 . ILE A 1 42  ? -3.404  -5.078  15.361  1.00 25.12  ? 19  ILE A CD1 1 
ATOM   236  N N   . ALA A 1 43  ? -4.699  -9.363  11.497  1.00 24.54  ? 20  ALA A N   1 
ATOM   237  C CA  . ALA A 1 43  ? -5.715  -9.974  10.654  1.00 23.21  ? 20  ALA A CA  1 
ATOM   238  C C   . ALA A 1 43  ? -7.121  -9.535  11.040  1.00 26.04  ? 20  ALA A C   1 
ATOM   239  O O   . ALA A 1 43  ? -7.363  -9.085  12.163  1.00 26.61  ? 20  ALA A O   1 
ATOM   240  C CB  . ALA A 1 43  ? -5.599  -11.505 10.687  1.00 29.00  ? 20  ALA A CB  1 
ATOM   241  N N   . ILE A 1 44  ? -8.040  -9.652  10.087  1.00 24.92  ? 21  ILE A N   1 
ATOM   242  C CA  . ILE A 1 44  ? -9.450  -9.381  10.323  1.00 26.29  ? 21  ILE A CA  1 
ATOM   243  C C   . ILE A 1 44  ? -10.229 -10.555 9.753   1.00 28.63  ? 21  ILE A C   1 
ATOM   244  O O   . ILE A 1 44  ? -9.915  -11.038 8.664   1.00 25.74  ? 21  ILE A O   1 
ATOM   245  C CB  . ILE A 1 44  ? -9.911  -8.092  9.613   1.00 27.87  ? 21  ILE A CB  1 
ATOM   246  C CG1 . ILE A 1 44  ? -9.095  -6.881  10.087  1.00 26.13  ? 21  ILE A CG1 1 
ATOM   247  C CG2 . ILE A 1 44  ? -11.397 -7.861  9.833   1.00 27.43  ? 21  ILE A CG2 1 
ATOM   248  C CD1 . ILE A 1 44  ? -9.354  -5.606  9.261   1.00 27.53  ? 21  ILE A CD1 1 
ATOM   249  N N   . SER A 1 45  ? -11.236 -11.018 10.487  1.00 28.90  ? 22  SER A N   1 
ATOM   250  C CA  . SER A 1 45  ? -12.022 -12.173 10.059  1.00 29.82  ? 22  SER A CA  1 
ATOM   251  C C   . SER A 1 45  ? -13.463 -12.068 10.548  1.00 34.22  ? 22  SER A C   1 
ATOM   252  O O   . SER A 1 45  ? -13.713 -11.640 11.674  1.00 36.90  ? 22  SER A O   1 
ATOM   253  C CB  . SER A 1 45  ? -11.388 -13.462 10.580  1.00 38.92  ? 22  SER A CB  1 
ATOM   254  O OG  . SER A 1 45  ? -12.164 -14.594 10.228  1.00 46.03  ? 22  SER A OG  1 
ATOM   255  N N   A GLN A 1 46  ? -14.400 -12.455 9.688   0.49 36.77  ? 23  GLN A N   1 
ATOM   256  N N   B GLN A 1 46  ? -14.418 -12.451 9.708   0.51 36.80  ? 23  GLN A N   1 
ATOM   257  C CA  A GLN A 1 46  ? -15.816 -12.470 10.040  0.49 40.24  ? 23  GLN A CA  1 
ATOM   258  C CA  B GLN A 1 46  ? -15.818 -12.438 10.127  0.51 40.23  ? 23  GLN A CA  1 
ATOM   259  C C   A GLN A 1 46  ? -16.120 -13.662 10.940  0.49 42.37  ? 23  GLN A C   1 
ATOM   260  C C   B GLN A 1 46  ? -16.200 -13.721 10.862  0.51 42.43  ? 23  GLN A C   1 
ATOM   261  O O   A GLN A 1 46  ? -17.055 -13.631 11.739  0.49 48.34  ? 23  GLN A O   1 
ATOM   262  O O   B GLN A 1 46  ? -17.266 -13.809 11.467  0.51 46.63  ? 23  GLN A O   1 
ATOM   263  C CB  A GLN A 1 46  ? -16.677 -12.534 8.779   0.49 41.83  ? 23  GLN A CB  1 
ATOM   264  C CB  B GLN A 1 46  ? -16.754 -12.180 8.947   0.51 42.03  ? 23  GLN A CB  1 
ATOM   265  C CG  A GLN A 1 46  ? -16.403 -11.413 7.790   0.49 43.98  ? 23  GLN A CG  1 
ATOM   266  C CG  B GLN A 1 46  ? -16.606 -10.787 8.360   0.51 43.23  ? 23  GLN A CG  1 
ATOM   267  C CD  A GLN A 1 46  ? -17.127 -11.603 6.472   0.49 42.17  ? 23  GLN A CD  1 
ATOM   268  C CD  B GLN A 1 46  ? -16.613 -9.702  9.424   0.51 46.42  ? 23  GLN A CD  1 
ATOM   269  O OE1 A GLN A 1 46  ? -16.524 -11.991 5.468   0.49 37.68  ? 23  GLN A OE1 1 
ATOM   270  O OE1 B GLN A 1 46  ? -17.639 -9.447  10.057  0.51 43.83  ? 23  GLN A OE1 1 
ATOM   271  N NE2 A GLN A 1 46  ? -18.426 -11.329 6.466   0.49 45.39  ? 23  GLN A NE2 1 
ATOM   272  N NE2 B GLN A 1 46  ? -15.463 -9.058  9.628   0.51 28.21  ? 23  GLN A NE2 1 
ATOM   273  N N   . SER A 1 47  ? -15.323 -14.714 10.798  1.00 37.26  ? 24  SER A N   1 
ATOM   274  C CA  . SER A 1 47  ? -15.468 -15.903 11.620  1.00 53.22  ? 24  SER A CA  1 
ATOM   275  C C   . SER A 1 47  ? -14.283 -15.913 12.577  1.00 55.52  ? 24  SER A C   1 
ATOM   276  O O   . SER A 1 47  ? -13.147 -15.682 12.160  1.00 63.37  ? 24  SER A O   1 
ATOM   277  C CB  . SER A 1 47  ? -15.457 -17.161 10.756  1.00 42.66  ? 24  SER A CB  1 
ATOM   278  O OG  . SER A 1 47  ? -14.151 -17.434 10.282  1.00 54.53  ? 24  SER A OG  1 
ATOM   279  N N   . ASP A 1 48  ? -14.551 -16.158 13.854  1.00 59.15  ? 25  ASP A N   1 
ATOM   280  C CA  . ASP A 1 48  ? -13.501 -16.164 14.870  1.00 61.88  ? 25  ASP A CA  1 
ATOM   281  C C   . ASP A 1 48  ? -12.810 -14.795 14.963  1.00 46.19  ? 25  ASP A C   1 
ATOM   282  O O   . ASP A 1 48  ? -11.583 -14.700 15.025  1.00 44.05  ? 25  ASP A O   1 
ATOM   283  C CB  . ASP A 1 48  ? -12.488 -17.284 14.594  1.00 53.86  ? 25  ASP A CB  1 
ATOM   284  C CG  . ASP A 1 48  ? -11.749 -17.724 15.840  1.00 75.94  ? 25  ASP A CG  1 
ATOM   285  O OD1 . ASP A 1 48  ? -12.261 -17.484 16.953  1.00 70.41  ? 25  ASP A OD1 1 
ATOM   286  O OD2 . ASP A 1 48  ? -10.657 -18.318 15.702  1.00 75.05  ? 25  ASP A OD2 1 
ATOM   287  N N   . ALA A 1 49  ? -13.616 -13.737 14.988  1.00 42.51  ? 26  ALA A N   1 
ATOM   288  C CA  . ALA A 1 49  ? -13.105 -12.372 15.057  1.00 37.63  ? 26  ALA A CA  1 
ATOM   289  C C   . ALA A 1 49  ? -12.419 -12.058 16.385  1.00 54.91  ? 26  ALA A C   1 
ATOM   290  O O   . ALA A 1 49  ? -11.699 -11.064 16.499  1.00 39.79  ? 26  ALA A O   1 
ATOM   291  C CB  . ALA A 1 49  ? -14.225 -11.378 14.799  1.00 40.96  ? 26  ALA A CB  1 
ATOM   292  N N   . ASP A 1 50  ? -12.644 -12.896 17.392  1.00 37.82  ? 27  ASP A N   1 
ATOM   293  C CA  . ASP A 1 50  ? -12.028 -12.673 18.696  1.00 32.62  ? 27  ASP A CA  1 
ATOM   294  C C   . ASP A 1 50  ? -10.766 -13.507 18.918  1.00 38.25  ? 27  ASP A C   1 
ATOM   295  O O   . ASP A 1 50  ? -10.226 -13.536 20.020  1.00 36.06  ? 27  ASP A O   1 
ATOM   296  C CB  . ASP A 1 50  ? -13.043 -12.882 19.828  1.00 37.64  ? 27  ASP A CB  1 
ATOM   297  C CG  . ASP A 1 50  ? -13.965 -11.686 20.007  1.00 39.05  ? 27  ASP A CG  1 
ATOM   298  O OD1 . ASP A 1 50  ? -13.601 -10.578 19.553  1.00 34.92  ? 27  ASP A OD1 1 
ATOM   299  O OD2 . ASP A 1 50  ? -15.052 -11.839 20.603  1.00 35.71  ? 27  ASP A OD2 1 
ATOM   300  N N   . SER A 1 51  ? -10.283 -14.166 17.868  1.00 35.89  ? 28  SER A N   1 
ATOM   301  C CA  . SER A 1 51  ? -9.056  -14.951 17.980  1.00 36.56  ? 28  SER A CA  1 
ATOM   302  C C   . SER A 1 51  ? -7.863  -14.036 18.215  1.00 40.46  ? 28  SER A C   1 
ATOM   303  O O   . SER A 1 51  ? -7.909  -12.845 17.901  1.00 35.12  ? 28  SER A O   1 
ATOM   304  C CB  . SER A 1 51  ? -8.825  -15.792 16.723  1.00 43.53  ? 28  SER A CB  1 
ATOM   305  O OG  . SER A 1 51  ? -8.472  -14.973 15.623  1.00 50.04  ? 28  SER A OG  1 
ATOM   306  N N   . GLU A 1 52  ? -6.792  -14.597 18.763  1.00 36.35  ? 29  GLU A N   1 
ATOM   307  C CA  . GLU A 1 52  ? -5.579  -13.833 19.033  1.00 44.12  ? 29  GLU A CA  1 
ATOM   308  C C   . GLU A 1 52  ? -4.973  -13.260 17.749  1.00 40.16  ? 29  GLU A C   1 
ATOM   309  O O   . GLU A 1 52  ? -4.389  -12.175 17.755  1.00 33.01  ? 29  GLU A O   1 
ATOM   310  C CB  . GLU A 1 52  ? -4.555  -14.712 19.754  1.00 46.04  ? 29  GLU A CB  1 
ATOM   311  C CG  . GLU A 1 52  ? -3.401  -13.953 20.391  1.00 62.03  ? 29  GLU A CG  1 
ATOM   312  C CD  . GLU A 1 52  ? -3.783  -13.269 21.697  1.00 77.03  ? 29  GLU A CD  1 
ATOM   313  O OE1 . GLU A 1 52  ? -4.987  -13.222 22.030  1.00 75.65  ? 29  GLU A OE1 1 
ATOM   314  O OE2 . GLU A 1 52  ? -2.869  -12.780 22.396  1.00 90.01  ? 29  GLU A OE2 1 
ATOM   315  N N   . SER A 1 53  ? -5.124  -13.992 16.649  1.00 35.49  ? 30  SER A N   1 
ATOM   316  C CA  . SER A 1 53  ? -4.586  -13.560 15.362  1.00 43.09  ? 30  SER A CA  1 
ATOM   317  C C   . SER A 1 53  ? -5.263  -12.287 14.854  1.00 36.98  ? 30  SER A C   1 
ATOM   318  O O   . SER A 1 53  ? -4.690  -11.557 14.042  1.00 41.53  ? 30  SER A O   1 
ATOM   319  C CB  . SER A 1 53  ? -4.711  -14.674 14.321  1.00 46.37  ? 30  SER A CB  1 
ATOM   320  O OG  . SER A 1 53  ? -6.065  -15.053 14.142  1.00 52.88  ? 30  SER A OG  1 
ATOM   321  N N   . CYS A 1 54  ? -6.473  -12.019 15.344  1.00 30.16  ? 31  CYS A N   1 
ATOM   322  C CA  . CYS A 1 54  ? -7.204  -10.812 14.959  1.00 31.14  ? 31  CYS A CA  1 
ATOM   323  C C   . CYS A 1 54  ? -7.101  -9.708  16.010  1.00 29.82  ? 31  CYS A C   1 
ATOM   324  O O   . CYS A 1 54  ? -7.785  -8.682  15.919  1.00 27.68  ? 31  CYS A O   1 
ATOM   325  C CB  . CYS A 1 54  ? -8.670  -11.134 14.665  1.00 28.45  ? 31  CYS A CB  1 
ATOM   326  S SG  . CYS A 1 54  ? -8.891  -12.214 13.219  1.00 35.84  ? 31  CYS A SG  1 
ATOM   327  N N   . LYS A 1 55  ? -6.238  -9.916  16.999  1.00 27.14  ? 32  LYS A N   1 
ATOM   328  C CA  . LYS A 1 55  ? -6.026  -8.921  18.044  1.00 29.16  ? 32  LYS A CA  1 
ATOM   329  C C   . LYS A 1 55  ? -4.591  -8.416  18.042  1.00 23.39  ? 32  LYS A C   1 
ATOM   330  O O   . LYS A 1 55  ? -4.339  -7.232  18.272  1.00 29.72  ? 32  LYS A O   1 
ATOM   331  C CB  . LYS A 1 55  ? -6.340  -9.510  19.426  1.00 33.23  ? 32  LYS A CB  1 
ATOM   332  C CG  . LYS A 1 55  ? -7.762  -10.038 19.585  1.00 43.63  ? 32  LYS A CG  1 
ATOM   333  C CD  . LYS A 1 55  ? -8.788  -8.949  19.349  1.00 45.72  ? 32  LYS A CD  1 
ATOM   334  C CE  . LYS A 1 55  ? -10.201 -9.477  19.552  1.00 67.26  ? 32  LYS A CE  1 
ATOM   335  N NZ  . LYS A 1 55  ? -10.490 -9.824  20.981  1.00 52.60  ? 32  LYS A NZ  1 
ATOM   336  N N   . MET A 1 56  ? -3.648  -9.321  17.800  1.00 27.87  ? 33  MET A N   1 
ATOM   337  C CA  . MET A 1 56  ? -2.232  -8.987  17.923  1.00 27.31  ? 33  MET A CA  1 
ATOM   338  C C   . MET A 1 56  ? -1.527  -8.968  16.572  1.00 24.88  ? 33  MET A C   1 
ATOM   339  O O   . MET A 1 56  ? -1.786  -9.813  15.716  1.00 26.89  ? 33  MET A O   1 
ATOM   340  C CB  . MET A 1 56  ? -1.527  -9.971  18.866  1.00 30.55  ? 33  MET A CB  1 
ATOM   341  C CG  . MET A 1 56  ? -2.018  -9.893  20.316  1.00 36.79  ? 33  MET A CG  1 
ATOM   342  S SD  . MET A 1 56  ? -1.708  -8.279  21.071  1.00 46.05  ? 33  MET A SD  1 
ATOM   343  C CE  . MET A 1 56  ? 0.084   -8.226  21.019  1.00 46.67  ? 33  MET A CE  1 
ATOM   344  N N   . PRO A 1 57  ? -0.620  -8.001  16.382  1.00 26.47  ? 34  PRO A N   1 
ATOM   345  C CA  . PRO A 1 57  ? 0.091   -7.894  15.107  1.00 30.38  ? 34  PRO A CA  1 
ATOM   346  C C   . PRO A 1 57  ? 0.988   -9.098  14.860  1.00 40.08  ? 34  PRO A C   1 
ATOM   347  O O   . PRO A 1 57  ? 1.527   -9.694  15.797  1.00 29.46  ? 34  PRO A O   1 
ATOM   348  C CB  . PRO A 1 57  ? 0.934   -6.619  15.275  1.00 28.84  ? 34  PRO A CB  1 
ATOM   349  C CG  . PRO A 1 57  ? 0.994   -6.368  16.728  1.00 39.73  ? 34  PRO A CG  1 
ATOM   350  C CD  . PRO A 1 57  ? -0.259  -6.923  17.319  1.00 26.89  ? 34  PRO A CD  1 
ATOM   351  N N   . GLN A 1 58  ? 1.118   -9.468  13.596  1.00 26.86  ? 35  GLN A N   1 
ATOM   352  C CA  . GLN A 1 58  ? 2.097   -10.460 13.203  1.00 33.95  ? 35  GLN A CA  1 
ATOM   353  C C   . GLN A 1 58  ? 3.058   -9.826  12.219  1.00 36.50  ? 35  GLN A C   1 
ATOM   354  O O   . GLN A 1 58  ? 2.732   -8.830  11.575  1.00 28.49  ? 35  GLN A O   1 
ATOM   355  C CB  . GLN A 1 58  ? 1.424   -11.681 12.590  1.00 34.44  ? 35  GLN A CB  1 
ATOM   356  C CG  . GLN A 1 58  ? 0.596   -11.385 11.369  1.00 33.52  ? 35  GLN A CG  1 
ATOM   357  C CD  . GLN A 1 58  ? -0.139  -12.612 10.871  1.00 40.82  ? 35  GLN A CD  1 
ATOM   358  O OE1 . GLN A 1 58  ? 0.419   -13.421 10.130  1.00 42.23  ? 35  GLN A OE1 1 
ATOM   359  N NE2 . GLN A 1 58  ? -1.395  -12.762 11.286  1.00 33.07  ? 35  GLN A NE2 1 
ATOM   360  N N   . THR A 1 59  ? 4.244   -10.405 12.109  1.00 27.63  ? 36  THR A N   1 
ATOM   361  C CA  . THR A 1 59  ? 5.297   -9.843  11.280  1.00 28.73  ? 36  THR A CA  1 
ATOM   362  C C   . THR A 1 59  ? 5.398   -10.633 9.990   1.00 34.84  ? 36  THR A C   1 
ATOM   363  O O   . THR A 1 59  ? 5.332   -11.860 10.004  1.00 33.29  ? 36  THR A O   1 
ATOM   364  C CB  . THR A 1 59  ? 6.642   -9.861  12.024  1.00 33.79  ? 36  THR A CB  1 
ATOM   365  O OG1 . THR A 1 59  ? 6.565   -8.974  13.143  1.00 34.37  ? 36  THR A OG1 1 
ATOM   366  C CG2 . THR A 1 59  ? 7.781   -9.411  11.117  1.00 30.71  ? 36  THR A CG2 1 
ATOM   367  N N   . VAL A 1 60  ? 5.527   -9.926  8.872   1.00 27.07  ? 37  VAL A N   1 
ATOM   368  C CA  . VAL A 1 60  ? 5.679   -10.575 7.575   1.00 27.29  ? 37  VAL A CA  1 
ATOM   369  C C   . VAL A 1 60  ? 6.923   -10.038 6.887   1.00 31.14  ? 37  VAL A C   1 
ATOM   370  O O   . VAL A 1 60  ? 7.124   -8.829  6.809   1.00 29.80  ? 37  VAL A O   1 
ATOM   371  C CB  . VAL A 1 60  ? 4.452   -10.325 6.663   1.00 28.02  ? 37  VAL A CB  1 
ATOM   372  C CG1 . VAL A 1 60  ? 4.646   -10.990 5.295   1.00 27.04  ? 37  VAL A CG1 1 
ATOM   373  C CG2 . VAL A 1 60  ? 3.178   -10.826 7.327   1.00 30.16  ? 37  VAL A CG2 1 
ATOM   374  N N   . GLU A 1 61  ? 7.769   -10.938 6.400   1.00 27.45  ? 38  GLU A N   1 
ATOM   375  C CA  . GLU A 1 61  ? 8.922   -10.530 5.614   1.00 28.59  ? 38  GLU A CA  1 
ATOM   376  C C   . GLU A 1 61  ? 8.456   -10.184 4.201   1.00 25.27  ? 38  GLU A C   1 
ATOM   377  O O   . GLU A 1 61  ? 7.732   -10.958 3.570   1.00 27.27  ? 38  GLU A O   1 
ATOM   378  C CB  . GLU A 1 61  ? 9.969   -11.649 5.571   1.00 30.51  ? 38  GLU A CB  1 
ATOM   379  C CG  . GLU A 1 61  ? 10.610  -11.944 6.928   1.00 32.29  ? 38  GLU A CG  1 
ATOM   380  C CD  . GLU A 1 61  ? 11.625  -13.078 6.867   1.00 55.46  ? 38  GLU A CD  1 
ATOM   381  O OE1 . GLU A 1 61  ? 11.803  -13.769 7.890   1.00 59.66  ? 38  GLU A OE1 1 
ATOM   382  O OE2 . GLU A 1 61  ? 12.245  -13.276 5.801   1.00 47.77  ? 38  GLU A OE2 1 
ATOM   383  N N   . TRP A 1 62  ? 8.857   -9.014  3.714   1.00 27.60  ? 39  TRP A N   1 
ATOM   384  C CA  . TRP A 1 62  ? 8.478   -8.604  2.363   1.00 26.05  ? 39  TRP A CA  1 
ATOM   385  C C   . TRP A 1 62  ? 8.936   -9.636  1.332   1.00 29.12  ? 39  TRP A C   1 
ATOM   386  O O   . TRP A 1 62  ? 8.232   -9.907  0.365   1.00 28.78  ? 39  TRP A O   1 
ATOM   387  C CB  . TRP A 1 62  ? 9.067   -7.235  2.026   1.00 28.06  ? 39  TRP A CB  1 
ATOM   388  C CG  . TRP A 1 62  ? 8.292   -6.053  2.560   1.00 26.76  ? 39  TRP A CG  1 
ATOM   389  C CD1 . TRP A 1 62  ? 8.657   -5.229  3.581   1.00 24.28  ? 39  TRP A CD1 1 
ATOM   390  C CD2 . TRP A 1 62  ? 7.035   -5.554  2.070   1.00 23.34  ? 39  TRP A CD2 1 
ATOM   391  N NE1 . TRP A 1 62  ? 7.703   -4.246  3.766   1.00 25.37  ? 39  TRP A NE1 1 
ATOM   392  C CE2 . TRP A 1 62  ? 6.699   -4.427  2.851   1.00 27.38  ? 39  TRP A CE2 1 
ATOM   393  C CE3 . TRP A 1 62  ? 6.165   -5.951  1.050   1.00 28.30  ? 39  TRP A CE3 1 
ATOM   394  C CZ2 . TRP A 1 62  ? 5.528   -3.693  2.641   1.00 25.55  ? 39  TRP A CZ2 1 
ATOM   395  C CZ3 . TRP A 1 62  ? 4.998   -5.216  0.844   1.00 27.78  ? 39  TRP A CZ3 1 
ATOM   396  C CH2 . TRP A 1 62  ? 4.697   -4.104  1.632   1.00 25.25  ? 39  TRP A CH2 1 
ATOM   397  N N   . SER A 1 63  ? 10.113  -10.221 1.552   1.00 33.70  ? 40  SER A N   1 
ATOM   398  C CA  . SER A 1 63  ? 10.636  -11.234 0.633   1.00 28.91  ? 40  SER A CA  1 
ATOM   399  C C   . SER A 1 63  ? 9.734   -12.457 0.571   1.00 36.35  ? 40  SER A C   1 
ATOM   400  O O   . SER A 1 63  ? 9.525   -13.028 -0.499  1.00 31.38  ? 40  SER A O   1 
ATOM   401  C CB  . SER A 1 63  ? 12.064  -11.646 1.025   1.00 31.97  ? 40  SER A CB  1 
ATOM   402  O OG  . SER A 1 63  ? 12.106  -12.129 2.356   1.00 33.87  ? 40  SER A OG  1 
ATOM   403  N N   . LYS A 1 64  ? 9.189   -12.851 1.717   1.00 29.74  ? 41  LYS A N   1 
ATOM   404  C CA  . LYS A 1 64  ? 8.313   -14.014 1.773   1.00 31.28  ? 41  LYS A CA  1 
ATOM   405  C C   . LYS A 1 64  ? 6.968   -13.734 1.113   1.00 37.84  ? 41  LYS A C   1 
ATOM   406  O O   . LYS A 1 64  ? 6.438   -14.575 0.391   1.00 33.82  ? 41  LYS A O   1 
ATOM   407  C CB  . LYS A 1 64  ? 8.100   -14.464 3.220   1.00 35.39  ? 41  LYS A CB  1 
ATOM   408  C CG  . LYS A 1 64  ? 9.282   -15.186 3.838   1.00 56.59  ? 41  LYS A CG  1 
ATOM   409  C CD  . LYS A 1 64  ? 9.313   -16.648 3.416   1.00 84.06  ? 41  LYS A CD  1 
ATOM   410  C CE  . LYS A 1 64  ? 10.352  -17.432 4.208   1.00 85.67  ? 41  LYS A CE  1 
ATOM   411  N NZ  . LYS A 1 64  ? 10.300  -18.889 3.898   1.00 97.81  ? 41  LYS A NZ  1 
ATOM   412  N N   . LEU A 1 65  ? 6.412   -12.555 1.373   1.00 30.37  ? 42  LEU A N   1 
ATOM   413  C CA  . LEU A 1 65  ? 5.160   -12.155 0.740   1.00 27.62  ? 42  LEU A CA  1 
ATOM   414  C C   . LEU A 1 65  ? 5.284   -12.234 -0.784  1.00 28.24  ? 42  LEU A C   1 
ATOM   415  O O   . LEU A 1 65  ? 4.421   -12.780 -1.464  1.00 31.45  ? 42  LEU A O   1 
ATOM   416  C CB  . LEU A 1 65  ? 4.793   -10.723 1.141   1.00 29.20  ? 42  LEU A CB  1 
ATOM   417  C CG  . LEU A 1 65  ? 3.497   -10.204 0.507   1.00 35.99  ? 42  LEU A CG  1 
ATOM   418  C CD1 . LEU A 1 65  ? 2.298   -10.800 1.223   1.00 32.06  ? 42  LEU A CD1 1 
ATOM   419  C CD2 . LEU A 1 65  ? 3.446   -8.683  0.512   1.00 33.58  ? 42  LEU A CD2 1 
ATOM   420  N N   . ILE A 1 66  ? 6.377   -11.692 -1.307  1.00 27.50  ? 43  ILE A N   1 
ATOM   421  C CA  . ILE A 1 66  ? 6.578   -11.638 -2.754  1.00 29.89  ? 43  ILE A CA  1 
ATOM   422  C C   . ILE A 1 66  ? 6.858   -13.016 -3.373  1.00 38.29  ? 43  ILE A C   1 
ATOM   423  O O   . ILE A 1 66  ? 6.323   -13.347 -4.431  1.00 35.64  ? 43  ILE A O   1 
ATOM   424  C CB  . ILE A 1 66  ? 7.683   -10.632 -3.118  1.00 31.92  ? 43  ILE A CB  1 
ATOM   425  C CG1 . ILE A 1 66  ? 7.245   -9.221  -2.724  1.00 37.00  ? 43  ILE A CG1 1 
ATOM   426  C CG2 . ILE A 1 66  ? 8.014   -10.697 -4.602  1.00 31.26  ? 43  ILE A CG2 1 
ATOM   427  C CD1 . ILE A 1 66  ? 5.927   -8.800  -3.321  1.00 33.44  ? 43  ILE A CD1 1 
ATOM   428  N N   . SER A 1 67  ? 7.670   -13.829 -2.701  1.00 38.11  ? 44  SER A N   1 
ATOM   429  C CA  . SER A 1 67  ? 7.991   -15.157 -3.225  1.00 40.65  ? 44  SER A CA  1 
ATOM   430  C C   . SER A 1 67  ? 6.792   -16.105 -3.174  1.00 35.83  ? 44  SER A C   1 
ATOM   431  O O   . SER A 1 67  ? 6.655   -16.986 -4.021  1.00 39.80  ? 44  SER A O   1 
ATOM   432  C CB  . SER A 1 67  ? 9.198   -15.766 -2.497  1.00 40.15  ? 44  SER A CB  1 
ATOM   433  O OG  . SER A 1 67  ? 8.881   -16.071 -1.151  1.00 46.83  ? 44  SER A OG  1 
ATOM   434  N N   . GLU A 1 68  ? 5.911   -15.915 -2.197  1.00 36.79  ? 45  GLU A N   1 
ATOM   435  C CA  . GLU A 1 68  ? 4.749   -16.793 -2.041  1.00 33.79  ? 45  GLU A CA  1 
ATOM   436  C C   . GLU A 1 68  ? 3.511   -16.353 -2.828  1.00 40.67  ? 45  GLU A C   1 
ATOM   437  O O   . GLU A 1 68  ? 2.512   -17.068 -2.870  1.00 38.08  ? 45  GLU A O   1 
ATOM   438  C CB  . GLU A 1 68  ? 4.391   -16.947 -0.560  1.00 38.81  ? 45  GLU A CB  1 
ATOM   439  C CG  . GLU A 1 68  ? 5.475   -17.623 0.263   1.00 48.44  ? 45  GLU A CG  1 
ATOM   440  C CD  . GLU A 1 68  ? 5.194   -17.577 1.753   1.00 57.73  ? 45  GLU A CD  1 
ATOM   441  O OE1 . GLU A 1 68  ? 4.085   -17.150 2.140   1.00 65.37  ? 45  GLU A OE1 1 
ATOM   442  O OE2 . GLU A 1 68  ? 6.085   -17.965 2.537   1.00 76.99  ? 45  GLU A OE2 1 
ATOM   443  N N   . ASN A 1 69  ? 3.572   -15.180 -3.447  1.00 33.55  ? 46  ASN A N   1 
ATOM   444  C CA  . ASN A 1 69  ? 2.420   -14.650 -4.176  1.00 35.55  ? 46  ASN A CA  1 
ATOM   445  C C   . ASN A 1 69  ? 2.824   -14.126 -5.546  1.00 31.19  ? 46  ASN A C   1 
ATOM   446  O O   . ASN A 1 69  ? 3.650   -13.219 -5.651  1.00 33.79  ? 46  ASN A O   1 
ATOM   447  C CB  . ASN A 1 69  ? 1.735   -13.537 -3.372  1.00 29.12  ? 46  ASN A CB  1 
ATOM   448  C CG  . ASN A 1 69  ? 1.181   -14.029 -2.048  1.00 33.14  ? 46  ASN A CG  1 
ATOM   449  O OD1 . ASN A 1 69  ? 0.090   -14.597 -1.989  1.00 34.72  ? 46  ASN A OD1 1 
ATOM   450  N ND2 . ASN A 1 69  ? 1.928   -13.798 -0.972  1.00 31.31  ? 46  ASN A ND2 1 
ATOM   451  N N   . LYS A 1 70  ? 2.230   -14.699 -6.588  1.00 31.51  ? 47  LYS A N   1 
ATOM   452  C CA  . LYS A 1 70  ? 2.604   -14.388 -7.965  1.00 38.33  ? 47  LYS A CA  1 
ATOM   453  C C   . LYS A 1 70  ? 2.279   -12.954 -8.390  1.00 34.76  ? 47  LYS A C   1 
ATOM   454  O O   . LYS A 1 70  ? 3.018   -12.352 -9.169  1.00 38.36  ? 47  LYS A O   1 
ATOM   455  C CB  . LYS A 1 70  ? 1.946   -15.377 -8.931  1.00 37.18  ? 47  LYS A CB  1 
ATOM   456  C CG  . LYS A 1 70  ? 2.585   -16.763 -8.924  1.00 50.59  ? 47  LYS A CG  1 
ATOM   457  C CD  . LYS A 1 70  ? 1.793   -17.748 -9.776  1.00 57.93  ? 47  LYS A CD  1 
ATOM   458  C CE  . LYS A 1 70  ? 1.494   -17.184 -11.160 1.00 83.13  ? 47  LYS A CE  1 
ATOM   459  N NZ  . LYS A 1 70  ? 2.729   -16.881 -11.937 1.00 87.01  ? 47  LYS A NZ  1 
ATOM   460  N N   . LYS A 1 71  ? 1.172   -12.412 -7.891  1.00 29.07  ? 48  LYS A N   1 
ATOM   461  C CA  . LYS A 1 71  ? 0.772   -11.058 -8.268  1.00 28.60  ? 48  LYS A CA  1 
ATOM   462  C C   . LYS A 1 71  ? 0.322   -10.243 -7.056  1.00 28.87  ? 48  LYS A C   1 
ATOM   463  O O   . LYS A 1 71  ? -0.686  -10.555 -6.418  1.00 29.04  ? 48  LYS A O   1 
ATOM   464  C CB  . LYS A 1 71  ? -0.327  -11.092 -9.332  1.00 27.88  ? 48  LYS A CB  1 
ATOM   465  C CG  . LYS A 1 71  ? -0.630  -9.721  -9.938  1.00 34.54  ? 48  LYS A CG  1 
ATOM   466  C CD  . LYS A 1 71  ? -1.770  -9.783  -10.943 1.00 32.09  ? 48  LYS A CD  1 
ATOM   467  C CE  . LYS A 1 71  ? -1.435  -10.685 -12.117 1.00 44.47  ? 48  LYS A CE  1 
ATOM   468  N NZ  . LYS A 1 71  ? -2.544  -10.685 -13.120 1.00 44.03  ? 48  LYS A NZ  1 
ATOM   469  N N   . VAL A 1 72  ? 1.079   -9.196  -6.755  1.00 29.48  ? 49  VAL A N   1 
ATOM   470  C CA  . VAL A 1 72  ? 0.844   -8.385  -5.571  1.00 29.68  ? 49  VAL A CA  1 
ATOM   471  C C   . VAL A 1 72  ? 0.717   -6.913  -5.940  1.00 28.64  ? 49  VAL A C   1 
ATOM   472  O O   . VAL A 1 72  ? 1.547   -6.375  -6.674  1.00 27.18  ? 49  VAL A O   1 
ATOM   473  C CB  . VAL A 1 72  ? 1.998   -8.546  -4.559  1.00 26.93  ? 49  VAL A CB  1 
ATOM   474  C CG1 . VAL A 1 72  ? 1.810   -7.627  -3.355  1.00 26.87  ? 49  VAL A CG1 1 
ATOM   475  C CG2 . VAL A 1 72  ? 2.117   -10.009 -4.115  1.00 25.64  ? 49  VAL A CG2 1 
ATOM   476  N N   . ILE A 1 73  ? -0.338  -6.281  -5.443  1.00 23.41  ? 50  ILE A N   1 
ATOM   477  C CA  . ILE A 1 73  ? -0.496  -4.836  -5.531  1.00 21.34  ? 50  ILE A CA  1 
ATOM   478  C C   . ILE A 1 73  ? -0.122  -4.224  -4.189  1.00 24.31  ? 50  ILE A C   1 
ATOM   479  O O   . ILE A 1 73  ? -0.562  -4.688  -3.134  1.00 24.02  ? 50  ILE A O   1 
ATOM   480  C CB  . ILE A 1 73  ? -1.942  -4.449  -5.874  1.00 22.12  ? 50  ILE A CB  1 
ATOM   481  C CG1 . ILE A 1 73  ? -2.283  -4.900  -7.298  1.00 25.53  ? 50  ILE A CG1 1 
ATOM   482  C CG2 . ILE A 1 73  ? -2.135  -2.939  -5.739  1.00 21.35  ? 50  ILE A CG2 1 
ATOM   483  C CD1 . ILE A 1 73  ? -3.750  -4.740  -7.654  1.00 25.99  ? 50  ILE A CD1 1 
ATOM   484  N N   . ILE A 1 74  ? 0.709   -3.192  -4.227  1.00 21.74  ? 51  ILE A N   1 
ATOM   485  C CA  . ILE A 1 74  ? 1.095   -2.480  -3.020  1.00 22.50  ? 51  ILE A CA  1 
ATOM   486  C C   . ILE A 1 74  ? 0.793   -1.006  -3.209  1.00 29.64  ? 51  ILE A C   1 
ATOM   487  O O   . ILE A 1 74  ? 1.166   -0.421  -4.222  1.00 25.11  ? 51  ILE A O   1 
ATOM   488  C CB  . ILE A 1 74  ? 2.597   -2.636  -2.739  1.00 24.92  ? 51  ILE A CB  1 
ATOM   489  C CG1 . ILE A 1 74  ? 3.003   -4.114  -2.812  1.00 25.45  ? 51  ILE A CG1 1 
ATOM   490  C CG2 . ILE A 1 74  ? 2.952   -2.032  -1.382  1.00 21.85  ? 51  ILE A CG2 1 
ATOM   491  C CD1 . ILE A 1 74  ? 4.505   -4.351  -2.665  1.00 24.72  ? 51  ILE A CD1 1 
ATOM   492  N N   . THR A 1 75  ? 0.104   -0.402  -2.249  1.00 21.14  ? 52  THR A N   1 
ATOM   493  C CA  . THR A 1 75  ? -0.128  1.034   -2.311  1.00 17.23  ? 52  THR A CA  1 
ATOM   494  C C   . THR A 1 75  ? 0.179   1.705   -0.974  1.00 23.79  ? 52  THR A C   1 
ATOM   495  O O   . THR A 1 75  ? -0.239  1.237   0.089   1.00 21.32  ? 52  THR A O   1 
ATOM   496  C CB  . THR A 1 75  ? -1.549  1.388   -2.858  1.00 19.85  ? 52  THR A CB  1 
ATOM   497  O OG1 . THR A 1 75  ? -1.669  2.811   -3.021  1.00 23.03  ? 52  THR A OG1 1 
ATOM   498  C CG2 . THR A 1 75  ? -2.650  0.894   -1.921  1.00 21.55  ? 52  THR A CG2 1 
ATOM   499  N N   . GLY A 1 76  ? 0.944   2.789   -1.033  1.00 19.46  ? 53  GLY A N   1 
ATOM   500  C CA  . GLY A 1 76  ? 1.316   3.518   0.166   1.00 20.01  ? 53  GLY A CA  1 
ATOM   501  C C   . GLY A 1 76  ? 0.443   4.732   0.405   1.00 25.43  ? 53  GLY A C   1 
ATOM   502  O O   . GLY A 1 76  ? 0.021   5.399   -0.543  1.00 20.87  ? 53  GLY A O   1 
ATOM   503  N N   . ALA A 1 77  ? 0.175   5.021   1.677   1.00 17.17  ? 54  ALA A N   1 
ATOM   504  C CA  . ALA A 1 77  ? -0.595  6.209   2.056   1.00 20.28  ? 54  ALA A CA  1 
ATOM   505  C C   . ALA A 1 77  ? 0.073   6.917   3.234   1.00 20.24  ? 54  ALA A C   1 
ATOM   506  O O   . ALA A 1 77  ? 0.583   6.264   4.137   1.00 21.29  ? 54  ALA A O   1 
ATOM   507  C CB  . ALA A 1 77  ? -2.039  5.822   2.402   1.00 19.75  ? 54  ALA A CB  1 
ATOM   508  N N   . PRO A 1 78  ? 0.070   8.260   3.228   1.00 17.75  ? 55  PRO A N   1 
ATOM   509  C CA  . PRO A 1 78  ? 0.735   9.042   4.275   1.00 21.44  ? 55  PRO A CA  1 
ATOM   510  C C   . PRO A 1 78  ? 0.169   8.864   5.683   1.00 22.92  ? 55  PRO A C   1 
ATOM   511  O O   . PRO A 1 78  ? 0.950   8.874   6.618   1.00 19.97  ? 55  PRO A O   1 
ATOM   512  C CB  . PRO A 1 78  ? 0.517   10.490  3.816   1.00 23.23  ? 55  PRO A CB  1 
ATOM   513  C CG  . PRO A 1 78  ? 0.425   10.375  2.322   1.00 23.57  ? 55  PRO A CG  1 
ATOM   514  C CD  . PRO A 1 78  ? -0.319  9.103   2.080   1.00 20.80  ? 55  PRO A CD  1 
ATOM   515  N N   . ALA A 1 79  ? -1.143  8.733   5.844   1.00 19.40  ? 56  ALA A N   1 
ATOM   516  C CA  . ALA A 1 79  ? -1.697  8.743   7.199   1.00 21.73  ? 56  ALA A CA  1 
ATOM   517  C C   . ALA A 1 79  ? -3.060  8.081   7.311   1.00 22.23  ? 56  ALA A C   1 
ATOM   518  O O   . ALA A 1 79  ? -4.045  8.567   6.745   1.00 20.08  ? 56  ALA A O   1 
ATOM   519  C CB  . ALA A 1 79  ? -1.756  10.177  7.731   1.00 20.75  ? 56  ALA A CB  1 
ATOM   520  N N   . ALA A 1 80  ? -3.107  6.961   8.030   1.00 21.23  ? 57  ALA A N   1 
ATOM   521  C CA  . ALA A 1 80  ? -4.377  6.344   8.392   1.00 20.24  ? 57  ALA A CA  1 
ATOM   522  C C   . ALA A 1 80  ? -5.314  7.392   8.973   1.00 18.04  ? 57  ALA A C   1 
ATOM   523  O O   . ALA A 1 80  ? -4.903  8.201   9.805   1.00 19.57  ? 57  ALA A O   1 
ATOM   524  C CB  . ALA A 1 80  ? -4.153  5.216   9.413   1.00 20.78  ? 57  ALA A CB  1 
ATOM   525  N N   . PHE A 1 81  ? -6.562  7.372   8.509   1.00 18.63  ? 58  PHE A N   1 
ATOM   526  C CA  . PHE A 1 81  ? -7.618  8.300   8.932   1.00 19.51  ? 58  PHE A CA  1 
ATOM   527  C C   . PHE A 1 81  ? -7.526  9.716   8.369   1.00 21.91  ? 58  PHE A C   1 
ATOM   528  O O   . PHE A 1 81  ? -8.416  10.522  8.615   1.00 20.73  ? 58  PHE A O   1 
ATOM   529  C CB  . PHE A 1 81  ? -7.785  8.349   10.466  1.00 20.10  ? 58  PHE A CB  1 
ATOM   530  C CG  . PHE A 1 81  ? -8.273  7.059   11.062  1.00 22.06  ? 58  PHE A CG  1 
ATOM   531  C CD1 . PHE A 1 81  ? -9.620  6.723   11.010  1.00 19.68  ? 58  PHE A CD1 1 
ATOM   532  C CD2 . PHE A 1 81  ? -7.384  6.181   11.671  1.00 21.53  ? 58  PHE A CD2 1 
ATOM   533  C CE1 . PHE A 1 81  ? -10.080 5.531   11.562  1.00 22.81  ? 58  PHE A CE1 1 
ATOM   534  C CE2 . PHE A 1 81  ? -7.837  4.988   12.227  1.00 19.94  ? 58  PHE A CE2 1 
ATOM   535  C CZ  . PHE A 1 81  ? -9.185  4.666   12.172  1.00 20.82  ? 58  PHE A CZ  1 
ATOM   536  N N   . SER A 1 82  ? -6.476  10.035  7.619   1.00 19.71  ? 59  SER A N   1 
ATOM   537  C CA  . SER A 1 82  ? -6.412  11.373  7.030   1.00 18.20  ? 59  SER A CA  1 
ATOM   538  C C   . SER A 1 82  ? -7.389  11.446  5.841   1.00 19.31  ? 59  SER A C   1 
ATOM   539  O O   . SER A 1 82  ? -7.729  10.422  5.263   1.00 22.46  ? 59  SER A O   1 
ATOM   540  C CB  . SER A 1 82  ? -4.982  11.737  6.613   1.00 20.96  ? 59  SER A CB  1 
ATOM   541  O OG  . SER A 1 82  ? -4.721  11.310  5.295   1.00 27.39  ? 59  SER A OG  1 
ATOM   542  N N   . PRO A 1 83  ? -7.858  12.657  5.493   1.00 23.13  ? 60  PRO A N   1 
ATOM   543  C CA  . PRO A 1 83  ? -8.960  12.840  4.529   1.00 24.13  ? 60  PRO A CA  1 
ATOM   544  C C   . PRO A 1 83  ? -8.722  12.227  3.145   1.00 19.40  ? 60  PRO A C   1 
ATOM   545  O O   . PRO A 1 83  ? -9.547  11.442  2.676   1.00 20.71  ? 60  PRO A O   1 
ATOM   546  C CB  . PRO A 1 83  ? -9.067  14.366  4.402   1.00 27.42  ? 60  PRO A CB  1 
ATOM   547  C CG  . PRO A 1 83  ? -8.545  14.888  5.680   1.00 35.61  ? 60  PRO A CG  1 
ATOM   548  C CD  . PRO A 1 83  ? -7.452  13.935  6.107   1.00 25.36  ? 60  PRO A CD  1 
ATOM   549  N N   . THR A 1 84  ? -7.626  12.588  2.491   1.00 19.83  ? 61  THR A N   1 
ATOM   550  C CA  . THR A 1 84  ? -7.391  12.092  1.135   1.00 21.23  ? 61  THR A CA  1 
ATOM   551  C C   . THR A 1 84  ? -7.215  10.573  1.117   1.00 21.96  ? 61  THR A C   1 
ATOM   552  O O   . THR A 1 84  ? -7.784  9.882   0.273   1.00 21.74  ? 61  THR A O   1 
ATOM   553  C CB  . THR A 1 84  ? -6.181  12.778  0.479   1.00 22.46  ? 61  THR A CB  1 
ATOM   554  O OG1 . THR A 1 84  ? -6.366  14.198  0.523   1.00 23.78  ? 61  THR A OG1 1 
ATOM   555  C CG2 . THR A 1 84  ? -6.041  12.339  -0.981  1.00 22.43  ? 61  THR A CG2 1 
ATOM   556  N N   . CYS A 1 85  ? -6.439  10.054  2.063   1.00 18.74  ? 62  CYS A N   1 
ATOM   557  C CA  . CYS A 1 85  ? -6.237  8.618   2.160   1.00 19.45  ? 62  CYS A CA  1 
ATOM   558  C C   . CYS A 1 85  ? -7.561  7.895   2.385   1.00 19.88  ? 62  CYS A C   1 
ATOM   559  O O   . CYS A 1 85  ? -7.840  6.863   1.771   1.00 19.38  ? 62  CYS A O   1 
ATOM   560  C CB  . CYS A 1 85  ? -5.271  8.291   3.314   1.00 18.00  ? 62  CYS A CB  1 
ATOM   561  S SG  . CYS A 1 85  ? -3.677  9.194   3.267   1.00 23.25  ? 62  CYS A SG  1 
ATOM   562  N N   . THR A 1 86  ? -8.378  8.445   3.274   1.00 20.13  ? 63  THR A N   1 
ATOM   563  C CA  . THR A 1 86  ? -9.574  7.747   3.729   1.00 18.18  ? 63  THR A CA  1 
ATOM   564  C C   . THR A 1 86  ? -10.738 7.859   2.754   1.00 20.08  ? 63  THR A C   1 
ATOM   565  O O   . THR A 1 86  ? -11.474 6.898   2.556   1.00 20.53  ? 63  THR A O   1 
ATOM   566  C CB  . THR A 1 86  ? -10.026 8.281   5.100   1.00 20.53  ? 63  THR A CB  1 
ATOM   567  O OG1 . THR A 1 86  ? -8.955  8.119   6.031   1.00 22.40  ? 63  THR A OG1 1 
ATOM   568  C CG2 . THR A 1 86  ? -11.263 7.539   5.607   1.00 24.92  ? 63  THR A CG2 1 
ATOM   569  N N   . VAL A 1 87  ? -10.910 9.032   2.155   1.00 21.60  ? 64  VAL A N   1 
ATOM   570  C CA  . VAL A 1 87  ? -12.081 9.269   1.315   1.00 21.91  ? 64  VAL A CA  1 
ATOM   571  C C   . VAL A 1 87  ? -11.820 8.958   -0.161  1.00 20.79  ? 64  VAL A C   1 
ATOM   572  O O   . VAL A 1 87  ? -12.661 8.352   -0.825  1.00 23.82  ? 64  VAL A O   1 
ATOM   573  C CB  . VAL A 1 87  ? -12.606 10.719  1.459   1.00 24.08  ? 64  VAL A CB  1 
ATOM   574  C CG1 . VAL A 1 87  ? -13.892 10.911  0.647   1.00 24.69  ? 64  VAL A CG1 1 
ATOM   575  C CG2 . VAL A 1 87  ? -12.849 11.050  2.932   1.00 26.61  ? 64  VAL A CG2 1 
ATOM   576  N N   . SER A 1 88  ? -10.649 9.344   -0.664  1.00 20.06  ? 65  SER A N   1 
ATOM   577  C CA  . SER A 1 88  ? -10.396 9.292   -2.112  1.00 23.45  ? 65  SER A CA  1 
ATOM   578  C C   . SER A 1 88  ? -9.450  8.191   -2.584  1.00 24.10  ? 65  SER A C   1 
ATOM   579  O O   . SER A 1 88  ? -9.515  7.770   -3.734  1.00 24.81  ? 65  SER A O   1 
ATOM   580  C CB  . SER A 1 88  ? -9.856  10.637  -2.608  1.00 22.73  ? 65  SER A CB  1 
ATOM   581  O OG  . SER A 1 88  ? -10.787 11.680  -2.384  1.00 24.29  ? 65  SER A OG  1 
ATOM   582  N N   . HIS A 1 89  ? -8.548  7.741   -1.723  1.00 19.34  ? 66  HIS A N   1 
ATOM   583  C CA  . HIS A 1 89  ? -7.525  6.806   -2.183  1.00 16.51  ? 66  HIS A CA  1 
ATOM   584  C C   . HIS A 1 89  ? -7.900  5.353   -1.892  1.00 23.68  ? 66  HIS A C   1 
ATOM   585  O O   . HIS A 1 89  ? -8.183  4.571   -2.805  1.00 20.32  ? 66  HIS A O   1 
ATOM   586  C CB  . HIS A 1 89  ? -6.165  7.182   -1.569  1.00 18.41  ? 66  HIS A CB  1 
ATOM   587  C CG  . HIS A 1 89  ? -5.036  6.277   -1.960  1.00 20.25  ? 66  HIS A CG  1 
ATOM   588  N ND1 . HIS A 1 89  ? -3.853  6.226   -1.253  1.00 20.22  ? 66  HIS A ND1 1 
ATOM   589  C CD2 . HIS A 1 89  ? -4.899  5.401   -2.986  1.00 20.67  ? 66  HIS A CD2 1 
ATOM   590  C CE1 . HIS A 1 89  ? -3.040  5.351   -1.818  1.00 21.21  ? 66  HIS A CE1 1 
ATOM   591  N NE2 . HIS A 1 89  ? -3.649  4.834   -2.870  1.00 21.63  ? 66  HIS A NE2 1 
ATOM   592  N N   . ILE A 1 90  ? -7.919  4.989   -0.617  1.00 21.26  ? 67  ILE A N   1 
ATOM   593  C CA  . ILE A 1 90  ? -8.106  3.582   -0.255  1.00 18.59  ? 67  ILE A CA  1 
ATOM   594  C C   . ILE A 1 90  ? -9.483  2.938   -0.571  1.00 18.31  ? 67  ILE A C   1 
ATOM   595  O O   . ILE A 1 90  ? -9.529  1.766   -0.928  1.00 20.86  ? 67  ILE A O   1 
ATOM   596  C CB  . ILE A 1 90  ? -7.645  3.310   1.208   1.00 20.50  ? 67  ILE A CB  1 
ATOM   597  C CG1 . ILE A 1 90  ? -6.201  3.803   1.398   1.00 18.82  ? 67  ILE A CG1 1 
ATOM   598  C CG2 . ILE A 1 90  ? -7.742  1.825   1.544   1.00 20.95  ? 67  ILE A CG2 1 
ATOM   599  C CD1 . ILE A 1 90  ? -5.200  3.196   0.396   1.00 20.99  ? 67  ILE A CD1 1 
ATOM   600  N N   . PRO A 1 91  ? -10.604 3.686   -0.454  1.00 20.13  ? 68  PRO A N   1 
ATOM   601  C CA  . PRO A 1 91  ? -11.889 3.034   -0.761  1.00 22.45  ? 68  PRO A CA  1 
ATOM   602  C C   . PRO A 1 91  ? -11.971 2.376   -2.142  1.00 23.00  ? 68  PRO A C   1 
ATOM   603  O O   . PRO A 1 91  ? -12.631 1.348   -2.280  1.00 22.03  ? 68  PRO A O   1 
ATOM   604  C CB  . PRO A 1 91  ? -12.888 4.187   -0.685  1.00 20.52  ? 68  PRO A CB  1 
ATOM   605  C CG  . PRO A 1 91  ? -12.313 5.084   0.324   1.00 23.37  ? 68  PRO A CG  1 
ATOM   606  C CD  . PRO A 1 91  ? -10.815 5.045   0.072   1.00 19.59  ? 68  PRO A CD  1 
ATOM   607  N N   . GLY A 1 92  ? -11.302 2.950   -3.138  1.00 22.55  ? 69  GLY A N   1 
ATOM   608  C CA  . GLY A 1 92  ? -11.281 2.359   -4.468  1.00 24.31  ? 69  GLY A CA  1 
ATOM   609  C C   . GLY A 1 92  ? -10.685 0.963   -4.483  1.00 24.45  ? 69  GLY A C   1 
ATOM   610  O O   . GLY A 1 92  ? -11.182 0.072   -5.174  1.00 21.73  ? 69  GLY A O   1 
ATOM   611  N N   . TYR A 1 93  ? -9.617  0.762   -3.718  1.00 19.43  ? 70  TYR A N   1 
ATOM   612  C CA  . TYR A 1 93  ? -8.990  -0.556  -3.643  1.00 19.91  ? 70  TYR A CA  1 
ATOM   613  C C   . TYR A 1 93  ? -9.919  -1.580  -3.006  1.00 23.22  ? 70  TYR A C   1 
ATOM   614  O O   . TYR A 1 93  ? -10.000 -2.727  -3.441  1.00 24.80  ? 70  TYR A O   1 
ATOM   615  C CB  . TYR A 1 93  ? -7.668  -0.476  -2.873  1.00 17.37  ? 70  TYR A CB  1 
ATOM   616  C CG  . TYR A 1 93  ? -6.566  0.148   -3.706  1.00 21.46  ? 70  TYR A CG  1 
ATOM   617  C CD1 . TYR A 1 93  ? -6.371  1.528   -3.727  1.00 22.17  ? 70  TYR A CD1 1 
ATOM   618  C CD2 . TYR A 1 93  ? -5.751  -0.644  -4.508  1.00 25.03  ? 70  TYR A CD2 1 
ATOM   619  C CE1 . TYR A 1 93  ? -5.373  2.101   -4.518  1.00 22.10  ? 70  TYR A CE1 1 
ATOM   620  C CE2 . TYR A 1 93  ? -4.756  -0.084  -5.292  1.00 25.11  ? 70  TYR A CE2 1 
ATOM   621  C CZ  . TYR A 1 93  ? -4.569  1.282   -5.294  1.00 24.95  ? 70  TYR A CZ  1 
ATOM   622  O OH  . TYR A 1 93  ? -3.577  1.823   -6.083  1.00 23.53  ? 70  TYR A OH  1 
ATOM   623  N N   . ILE A 1 94  ? -10.618 -1.161  -1.965  1.00 23.58  ? 71  ILE A N   1 
ATOM   624  C CA  . ILE A 1 94  ? -11.554 -2.055  -1.293  1.00 21.06  ? 71  ILE A CA  1 
ATOM   625  C C   . ILE A 1 94  ? -12.729 -2.376  -2.216  1.00 23.78  ? 71  ILE A C   1 
ATOM   626  O O   . ILE A 1 94  ? -13.149 -3.528  -2.318  1.00 23.82  ? 71  ILE A O   1 
ATOM   627  C CB  . ILE A 1 94  ? -12.037 -1.429  0.022   1.00 22.11  ? 71  ILE A CB  1 
ATOM   628  C CG1 . ILE A 1 94  ? -10.843 -1.316  0.980   1.00 24.82  ? 71  ILE A CG1 1 
ATOM   629  C CG2 . ILE A 1 94  ? -13.183 -2.250  0.621   1.00 25.75  ? 71  ILE A CG2 1 
ATOM   630  C CD1 . ILE A 1 94  ? -11.087 -0.426  2.157   1.00 22.46  ? 71  ILE A CD1 1 
ATOM   631  N N   . ASN A 1 95  ? -13.230 -1.356  -2.908  1.00 22.92  ? 72  ASN A N   1 
ATOM   632  C CA  . ASN A 1 95  ? -14.348 -1.526  -3.843  1.00 25.49  ? 72  ASN A CA  1 
ATOM   633  C C   . ASN A 1 95  ? -14.027 -2.511  -4.969  1.00 28.56  ? 72  ASN A C   1 
ATOM   634  O O   . ASN A 1 95  ? -14.864 -3.326  -5.353  1.00 26.99  ? 72  ASN A O   1 
ATOM   635  C CB  . ASN A 1 95  ? -14.751 -0.165  -4.431  1.00 24.53  ? 72  ASN A CB  1 
ATOM   636  C CG  . ASN A 1 95  ? -15.986 -0.248  -5.336  1.00 35.18  ? 72  ASN A CG  1 
ATOM   637  O OD1 . ASN A 1 95  ? -16.958 -0.923  -5.018  1.00 35.85  ? 72  ASN A OD1 1 
ATOM   638  N ND2 . ASN A 1 95  ? -15.944 0.451   -6.462  1.00 39.38  ? 72  ASN A ND2 1 
ATOM   639  N N   . TYR A 1 96  ? -12.805 -2.441  -5.491  1.00 22.82  ? 73  TYR A N   1 
ATOM   640  C CA  . TYR A 1 96  ? -12.413 -3.294  -6.613  1.00 24.58  ? 73  TYR A CA  1 
ATOM   641  C C   . TYR A 1 96  ? -11.787 -4.624  -6.194  1.00 27.27  ? 73  TYR A C   1 
ATOM   642  O O   . TYR A 1 96  ? -11.423 -5.425  -7.054  1.00 26.86  ? 73  TYR A O   1 
ATOM   643  C CB  . TYR A 1 96  ? -11.412 -2.568  -7.513  1.00 26.58  ? 73  TYR A CB  1 
ATOM   644  C CG  . TYR A 1 96  ? -12.016 -1.602  -8.511  1.00 27.99  ? 73  TYR A CG  1 
ATOM   645  C CD1 . TYR A 1 96  ? -12.502 -2.053  -9.733  1.00 45.49  ? 73  TYR A CD1 1 
ATOM   646  C CD2 . TYR A 1 96  ? -12.055 -0.239  -8.255  1.00 25.50  ? 73  TYR A CD2 1 
ATOM   647  C CE1 . TYR A 1 96  ? -13.034 -1.176  -10.662 1.00 40.04  ? 73  TYR A CE1 1 
ATOM   648  C CE2 . TYR A 1 96  ? -12.591 0.652   -9.181  1.00 27.39  ? 73  TYR A CE2 1 
ATOM   649  C CZ  . TYR A 1 96  ? -13.075 0.173   -10.383 1.00 41.14  ? 73  TYR A CZ  1 
ATOM   650  O OH  . TYR A 1 96  ? -13.603 1.042   -11.310 1.00 38.42  ? 73  TYR A OH  1 
ATOM   651  N N   . LEU A 1 97  ? -11.652 -4.856  -4.890  1.00 25.46  ? 74  LEU A N   1 
ATOM   652  C CA  . LEU A 1 97  ? -10.907 -6.019  -4.400  1.00 25.62  ? 74  LEU A CA  1 
ATOM   653  C C   . LEU A 1 97  ? -11.374 -7.355  -4.995  1.00 25.52  ? 74  LEU A C   1 
ATOM   654  O O   . LEU A 1 97  ? -10.557 -8.157  -5.454  1.00 27.23  ? 74  LEU A O   1 
ATOM   655  C CB  . LEU A 1 97  ? -10.937 -6.087  -2.870  1.00 25.56  ? 74  LEU A CB  1 
ATOM   656  C CG  . LEU A 1 97  ? -10.159 -7.264  -2.283  1.00 25.99  ? 74  LEU A CG  1 
ATOM   657  C CD1 . LEU A 1 97  ? -8.674  -7.138  -2.612  1.00 25.41  ? 74  LEU A CD1 1 
ATOM   658  C CD2 . LEU A 1 97  ? -10.381 -7.362  -0.772  1.00 29.32  ? 74  LEU A CD2 1 
ATOM   659  N N   . ASP A 1 98  ? -12.679 -7.593  -4.982  1.00 25.65  ? 75  ASP A N   1 
ATOM   660  C CA  . ASP A 1 98  ? -13.220 -8.839  -5.532  1.00 31.14  ? 75  ASP A CA  1 
ATOM   661  C C   . ASP A 1 98  ? -12.875 -8.995  -7.012  1.00 33.21  ? 75  ASP A C   1 
ATOM   662  O O   . ASP A 1 98  ? -12.471 -10.074 -7.450  1.00 30.62  ? 75  ASP A O   1 
ATOM   663  C CB  . ASP A 1 98  ? -14.734 -8.925  -5.323  1.00 31.04  ? 75  ASP A CB  1 
ATOM   664  C CG  . ASP A 1 98  ? -15.108 -9.212  -3.875  1.00 44.55  ? 75  ASP A CG  1 
ATOM   665  O OD1 . ASP A 1 98  ? -14.218 -9.601  -3.087  1.00 44.97  ? 75  ASP A OD1 1 
ATOM   666  O OD2 . ASP A 1 98  ? -16.296 -9.061  -3.526  1.00 45.77  ? 75  ASP A OD2 1 
ATOM   667  N N   . GLU A 1 99  ? -13.016 -7.914  -7.774  1.00 30.80  ? 76  GLU A N   1 
ATOM   668  C CA  . GLU A 1 99  ? -12.669 -7.937  -9.191  1.00 30.93  ? 76  GLU A CA  1 
ATOM   669  C C   . GLU A 1 99  ? -11.179 -8.199  -9.410  1.00 34.82  ? 76  GLU A C   1 
ATOM   670  O O   . GLU A 1 99  ? -10.802 -8.988  -10.277 1.00 34.41  ? 76  GLU A O   1 
ATOM   671  C CB  . GLU A 1 99  ? -13.081 -6.633  -9.881  1.00 29.42  ? 76  GLU A CB  1 
ATOM   672  C CG  . GLU A 1 99  ? -12.691 -6.584  -11.356 1.00 41.24  ? 76  GLU A CG  1 
ATOM   673  C CD  . GLU A 1 99  ? -13.197 -5.340  -12.068 1.00 55.84  ? 76  GLU A CD  1 
ATOM   674  O OE1 . GLU A 1 99  ? -14.098 -4.664  -11.528 1.00 49.24  ? 76  GLU A OE1 1 
ATOM   675  O OE2 . GLU A 1 99  ? -12.691 -5.041  -13.170 1.00 62.40  ? 76  GLU A OE2 1 
ATOM   676  N N   . LEU A 1 100 ? -10.338 -7.540  -8.619  1.00 25.34  ? 77  LEU A N   1 
ATOM   677  C CA  . LEU A 1 100 ? -8.895  -7.741  -8.696  1.00 27.81  ? 77  LEU A CA  1 
ATOM   678  C C   . LEU A 1 100 ? -8.519  -9.201  -8.451  1.00 30.36  ? 77  LEU A C   1 
ATOM   679  O O   . LEU A 1 100 ? -7.722  -9.786  -9.189  1.00 31.31  ? 77  LEU A O   1 
ATOM   680  C CB  . LEU A 1 100 ? -8.182  -6.846  -7.678  1.00 24.38  ? 77  LEU A CB  1 
ATOM   681  C CG  . LEU A 1 100 ? -8.217  -5.345  -7.978  1.00 30.52  ? 77  LEU A CG  1 
ATOM   682  C CD1 . LEU A 1 100 ? -7.773  -4.528  -6.773  1.00 29.58  ? 77  LEU A CD1 1 
ATOM   683  C CD2 . LEU A 1 100 ? -7.341  -5.043  -9.182  1.00 31.55  ? 77  LEU A CD2 1 
ATOM   684  N N   . VAL A 1 101 ? -9.096  -9.782  -7.408  1.00 28.25  ? 78  VAL A N   1 
ATOM   685  C CA  . VAL A 1 101 ? -8.770  -11.150 -7.023  1.00 24.80  ? 78  VAL A CA  1 
ATOM   686  C C   . VAL A 1 101 ? -9.367  -12.165 -8.005  1.00 38.11  ? 78  VAL A C   1 
ATOM   687  O O   . VAL A 1 101 ? -8.677  -13.074 -8.460  1.00 40.92  ? 78  VAL A O   1 
ATOM   688  C CB  . VAL A 1 101 ? -9.253  -11.454 -5.586  1.00 34.71  ? 78  VAL A CB  1 
ATOM   689  C CG1 . VAL A 1 101 ? -9.116  -12.944 -5.267  1.00 33.01  ? 78  VAL A CG1 1 
ATOM   690  C CG2 . VAL A 1 101 ? -8.477  -10.605 -4.580  1.00 28.78  ? 78  VAL A CG2 1 
ATOM   691  N N   . LYS A 1 102 ? -10.642 -11.990 -8.343  1.00 35.42  ? 79  LYS A N   1 
ATOM   692  C CA  . LYS A 1 102 ? -11.354 -12.962 -9.175  1.00 40.58  ? 79  LYS A CA  1 
ATOM   693  C C   . LYS A 1 102 ? -11.126 -12.810 -10.681 1.00 41.35  ? 79  LYS A C   1 
ATOM   694  O O   . LYS A 1 102 ? -11.168 -13.797 -11.412 1.00 51.91  ? 79  LYS A O   1 
ATOM   695  C CB  . LYS A 1 102 ? -12.858 -12.925 -8.876  1.00 41.87  ? 79  LYS A CB  1 
ATOM   696  C CG  . LYS A 1 102 ? -13.215 -13.201 -7.419  1.00 63.96  ? 79  LYS A CG  1 
ATOM   697  C CD  . LYS A 1 102 ? -14.708 -13.012 -7.176  1.00 67.14  ? 79  LYS A CD  1 
ATOM   698  C CE  . LYS A 1 102 ? -15.069 -13.196 -5.709  1.00 65.90  ? 79  LYS A CE  1 
ATOM   699  N NZ  . LYS A 1 102 ? -16.521 -12.951 -5.474  1.00 80.19  ? 79  LYS A NZ  1 
ATOM   700  N N   . GLU A 1 103 ? -10.886 -11.588 -11.149 1.00 39.56  ? 80  GLU A N   1 
ATOM   701  C CA  . GLU A 1 103 ? -10.766 -11.342 -12.588 1.00 36.23  ? 80  GLU A CA  1 
ATOM   702  C C   . GLU A 1 103 ? -9.353  -11.000 -13.048 1.00 42.64  ? 80  GLU A C   1 
ATOM   703  O O   . GLU A 1 103 ? -8.972  -11.311 -14.175 1.00 42.75  ? 80  GLU A O   1 
ATOM   704  C CB  . GLU A 1 103 ? -11.729 -10.235 -13.035 1.00 47.58  ? 80  GLU A CB  1 
ATOM   705  C CG  . GLU A 1 103 ? -13.192 -10.500 -12.716 1.00 54.07  ? 80  GLU A CG  1 
ATOM   706  C CD  . GLU A 1 103 ? -13.774 -11.649 -13.518 1.00 77.82  ? 80  GLU A CD  1 
ATOM   707  O OE1 . GLU A 1 103 ? -13.184 -12.016 -14.559 1.00 83.12  ? 80  GLU A OE1 1 
ATOM   708  O OE2 . GLU A 1 103 ? -14.824 -12.185 -13.107 1.00 85.03  ? 80  GLU A OE2 1 
ATOM   709  N N   . LYS A 1 104 ? -8.577  -10.353 -12.186 1.00 33.96  ? 81  LYS A N   1 
ATOM   710  C CA  . LYS A 1 104 ? -7.244  -9.901  -12.575 1.00 29.96  ? 81  LYS A CA  1 
ATOM   711  C C   . LYS A 1 104 ? -6.145  -10.765 -11.967 1.00 30.77  ? 81  LYS A C   1 
ATOM   712  O O   . LYS A 1 104 ? -4.962  -10.453 -12.098 1.00 34.85  ? 81  LYS A O   1 
ATOM   713  C CB  . LYS A 1 104 ? -7.040  -8.442  -12.177 1.00 32.46  ? 81  LYS A CB  1 
ATOM   714  C CG  . LYS A 1 104 ? -8.151  -7.513  -12.649 1.00 43.48  ? 81  LYS A CG  1 
ATOM   715  C CD  . LYS A 1 104 ? -8.208  -7.439  -14.166 1.00 50.56  ? 81  LYS A CD  1 
ATOM   716  C CE  . LYS A 1 104 ? -9.377  -6.584  -14.635 1.00 60.75  ? 81  LYS A CE  1 
ATOM   717  N NZ  . LYS A 1 104 ? -9.403  -6.441  -16.119 1.00 58.60  ? 81  LYS A NZ  1 
ATOM   718  N N   . GLU A 1 105 ? -6.553  -11.840 -11.296 1.00 29.06  ? 82  GLU A N   1 
ATOM   719  C CA  . GLU A 1 105 ? -5.628  -12.799 -10.682 1.00 36.68  ? 82  GLU A CA  1 
ATOM   720  C C   . GLU A 1 105 ? -4.663  -12.187 -9.660  1.00 35.32  ? 82  GLU A C   1 
ATOM   721  O O   . GLU A 1 105 ? -3.531  -12.647 -9.499  1.00 33.62  ? 82  GLU A O   1 
ATOM   722  C CB  . GLU A 1 105 ? -4.867  -13.578 -11.760 1.00 41.49  ? 82  GLU A CB  1 
ATOM   723  C CG  . GLU A 1 105 ? -5.787  -14.370 -12.682 1.00 49.18  ? 82  GLU A CG  1 
ATOM   724  C CD  . GLU A 1 105 ? -5.035  -15.277 -13.635 1.00 64.67  ? 82  GLU A CD  1 
ATOM   725  O OE1 . GLU A 1 105 ? -3.985  -14.852 -14.166 1.00 65.01  ? 82  GLU A OE1 1 
ATOM   726  O OE2 . GLU A 1 105 ? -5.494  -16.418 -13.849 1.00 81.47  ? 82  GLU A OE2 1 
ATOM   727  N N   . VAL A 1 106 ? -5.112  -11.146 -8.971  1.00 31.57  ? 83  VAL A N   1 
ATOM   728  C CA  . VAL A 1 106 ? -4.306  -10.546 -7.914  1.00 28.71  ? 83  VAL A CA  1 
ATOM   729  C C   . VAL A 1 106 ? -4.385  -11.420 -6.663  1.00 23.13  ? 83  VAL A C   1 
ATOM   730  O O   . VAL A 1 106 ? -5.473  -11.815 -6.243  1.00 28.27  ? 83  VAL A O   1 
ATOM   731  C CB  . VAL A 1 106 ? -4.780  -9.119  -7.583  1.00 29.06  ? 83  VAL A CB  1 
ATOM   732  C CG1 . VAL A 1 106 ? -4.019  -8.565  -6.371  1.00 29.63  ? 83  VAL A CG1 1 
ATOM   733  C CG2 . VAL A 1 106 ? -4.593  -8.209  -8.793  1.00 27.11  ? 83  VAL A CG2 1 
ATOM   734  N N   . ASP A 1 107 ? -3.236  -11.732 -6.078  1.00 26.87  ? 84  ASP A N   1 
ATOM   735  C CA  . ASP A 1 107 ? -3.212  -12.555 -4.871  1.00 29.61  ? 84  ASP A CA  1 
ATOM   736  C C   . ASP A 1 107 ? -3.304  -11.744 -3.582  1.00 31.04  ? 84  ASP A C   1 
ATOM   737  O O   . ASP A 1 107 ? -3.986  -12.148 -2.639  1.00 32.00  ? 84  ASP A O   1 
ATOM   738  C CB  . ASP A 1 107 ? -1.959  -13.421 -4.849  1.00 26.68  ? 84  ASP A CB  1 
ATOM   739  C CG  . ASP A 1 107 ? -1.887  -14.341 -6.043  1.00 37.67  ? 84  ASP A CG  1 
ATOM   740  O OD1 . ASP A 1 107 ? -2.780  -15.206 -6.167  1.00 32.47  ? 84  ASP A OD1 1 
ATOM   741  O OD2 . ASP A 1 107 ? -0.958  -14.184 -6.860  1.00 30.34  ? 84  ASP A OD2 1 
ATOM   742  N N   . GLN A 1 108 ? -2.600  -10.617 -3.538  1.00 28.49  ? 85  GLN A N   1 
ATOM   743  C CA  . GLN A 1 108 ? -2.584  -9.775  -2.344  1.00 27.08  ? 85  GLN A CA  1 
ATOM   744  C C   . GLN A 1 108 ? -2.619  -8.302  -2.720  1.00 29.02  ? 85  GLN A C   1 
ATOM   745  O O   . GLN A 1 108 ? -1.969  -7.880  -3.677  1.00 26.45  ? 85  GLN A O   1 
ATOM   746  C CB  . GLN A 1 108 ? -1.329  -10.042 -1.501  1.00 24.85  ? 85  GLN A CB  1 
ATOM   747  C CG  . GLN A 1 108 ? -1.239  -11.454 -0.914  1.00 30.80  ? 85  GLN A CG  1 
ATOM   748  C CD  . GLN A 1 108 ? -2.268  -11.701 0.171   1.00 37.09  ? 85  GLN A CD  1 
ATOM   749  O OE1 . GLN A 1 108 ? -2.461  -10.870 1.056   1.00 33.12  ? 85  GLN A OE1 1 
ATOM   750  N NE2 . GLN A 1 108 ? -2.944  -12.842 0.100   1.00 39.29  ? 85  GLN A NE2 1 
ATOM   751  N N   . VAL A 1 109 ? -3.393  -7.533  -1.960  1.00 22.44  ? 86  VAL A N   1 
ATOM   752  C CA  . VAL A 1 109 ? -3.348  -6.082  -2.009  1.00 23.84  ? 86  VAL A CA  1 
ATOM   753  C C   . VAL A 1 109 ? -2.830  -5.612  -0.658  1.00 24.06  ? 86  VAL A C   1 
ATOM   754  O O   . VAL A 1 109 ? -3.413  -5.926  0.382   1.00 24.06  ? 86  VAL A O   1 
ATOM   755  C CB  . VAL A 1 109 ? -4.743  -5.476  -2.242  1.00 24.99  ? 86  VAL A CB  1 
ATOM   756  C CG1 . VAL A 1 109 ? -4.669  -3.954  -2.210  1.00 24.34  ? 86  VAL A CG1 1 
ATOM   757  C CG2 . VAL A 1 109 ? -5.329  -5.966  -3.567  1.00 25.07  ? 86  VAL A CG2 1 
ATOM   758  N N   . ILE A 1 110 ? -1.721  -4.885  -0.666  1.00 20.61  ? 87  ILE A N   1 
ATOM   759  C CA  . ILE A 1 110 ? -1.132  -4.405  0.573   1.00 20.19  ? 87  ILE A CA  1 
ATOM   760  C C   . ILE A 1 110 ? -1.209  -2.890  0.640   1.00 23.83  ? 87  ILE A C   1 
ATOM   761  O O   . ILE A 1 110 ? -0.691  -2.196  -0.235  1.00 24.09  ? 87  ILE A O   1 
ATOM   762  C CB  . ILE A 1 110 ? 0.348   -4.818  0.699   1.00 19.78  ? 87  ILE A CB  1 
ATOM   763  C CG1 . ILE A 1 110 ? 0.524   -6.319  0.406   1.00 27.57  ? 87  ILE A CG1 1 
ATOM   764  C CG2 . ILE A 1 110 ? 0.881   -4.437  2.079   1.00 20.57  ? 87  ILE A CG2 1 
ATOM   765  C CD1 . ILE A 1 110 ? -0.233  -7.239  1.370   1.00 23.95  ? 87  ILE A CD1 1 
ATOM   766  N N   . VAL A 1 111 ? -1.853  -2.381  1.685   1.00 19.26  ? 88  VAL A N   1 
ATOM   767  C CA  . VAL A 1 111 ? -1.898  -0.946  1.931   1.00 17.76  ? 88  VAL A CA  1 
ATOM   768  C C   . VAL A 1 111 ? -0.853  -0.618  2.985   1.00 22.97  ? 88  VAL A C   1 
ATOM   769  O O   . VAL A 1 111 ? -0.910  -1.132  4.103   1.00 25.20  ? 88  VAL A O   1 
ATOM   770  C CB  . VAL A 1 111 ? -3.301  -0.495  2.428   1.00 20.26  ? 88  VAL A CB  1 
ATOM   771  C CG1 . VAL A 1 111 ? -3.290  1.001   2.775   1.00 21.19  ? 88  VAL A CG1 1 
ATOM   772  C CG2 . VAL A 1 111 ? -4.364  -0.801  1.377   1.00 23.04  ? 88  VAL A CG2 1 
ATOM   773  N N   . VAL A 1 112 ? 0.111   0.221   2.626   1.00 19.19  ? 89  VAL A N   1 
ATOM   774  C CA  . VAL A 1 112 ? 1.242   0.510   3.508   1.00 22.72  ? 89  VAL A CA  1 
ATOM   775  C C   . VAL A 1 112 ? 1.179   1.903   4.116   1.00 22.77  ? 89  VAL A C   1 
ATOM   776  O O   . VAL A 1 112 ? 1.036   2.894   3.400   1.00 22.20  ? 89  VAL A O   1 
ATOM   777  C CB  . VAL A 1 112 ? 2.588   0.399   2.742   1.00 25.54  ? 89  VAL A CB  1 
ATOM   778  C CG1 . VAL A 1 112 ? 3.758   0.737   3.662   1.00 28.69  ? 89  VAL A CG1 1 
ATOM   779  C CG2 . VAL A 1 112 ? 2.748   -0.985  2.146   1.00 29.66  ? 89  VAL A CG2 1 
ATOM   780  N N   . THR A 1 113 ? 1.285   1.980   5.441   1.00 17.33  ? 90  THR A N   1 
ATOM   781  C CA  . THR A 1 113 ? 1.497   3.252   6.118   1.00 18.09  ? 90  THR A CA  1 
ATOM   782  C C   . THR A 1 113 ? 2.573   3.054   7.180   1.00 20.34  ? 90  THR A C   1 
ATOM   783  O O   . THR A 1 113 ? 2.970   1.926   7.452   1.00 20.46  ? 90  THR A O   1 
ATOM   784  C CB  . THR A 1 113 ? 0.236   3.752   6.843   1.00 23.45  ? 90  THR A CB  1 
ATOM   785  O OG1 . THR A 1 113 ? -0.003  2.939   8.002   1.00 22.38  ? 90  THR A OG1 1 
ATOM   786  C CG2 . THR A 1 113 ? -0.994  3.728   5.923   1.00 20.99  ? 90  THR A CG2 1 
ATOM   787  N N   . VAL A 1 114 ? 3.018   4.144   7.794   1.00 19.42  ? 91  VAL A N   1 
ATOM   788  C CA  . VAL A 1 114 ? 3.949   4.044   8.914   1.00 20.78  ? 91  VAL A CA  1 
ATOM   789  C C   . VAL A 1 114 ? 3.206   4.015   10.253  1.00 25.20  ? 91  VAL A C   1 
ATOM   790  O O   . VAL A 1 114 ? 3.832   4.034   11.308  1.00 21.77  ? 91  VAL A O   1 
ATOM   791  C CB  . VAL A 1 114 ? 4.961   5.207   8.926   1.00 19.25  ? 91  VAL A CB  1 
ATOM   792  C CG1 . VAL A 1 114 ? 5.743   5.254   7.596   1.00 19.32  ? 91  VAL A CG1 1 
ATOM   793  C CG2 . VAL A 1 114 ? 4.263   6.539   9.203   1.00 20.18  ? 91  VAL A CG2 1 
ATOM   794  N N   . ASP A 1 115 ? 1.873   3.976   10.213  1.00 18.30  ? 92  ASP A N   1 
ATOM   795  C CA  . ASP A 1 115 ? 1.088   4.032   11.449  1.00 20.39  ? 92  ASP A CA  1 
ATOM   796  C C   . ASP A 1 115 ? 1.158   2.709   12.210  1.00 20.15  ? 92  ASP A C   1 
ATOM   797  O O   . ASP A 1 115 ? 1.464   1.665   11.630  1.00 19.56  ? 92  ASP A O   1 
ATOM   798  C CB  . ASP A 1 115 ? -0.369  4.399   11.157  1.00 20.52  ? 92  ASP A CB  1 
ATOM   799  C CG  . ASP A 1 115 ? -0.491  5.641   10.278  1.00 24.08  ? 92  ASP A CG  1 
ATOM   800  O OD1 . ASP A 1 115 ? -0.081  6.731   10.725  1.00 23.09  ? 92  ASP A OD1 1 
ATOM   801  O OD2 . ASP A 1 115 ? -0.991  5.521   9.142   1.00 22.95  ? 92  ASP A OD2 1 
ATOM   802  N N   . ASN A 1 116 ? 0.870   2.755   13.508  1.00 23.78  ? 93  ASN A N   1 
ATOM   803  C CA  . ASN A 1 116 ? 0.911   1.538   14.315  1.00 20.76  ? 93  ASN A CA  1 
ATOM   804  C C   . ASN A 1 116 ? -0.133  0.541   13.797  1.00 19.12  ? 93  ASN A C   1 
ATOM   805  O O   . ASN A 1 116 ? -1.143  0.947   13.220  1.00 21.55  ? 93  ASN A O   1 
ATOM   806  C CB  . ASN A 1 116 ? 0.762   1.864   15.819  1.00 21.02  ? 93  ASN A CB  1 
ATOM   807  C CG  . ASN A 1 116 ? -0.685  1.970   16.269  1.00 18.28  ? 93  ASN A CG  1 
ATOM   808  O OD1 . ASN A 1 116 ? -1.418  0.987   16.255  1.00 20.02  ? 93  ASN A OD1 1 
ATOM   809  N ND2 . ASN A 1 116 ? -1.088  3.160   16.709  1.00 17.41  ? 93  ASN A ND2 1 
ATOM   810  N N   . PRO A 1 117 ? 0.117   -0.769  13.970  1.00 22.08  ? 94  PRO A N   1 
ATOM   811  C CA  . PRO A 1 117 ? -0.760  -1.773  13.352  1.00 19.39  ? 94  PRO A CA  1 
ATOM   812  C C   . PRO A 1 117 ? -2.168  -1.835  13.939  1.00 20.12  ? 94  PRO A C   1 
ATOM   813  O O   . PRO A 1 117 ? -3.083  -2.282  13.249  1.00 21.17  ? 94  PRO A O   1 
ATOM   814  C CB  . PRO A 1 117 ? -0.013  -3.096  13.584  1.00 24.71  ? 94  PRO A CB  1 
ATOM   815  C CG  . PRO A 1 117 ? 0.874   -2.833  14.762  1.00 25.79  ? 94  PRO A CG  1 
ATOM   816  C CD  . PRO A 1 117 ? 1.265   -1.381  14.665  1.00 22.66  ? 94  PRO A CD  1 
ATOM   817  N N   . PHE A 1 118 ? -2.345  -1.402  15.185  1.00 20.01  ? 95  PHE A N   1 
ATOM   818  C CA  . PHE A 1 118 ? -3.684  -1.325  15.760  1.00 20.24  ? 95  PHE A CA  1 
ATOM   819  C C   . PHE A 1 118 ? -4.498  -0.230  15.071  1.00 19.21  ? 95  PHE A C   1 
ATOM   820  O O   . PHE A 1 118 ? -5.666  -0.432  14.738  1.00 18.14  ? 95  PHE A O   1 
ATOM   821  C CB  . PHE A 1 118 ? -3.613  -1.087  17.277  1.00 19.06  ? 95  PHE A CB  1 
ATOM   822  C CG  . PHE A 1 118 ? -2.726  -2.077  17.990  1.00 19.03  ? 95  PHE A CG  1 
ATOM   823  C CD1 . PHE A 1 118 ? -3.220  -3.312  18.378  1.00 23.30  ? 95  PHE A CD1 1 
ATOM   824  C CD2 . PHE A 1 118 ? -1.391  -1.782  18.232  1.00 20.44  ? 95  PHE A CD2 1 
ATOM   825  C CE1 . PHE A 1 118 ? -2.400  -4.239  19.020  1.00 23.64  ? 95  PHE A CE1 1 
ATOM   826  C CE2 . PHE A 1 118 ? -0.560  -2.706  18.876  1.00 25.76  ? 95  PHE A CE2 1 
ATOM   827  C CZ  . PHE A 1 118 ? -1.070  -3.933  19.267  1.00 24.84  ? 95  PHE A CZ  1 
ATOM   828  N N   . ALA A 1 119 ? -3.884  0.930   14.864  1.00 19.52  ? 96  ALA A N   1 
ATOM   829  C CA  . ALA A 1 119 ? -4.563  2.018   14.169  1.00 18.93  ? 96  ALA A CA  1 
ATOM   830  C C   . ALA A 1 119 ? -4.873  1.618   12.726  1.00 17.27  ? 96  ALA A C   1 
ATOM   831  O O   . ALA A 1 119 ? -5.969  1.884   12.228  1.00 19.26  ? 96  ALA A O   1 
ATOM   832  C CB  . ALA A 1 119 ? -3.726  3.290   14.211  1.00 17.38  ? 96  ALA A CB  1 
ATOM   833  N N   . ASN A 1 120 ? -3.923  0.956   12.064  1.00 19.69  ? 97  ASN A N   1 
ATOM   834  C CA  . ASN A 1 120 ? -4.158  0.465   10.702  1.00 19.78  ? 97  ASN A CA  1 
ATOM   835  C C   . ASN A 1 120 ? -5.324  -0.510  10.616  1.00 26.58  ? 97  ASN A C   1 
ATOM   836  O O   . ASN A 1 120 ? -6.143  -0.430  9.701   1.00 18.93  ? 97  ASN A O   1 
ATOM   837  C CB  . ASN A 1 120 ? -2.900  -0.179  10.112  1.00 19.24  ? 97  ASN A CB  1 
ATOM   838  C CG  . ASN A 1 120 ? -1.919  0.850   9.580   1.00 25.34  ? 97  ASN A CG  1 
ATOM   839  O OD1 . ASN A 1 120 ? -2.282  2.002   9.353   1.00 21.71  ? 97  ASN A OD1 1 
ATOM   840  N ND2 . ASN A 1 120 ? -0.676  0.438   9.375   1.00 22.15  ? 97  ASN A ND2 1 
ATOM   841  N N   . GLN A 1 121 ? -5.403  -1.438  11.565  1.00 19.81  ? 98  GLN A N   1 
ATOM   842  C CA  . GLN A 1 121 ? -6.511  -2.391  11.565  1.00 18.30  ? 98  GLN A CA  1 
ATOM   843  C C   . GLN A 1 121 ? -7.848  -1.681  11.795  1.00 17.12  ? 98  GLN A C   1 
ATOM   844  O O   . GLN A 1 121 ? -8.847  -1.999  11.147  1.00 21.42  ? 98  GLN A O   1 
ATOM   845  C CB  . GLN A 1 121 ? -6.311  -3.486  12.623  1.00 20.66  ? 98  GLN A CB  1 
ATOM   846  C CG  . GLN A 1 121 ? -7.429  -4.530  12.625  1.00 22.87  ? 98  GLN A CG  1 
ATOM   847  C CD  . GLN A 1 121 ? -7.460  -5.349  13.904  1.00 27.70  ? 98  GLN A CD  1 
ATOM   848  O OE1 . GLN A 1 121 ? -7.216  -4.828  14.990  1.00 25.22  ? 98  GLN A OE1 1 
ATOM   849  N NE2 . GLN A 1 121 ? -7.742  -6.637  13.775  1.00 22.49  ? 98  GLN A NE2 1 
ATOM   850  N N   . ALA A 1 122 ? -7.873  -0.732  12.730  1.00 18.27  ? 99  ALA A N   1 
ATOM   851  C CA  . ALA A 1 122 ? -9.099  0.013   13.015  1.00 21.47  ? 99  ALA A CA  1 
ATOM   852  C C   . ALA A 1 122 ? -9.517  0.832   11.790  1.00 23.57  ? 99  ALA A C   1 
ATOM   853  O O   . ALA A 1 122 ? -10.703 0.973   11.495  1.00 20.88  ? 99  ALA A O   1 
ATOM   854  C CB  . ALA A 1 122 ? -8.904  0.926   14.220  1.00 19.54  ? 99  ALA A CB  1 
ATOM   855  N N   . TRP A 1 123 ? -8.530  1.359   11.075  1.00 19.32  ? 100 TRP A N   1 
ATOM   856  C CA  . TRP A 1 123 ? -8.788  2.098   9.834   1.00 19.82  ? 100 TRP A CA  1 
ATOM   857  C C   . TRP A 1 123 ? -9.420  1.186   8.783   1.00 19.02  ? 100 TRP A C   1 
ATOM   858  O O   . TRP A 1 123 ? -10.463 1.513   8.197   1.00 20.56  ? 100 TRP A O   1 
ATOM   859  C CB  . TRP A 1 123 ? -7.471  2.675   9.313   1.00 19.46  ? 100 TRP A CB  1 
ATOM   860  C CG  . TRP A 1 123 ? -7.601  3.661   8.183   1.00 20.68  ? 100 TRP A CG  1 
ATOM   861  C CD1 . TRP A 1 123 ? -8.611  4.559   7.973   1.00 19.88  ? 100 TRP A CD1 1 
ATOM   862  C CD2 . TRP A 1 123 ? -6.669  3.842   7.110   1.00 15.74  ? 100 TRP A CD2 1 
ATOM   863  N NE1 . TRP A 1 123 ? -8.354  5.300   6.830   1.00 19.67  ? 100 TRP A NE1 1 
ATOM   864  C CE2 . TRP A 1 123 ? -7.169  4.871   6.284   1.00 22.12  ? 100 TRP A CE2 1 
ATOM   865  C CE3 . TRP A 1 123 ? -5.451  3.234   6.773   1.00 18.13  ? 100 TRP A CE3 1 
ATOM   866  C CZ2 . TRP A 1 123 ? -6.494  5.309   5.143   1.00 21.52  ? 100 TRP A CZ2 1 
ATOM   867  C CZ3 . TRP A 1 123 ? -4.781  3.667   5.633   1.00 19.82  ? 100 TRP A CZ3 1 
ATOM   868  C CH2 . TRP A 1 123 ? -5.308  4.694   4.832   1.00 21.58  ? 100 TRP A CH2 1 
ATOM   869  N N   . ALA A 1 124 ? -8.785  0.036   8.550   1.00 18.10  ? 101 ALA A N   1 
ATOM   870  C CA  . ALA A 1 124 ? -9.311  -0.974  7.632   1.00 18.16  ? 101 ALA A CA  1 
ATOM   871  C C   . ALA A 1 124 ? -10.750 -1.352  7.979   1.00 25.12  ? 101 ALA A C   1 
ATOM   872  O O   . ALA A 1 124 ? -11.620 -1.382  7.108   1.00 21.17  ? 101 ALA A O   1 
ATOM   873  C CB  . ALA A 1 124 ? -8.419  -2.221  7.634   1.00 19.45  ? 101 ALA A CB  1 
ATOM   874  N N   . LYS A 1 125 ? -11.006 -1.634  9.252   1.00 20.67  ? 102 LYS A N   1 
ATOM   875  C CA  . LYS A 1 125 ? -12.370 -1.950  9.679   1.00 20.74  ? 102 LYS A CA  1 
ATOM   876  C C   . LYS A 1 125 ? -13.335 -0.801  9.381   1.00 24.85  ? 102 LYS A C   1 
ATOM   877  O O   . LYS A 1 125 ? -14.454 -1.032  8.913   1.00 23.95  ? 102 LYS A O   1 
ATOM   878  C CB  . LYS A 1 125 ? -12.414 -2.312  11.172  1.00 23.50  ? 102 LYS A CB  1 
ATOM   879  C CG  . LYS A 1 125 ? -11.766 -3.654  11.505  1.00 27.31  ? 102 LYS A CG  1 
ATOM   880  C CD  . LYS A 1 125 ? -11.928 -3.990  12.992  1.00 33.87  ? 102 LYS A CD  1 
ATOM   881  C CE  . LYS A 1 125 ? -11.336 -5.353  13.321  1.00 42.27  ? 102 LYS A CE  1 
ATOM   882  N NZ  . LYS A 1 125 ? -11.536 -5.731  14.752  1.00 46.34  ? 102 LYS A NZ  1 
ATOM   883  N N   . SER A 1 126 ? -12.899 0.433   9.630   1.00 23.02  ? 103 SER A N   1 
ATOM   884  C CA  . SER A 1 126 ? -13.748 1.600   9.381   1.00 22.41  ? 103 SER A CA  1 
ATOM   885  C C   . SER A 1 126 ? -14.047 1.748   7.891   1.00 26.11  ? 103 SER A C   1 
ATOM   886  O O   . SER A 1 126 ? -15.061 2.322   7.505   1.00 24.43  ? 103 SER A O   1 
ATOM   887  C CB  . SER A 1 126 ? -13.098 2.887   9.911   1.00 25.71  ? 103 SER A CB  1 
ATOM   888  O OG  . SER A 1 126 ? -12.070 3.348   9.035   1.00 24.08  ? 103 SER A OG  1 
ATOM   889  N N   . LEU A 1 127 ? -13.149 1.230   7.061   1.00 20.88  ? 104 LEU A N   1 
ATOM   890  C CA  . LEU A 1 127 ? -13.297 1.299   5.612   1.00 22.50  ? 104 LEU A CA  1 
ATOM   891  C C   . LEU A 1 127 ? -14.075 0.108   5.044   1.00 31.51  ? 104 LEU A C   1 
ATOM   892  O O   . LEU A 1 127 ? -14.240 -0.019  3.828   1.00 25.53  ? 104 LEU A O   1 
ATOM   893  C CB  . LEU A 1 127 ? -11.914 1.377   4.967   1.00 18.82  ? 104 LEU A CB  1 
ATOM   894  C CG  . LEU A 1 127 ? -11.211 2.727   5.136   1.00 22.60  ? 104 LEU A CG  1 
ATOM   895  C CD1 . LEU A 1 127 ? -9.764  2.652   4.645   1.00 21.79  ? 104 LEU A CD1 1 
ATOM   896  C CD2 . LEU A 1 127 ? -11.990 3.803   4.384   1.00 25.85  ? 104 LEU A CD2 1 
ATOM   897  N N   . GLY A 1 128 ? -14.539 -0.769  5.928   1.00 27.82  ? 105 GLY A N   1 
ATOM   898  C CA  . GLY A 1 128 ? -15.370 -1.886  5.523   1.00 28.53  ? 105 GLY A CA  1 
ATOM   899  C C   . GLY A 1 128 ? -14.623 -3.163  5.179   1.00 32.39  ? 105 GLY A C   1 
ATOM   900  O O   . GLY A 1 128 ? -15.191 -4.054  4.557   1.00 31.20  ? 105 GLY A O   1 
ATOM   901  N N   . VAL A 1 129 ? -13.356 -3.268  5.573   1.00 22.99  ? 106 VAL A N   1 
ATOM   902  C CA  . VAL A 1 129 ? -12.625 -4.512  5.360   1.00 23.78  ? 106 VAL A CA  1 
ATOM   903  C C   . VAL A 1 129 ? -13.131 -5.557  6.358   1.00 32.33  ? 106 VAL A C   1 
ATOM   904  O O   . VAL A 1 129 ? -13.093 -5.329  7.564   1.00 26.72  ? 106 VAL A O   1 
ATOM   905  C CB  . VAL A 1 129 ? -11.108 -4.332  5.553   1.00 22.51  ? 106 VAL A CB  1 
ATOM   906  C CG1 . VAL A 1 129 ? -10.388 -5.672  5.409   1.00 23.43  ? 106 VAL A CG1 1 
ATOM   907  C CG2 . VAL A 1 129 ? -10.556 -3.295  4.557   1.00 24.79  ? 106 VAL A CG2 1 
ATOM   908  N N   . LYS A 1 130 ? -13.593 -6.697  5.850   1.00 28.81  ? 107 LYS A N   1 
ATOM   909  C CA  . LYS A 1 130 ? -14.184 -7.744  6.685   1.00 34.66  ? 107 LYS A CA  1 
ATOM   910  C C   . LYS A 1 130 ? -13.255 -8.933  6.829   1.00 30.85  ? 107 LYS A C   1 
ATOM   911  O O   . LYS A 1 130 ? -13.431 -9.775  7.713   1.00 28.86  ? 107 LYS A O   1 
ATOM   912  C CB  . LYS A 1 130 ? -15.494 -8.244  6.069   1.00 35.17  ? 107 LYS A CB  1 
ATOM   913  C CG  . LYS A 1 130 ? -16.564 -7.184  5.885   1.00 40.01  ? 107 LYS A CG  1 
ATOM   914  C CD  . LYS A 1 130 ? -16.914 -6.520  7.199   1.00 43.95  ? 107 LYS A CD  1 
ATOM   915  C CE  . LYS A 1 130 ? -18.008 -5.477  7.008   1.00 57.61  ? 107 LYS A CE  1 
ATOM   916  N NZ  . LYS A 1 130 ? -18.239 -4.679  8.244   1.00 58.52  ? 107 LYS A NZ  1 
ATOM   917  N N   . ASP A 1 131 ? -12.272 -9.012  5.943   1.00 24.55  ? 108 ASP A N   1 
ATOM   918  C CA  . ASP A 1 131 ? -11.408 -10.175 5.883   1.00 27.90  ? 108 ASP A CA  1 
ATOM   919  C C   . ASP A 1 131 ? -10.075 -9.813  5.247   1.00 30.83  ? 108 ASP A C   1 
ATOM   920  O O   . ASP A 1 131 ? -10.043 -9.206  4.180   1.00 30.92  ? 108 ASP A O   1 
ATOM   921  C CB  . ASP A 1 131 ? -12.090 -11.268 5.062   1.00 33.99  ? 108 ASP A CB  1 
ATOM   922  C CG  . ASP A 1 131 ? -11.438 -12.614 5.236   1.00 50.80  ? 108 ASP A CG  1 
ATOM   923  O OD1 . ASP A 1 131 ? -10.477 -12.898 4.501   1.00 49.25  ? 108 ASP A OD1 1 
ATOM   924  O OD2 . ASP A 1 131 ? -11.884 -13.389 6.112   1.00 73.17  ? 108 ASP A OD2 1 
ATOM   925  N N   . THR A 1 132 ? -8.978  -10.203 5.891   1.00 27.18  ? 109 THR A N   1 
ATOM   926  C CA  . THR A 1 132 ? -7.648  -9.861  5.399   1.00 27.51  ? 109 THR A CA  1 
ATOM   927  C C   . THR A 1 132 ? -6.982  -10.946 4.545   1.00 26.70  ? 109 THR A C   1 
ATOM   928  O O   . THR A 1 132 ? -5.772  -10.902 4.319   1.00 27.53  ? 109 THR A O   1 
ATOM   929  C CB  . THR A 1 132 ? -6.697  -9.481  6.556   1.00 27.83  ? 109 THR A CB  1 
ATOM   930  O OG1 . THR A 1 132 ? -6.792  -10.466 7.593   1.00 28.50  ? 109 THR A OG1 1 
ATOM   931  C CG2 . THR A 1 132 ? -7.065  -8.104  7.121   1.00 23.10  ? 109 THR A CG2 1 
ATOM   932  N N   . THR A 1 133 ? -7.761  -11.906 4.060   1.00 24.21  ? 110 THR A N   1 
ATOM   933  C CA  . THR A 1 133 ? -7.187  -12.970 3.235   1.00 27.18  ? 110 THR A CA  1 
ATOM   934  C C   . THR A 1 133 ? -6.420  -12.418 2.031   1.00 26.16  ? 110 THR A C   1 
ATOM   935  O O   . THR A 1 133 ? -5.300  -12.855 1.758   1.00 29.71  ? 110 THR A O   1 
ATOM   936  C CB  . THR A 1 133 ? -8.262  -13.961 2.737   1.00 38.72  ? 110 THR A CB  1 
ATOM   937  O OG1 . THR A 1 133 ? -8.955  -14.518 3.862   1.00 37.02  ? 110 THR A OG1 1 
ATOM   938  C CG2 . THR A 1 133 ? -7.624  -15.085 1.928   1.00 36.54  ? 110 THR A CG2 1 
ATOM   939  N N   . HIS A 1 134 ? -7.014  -11.447 1.337   1.00 26.42  ? 111 HIS A N   1 
ATOM   940  C CA  . HIS A 1 134 ? -6.405  -10.883 0.124   1.00 30.49  ? 111 HIS A CA  1 
ATOM   941  C C   . HIS A 1 134 ? -6.051  -9.401  0.236   1.00 32.23  ? 111 HIS A C   1 
ATOM   942  O O   . HIS A 1 134 ? -5.506  -8.819  -0.697  1.00 26.12  ? 111 HIS A O   1 
ATOM   943  C CB  . HIS A 1 134 ? -7.321  -11.093 -1.086  1.00 25.95  ? 111 HIS A CB  1 
ATOM   944  C CG  . HIS A 1 134 ? -7.547  -12.536 -1.425  1.00 28.47  ? 111 HIS A CG  1 
ATOM   945  N ND1 . HIS A 1 134 ? -6.572  -13.328 -1.987  1.00 37.18  ? 111 HIS A ND1 1 
ATOM   946  C CD2 . HIS A 1 134 ? -8.637  -13.327 -1.277  1.00 37.35  ? 111 HIS A CD2 1 
ATOM   947  C CE1 . HIS A 1 134 ? -7.049  -14.548 -2.172  1.00 37.09  ? 111 HIS A CE1 1 
ATOM   948  N NE2 . HIS A 1 134 ? -8.300  -14.572 -1.750  1.00 34.03  ? 111 HIS A NE2 1 
ATOM   949  N N   . ILE A 1 135 ? -6.375  -8.783  1.366   1.00 24.99  ? 112 ILE A N   1 
ATOM   950  C CA  . ILE A 1 135 ? -6.004  -7.388  1.581   1.00 23.43  ? 112 ILE A CA  1 
ATOM   951  C C   . ILE A 1 135 ? -5.473  -7.199  2.995   1.00 26.25  ? 112 ILE A C   1 
ATOM   952  O O   . ILE A 1 135 ? -6.087  -7.635  3.967   1.00 27.00  ? 112 ILE A O   1 
ATOM   953  C CB  . ILE A 1 135 ? -7.162  -6.397  1.267   1.00 23.29  ? 112 ILE A CB  1 
ATOM   954  C CG1 . ILE A 1 135 ? -6.672  -4.945  1.363   1.00 24.48  ? 112 ILE A CG1 1 
ATOM   955  C CG2 . ILE A 1 135 ? -8.367  -6.631  2.180   1.00 26.85  ? 112 ILE A CG2 1 
ATOM   956  C CD1 . ILE A 1 135 ? -7.652  -3.930  0.805   1.00 27.98  ? 112 ILE A CD1 1 
ATOM   957  N N   . LYS A 1 136 ? -4.311  -6.573  3.107   1.00 22.29  ? 113 LYS A N   1 
ATOM   958  C CA  . LYS A 1 136 ? -3.691  -6.370  4.409   1.00 25.41  ? 113 LYS A CA  1 
ATOM   959  C C   . LYS A 1 136 ? -3.214  -4.937  4.564   1.00 25.29  ? 113 LYS A C   1 
ATOM   960  O O   . LYS A 1 136 ? -2.612  -4.366  3.650   1.00 24.67  ? 113 LYS A O   1 
ATOM   961  C CB  . LYS A 1 136 ? -2.523  -7.346  4.588   1.00 24.61  ? 113 LYS A CB  1 
ATOM   962  C CG  . LYS A 1 136 ? -2.952  -8.823  4.600   1.00 24.96  ? 113 LYS A CG  1 
ATOM   963  C CD  . LYS A 1 136 ? -1.761  -9.757  4.462   1.00 29.11  ? 113 LYS A CD  1 
ATOM   964  C CE  . LYS A 1 136 ? -2.172  -11.222 4.657   1.00 26.29  ? 113 LYS A CE  1 
ATOM   965  N NZ  . LYS A 1 136 ? -3.179  -11.676 3.650   1.00 25.10  ? 113 LYS A NZ  1 
ATOM   966  N N   . PHE A 1 137 ? -3.485  -4.354  5.725   1.00 20.59  ? 114 PHE A N   1 
ATOM   967  C CA  . PHE A 1 137 ? -3.031  -3.004  6.021   1.00 22.42  ? 114 PHE A CA  1 
ATOM   968  C C   . PHE A 1 137 ? -1.728  -3.088  6.810   1.00 29.88  ? 114 PHE A C   1 
ATOM   969  O O   . PHE A 1 137 ? -1.721  -3.360  8.012   1.00 27.09  ? 114 PHE A O   1 
ATOM   970  C CB  . PHE A 1 137 ? -4.109  -2.213  6.774   1.00 20.75  ? 114 PHE A CB  1 
ATOM   971  C CG  . PHE A 1 137 ? -5.209  -1.673  5.883   1.00 21.90  ? 114 PHE A CG  1 
ATOM   972  C CD1 . PHE A 1 137 ? -5.919  -2.515  5.033   1.00 20.88  ? 114 PHE A CD1 1 
ATOM   973  C CD2 . PHE A 1 137 ? -5.540  -0.325  5.909   1.00 20.35  ? 114 PHE A CD2 1 
ATOM   974  C CE1 . PHE A 1 137 ? -6.935  -2.019  4.212   1.00 23.06  ? 114 PHE A CE1 1 
ATOM   975  C CE2 . PHE A 1 137 ? -6.561  0.179   5.100   1.00 21.50  ? 114 PHE A CE2 1 
ATOM   976  C CZ  . PHE A 1 137 ? -7.257  -0.671  4.249   1.00 18.27  ? 114 PHE A CZ  1 
ATOM   977  N N   . ALA A 1 138 ? -0.626  -2.859  6.107   1.00 23.94  ? 115 ALA A N   1 
ATOM   978  C CA  . ALA A 1 138 ? 0.709   -3.081  6.640   1.00 23.49  ? 115 ALA A CA  1 
ATOM   979  C C   . ALA A 1 138 ? 1.292   -1.852  7.318   1.00 29.51  ? 115 ALA A C   1 
ATOM   980  O O   . ALA A 1 138 ? 1.099   -0.720  6.865   1.00 23.06  ? 115 ALA A O   1 
ATOM   981  C CB  . ALA A 1 138 ? 1.638   -3.532  5.516   1.00 21.53  ? 115 ALA A CB  1 
ATOM   982  N N   A SER A 1 139 ? 1.997   -2.085  8.420   0.63 21.00  ? 116 SER A N   1 
ATOM   983  N N   B SER A 1 139 ? 2.015   -2.087  8.405   0.37 21.08  ? 116 SER A N   1 
ATOM   984  C CA  A SER A 1 139 ? 2.773   -1.049  9.090   0.63 18.55  ? 116 SER A CA  1 
ATOM   985  C CA  B SER A 1 139 ? 2.760   -1.034  9.072   0.37 18.63  ? 116 SER A CA  1 
ATOM   986  C C   A SER A 1 139 ? 4.226   -1.158  8.661   0.63 23.95  ? 116 SER A C   1 
ATOM   987  C C   B SER A 1 139 ? 4.234   -1.143  8.705   0.37 23.97  ? 116 SER A C   1 
ATOM   988  O O   A SER A 1 139 ? 4.812   -2.238  8.734   0.63 24.97  ? 116 SER A O   1 
ATOM   989  O O   B SER A 1 139 ? 4.834   -2.208  8.849   0.37 24.88  ? 116 SER A O   1 
ATOM   990  C CB  A SER A 1 139 ? 2.710   -1.226  10.613  0.63 22.56  ? 116 SER A CB  1 
ATOM   991  C CB  B SER A 1 139 ? 2.601   -1.148  10.588  0.37 22.86  ? 116 SER A CB  1 
ATOM   992  O OG  A SER A 1 139 ? 1.401   -1.031  11.108  0.63 22.26  ? 116 SER A OG  1 
ATOM   993  O OG  B SER A 1 139 ? 3.333   -0.129  11.242  0.37 24.28  ? 116 SER A OG  1 
ATOM   994  N N   . ASP A 1 140 ? 4.805   -0.039  8.232   1.00 22.75  ? 117 ASP A N   1 
ATOM   995  C CA  . ASP A 1 140 ? 6.228   0.038   7.877   1.00 21.86  ? 117 ASP A CA  1 
ATOM   996  C C   . ASP A 1 140 ? 6.894   0.936   8.912   1.00 23.68  ? 117 ASP A C   1 
ATOM   997  O O   . ASP A 1 140 ? 7.040   2.137   8.694   1.00 25.40  ? 117 ASP A O   1 
ATOM   998  C CB  . ASP A 1 140 ? 6.369   0.639   6.461   1.00 21.99  ? 117 ASP A CB  1 
ATOM   999  C CG  . ASP A 1 140 ? 7.824   0.836   6.019   1.00 30.44  ? 117 ASP A CG  1 
ATOM   1000 O OD1 . ASP A 1 140 ? 8.728   0.106   6.488   1.00 25.97  ? 117 ASP A OD1 1 
ATOM   1001 O OD2 . ASP A 1 140 ? 8.059   1.729   5.173   1.00 24.31  ? 117 ASP A OD2 1 
ATOM   1002 N N   . PRO A 1 141 ? 7.271   0.364   10.075  1.00 28.92  ? 118 PRO A N   1 
ATOM   1003 C CA  . PRO A 1 141 ? 7.705   1.184   11.212  1.00 30.45  ? 118 PRO A CA  1 
ATOM   1004 C C   . PRO A 1 141 ? 8.900   2.062   10.866  1.00 24.28  ? 118 PRO A C   1 
ATOM   1005 O O   . PRO A 1 141 ? 9.876   1.587   10.280  1.00 27.60  ? 118 PRO A O   1 
ATOM   1006 C CB  . PRO A 1 141 ? 8.099   0.144   12.276  1.00 33.78  ? 118 PRO A CB  1 
ATOM   1007 C CG  . PRO A 1 141 ? 7.403   -1.096  11.878  1.00 39.98  ? 118 PRO A CG  1 
ATOM   1008 C CD  . PRO A 1 141 ? 7.351   -1.075  10.376  1.00 29.00  ? 118 PRO A CD  1 
ATOM   1009 N N   . GLY A 1 142 ? 8.796   3.341   11.202  1.00 24.07  ? 119 GLY A N   1 
ATOM   1010 C CA  . GLY A 1 142 ? 9.843   4.297   10.913  1.00 29.88  ? 119 GLY A CA  1 
ATOM   1011 C C   . GLY A 1 142 ? 10.048  4.554   9.430   1.00 29.87  ? 119 GLY A C   1 
ATOM   1012 O O   . GLY A 1 142 ? 11.055  5.148   9.053   1.00 27.14  ? 119 GLY A O   1 
ATOM   1013 N N   . CYS A 1 143 ? 9.111   4.098   8.596   1.00 26.27  ? 120 CYS A N   1 
ATOM   1014 C CA  . CYS A 1 143 ? 9.180   4.318   7.144   1.00 24.50  ? 120 CYS A CA  1 
ATOM   1015 C C   . CYS A 1 143 ? 10.405  3.654   6.508   1.00 28.98  ? 120 CYS A C   1 
ATOM   1016 O O   . CYS A 1 143 ? 10.866  4.077   5.446   1.00 27.72  ? 120 CYS A O   1 
ATOM   1017 C CB  . CYS A 1 143 ? 9.178   5.823   6.829   1.00 22.13  ? 120 CYS A CB  1 
ATOM   1018 S SG  . CYS A 1 143 ? 8.595   6.252   5.152   1.00 26.29  ? 120 CYS A SG  1 
ATOM   1019 N N   . ALA A 1 144 ? 10.922  2.603   7.144   1.00 27.64  ? 121 ALA A N   1 
ATOM   1020 C CA  . ALA A 1 144 ? 12.179  1.985   6.706   1.00 29.15  ? 121 ALA A CA  1 
ATOM   1021 C C   . ALA A 1 144 ? 12.128  1.434   5.278   1.00 25.03  ? 121 ALA A C   1 
ATOM   1022 O O   . ALA A 1 144 ? 12.972  1.774   4.448   1.00 26.79  ? 121 ALA A O   1 
ATOM   1023 C CB  . ALA A 1 144 ? 12.632  0.895   7.700   1.00 30.14  ? 121 ALA A CB  1 
ATOM   1024 N N   . PHE A 1 145 ? 11.142  0.594   4.982   1.00 22.86  ? 122 PHE A N   1 
ATOM   1025 C CA  . PHE A 1 145 ? 11.035  0.037   3.638   1.00 24.45  ? 122 PHE A CA  1 
ATOM   1026 C C   . PHE A 1 145 ? 10.731  1.103   2.584   1.00 30.45  ? 122 PHE A C   1 
ATOM   1027 O O   . PHE A 1 145 ? 11.342  1.127   1.509   1.00 25.41  ? 122 PHE A O   1 
ATOM   1028 C CB  . PHE A 1 145 ? 9.975   -1.059  3.558   1.00 23.20  ? 122 PHE A CB  1 
ATOM   1029 C CG  . PHE A 1 145 ? 9.699   -1.506  2.150   1.00 30.21  ? 122 PHE A CG  1 
ATOM   1030 C CD1 . PHE A 1 145 ? 10.625  -2.275  1.463   1.00 31.99  ? 122 PHE A CD1 1 
ATOM   1031 C CD2 . PHE A 1 145 ? 8.533   -1.126  1.499   1.00 27.67  ? 122 PHE A CD2 1 
ATOM   1032 C CE1 . PHE A 1 145 ? 10.387  -2.676  0.153   1.00 29.05  ? 122 PHE A CE1 1 
ATOM   1033 C CE2 . PHE A 1 145 ? 8.290   -1.522  0.191   1.00 32.46  ? 122 PHE A CE2 1 
ATOM   1034 C CZ  . PHE A 1 145 ? 9.217   -2.298  -0.480  1.00 36.53  ? 122 PHE A CZ  1 
ATOM   1035 N N   . THR A 1 146 ? 9.779   1.973   2.901   1.00 24.36  ? 123 THR A N   1 
ATOM   1036 C CA  . THR A 1 146 ? 9.332   3.011   1.976   1.00 24.45  ? 123 THR A CA  1 
ATOM   1037 C C   . THR A 1 146 ? 10.449  4.011   1.657   1.00 26.94  ? 123 THR A C   1 
ATOM   1038 O O   . THR A 1 146 ? 10.608  4.433   0.508   1.00 25.31  ? 123 THR A O   1 
ATOM   1039 C CB  . THR A 1 146 ? 8.068   3.719   2.517   1.00 23.25  ? 123 THR A CB  1 
ATOM   1040 O OG1 . THR A 1 146 ? 7.035   2.743   2.717   1.00 25.26  ? 123 THR A OG1 1 
ATOM   1041 C CG2 . THR A 1 146 ? 7.563   4.774   1.535   1.00 21.98  ? 123 THR A CG2 1 
ATOM   1042 N N   . LYS A 1 147 ? 11.239  4.372   2.663   1.00 23.71  ? 124 LYS A N   1 
ATOM   1043 C CA  . LYS A 1 147 ? 12.413  5.210   2.424   1.00 27.72  ? 124 LYS A CA  1 
ATOM   1044 C C   . LYS A 1 147 ? 13.425  4.496   1.528   1.00 26.19  ? 124 LYS A C   1 
ATOM   1045 O O   . LYS A 1 147 ? 14.104  5.139   0.722   1.00 27.72  ? 124 LYS A O   1 
ATOM   1046 C CB  . LYS A 1 147 ? 13.084  5.627   3.739   1.00 27.79  ? 124 LYS A CB  1 
ATOM   1047 C CG  . LYS A 1 147 ? 12.349  6.725   4.494   1.00 35.63  ? 124 LYS A CG  1 
ATOM   1048 C CD  . LYS A 1 147 ? 12.884  6.900   5.912   1.00 40.38  ? 124 LYS A CD  1 
ATOM   1049 C CE  . LYS A 1 147 ? 14.291  7.471   5.933   1.00 47.19  ? 124 LYS A CE  1 
ATOM   1050 N NZ  . LYS A 1 147 ? 14.797  7.601   7.334   1.00 51.05  ? 124 LYS A NZ  1 
ATOM   1051 N N   . SER A 1 148 ? 13.518  3.174   1.667   1.00 27.78  ? 125 SER A N   1 
ATOM   1052 C CA  . SER A 1 148 ? 14.489  2.390   0.911   1.00 30.63  ? 125 SER A CA  1 
ATOM   1053 C C   . SER A 1 148 ? 14.209  2.404   -0.588  1.00 40.55  ? 125 SER A C   1 
ATOM   1054 O O   . SER A 1 148 ? 15.125  2.227   -1.391  1.00 31.44  ? 125 SER A O   1 
ATOM   1055 C CB  . SER A 1 148 ? 14.573  0.946   1.429   1.00 26.83  ? 125 SER A CB  1 
ATOM   1056 O OG  . SER A 1 148 ? 13.575  0.106   0.860   1.00 28.18  ? 125 SER A OG  1 
ATOM   1057 N N   . ILE A 1 149 ? 12.952  2.612   -0.968  1.00 26.98  ? 126 ILE A N   1 
ATOM   1058 C CA  . ILE A 1 149 ? 12.610  2.701   -2.385  1.00 27.70  ? 126 ILE A CA  1 
ATOM   1059 C C   . ILE A 1 149 ? 12.365  4.141   -2.831  1.00 29.04  ? 126 ILE A C   1 
ATOM   1060 O O   . ILE A 1 149 ? 11.976  4.383   -3.971  1.00 28.32  ? 126 ILE A O   1 
ATOM   1061 C CB  . ILE A 1 149 ? 11.405  1.815   -2.754  1.00 33.38  ? 126 ILE A CB  1 
ATOM   1062 C CG1 . ILE A 1 149 ? 10.149  2.264   -2.001  1.00 25.96  ? 126 ILE A CG1 1 
ATOM   1063 C CG2 . ILE A 1 149 ? 11.720  0.346   -2.473  1.00 32.16  ? 126 ILE A CG2 1 
ATOM   1064 C CD1 . ILE A 1 149 ? 8.938   1.405   -2.280  1.00 26.28  ? 126 ILE A CD1 1 
ATOM   1065 N N   . GLY A 1 150 ? 12.599  5.089   -1.930  1.00 25.94  ? 127 GLY A N   1 
ATOM   1066 C CA  . GLY A 1 150 ? 12.503  6.504   -2.254  1.00 27.06  ? 127 GLY A CA  1 
ATOM   1067 C C   . GLY A 1 150 ? 11.091  7.058   -2.361  1.00 31.39  ? 127 GLY A C   1 
ATOM   1068 O O   . GLY A 1 150 ? 10.877  8.119   -2.954  1.00 25.58  ? 127 GLY A O   1 
ATOM   1069 N N   . PHE A 1 151 ? 10.125  6.355   -1.782  1.00 23.30  ? 128 PHE A N   1 
ATOM   1070 C CA  . PHE A 1 151 ? 8.720   6.764   -1.874  1.00 21.85  ? 128 PHE A CA  1 
ATOM   1071 C C   . PHE A 1 151 ? 8.215   7.418   -0.591  1.00 25.59  ? 128 PHE A C   1 
ATOM   1072 O O   . PHE A 1 151 ? 7.013   7.437   -0.330  1.00 22.46  ? 128 PHE A O   1 
ATOM   1073 C CB  . PHE A 1 151 ? 7.831   5.562   -2.206  1.00 24.59  ? 128 PHE A CB  1 
ATOM   1074 C CG  . PHE A 1 151 ? 7.831   5.177   -3.668  1.00 24.08  ? 128 PHE A CG  1 
ATOM   1075 C CD1 . PHE A 1 151 ? 8.528   5.927   -4.602  1.00 28.60  ? 128 PHE A CD1 1 
ATOM   1076 C CD2 . PHE A 1 151 ? 7.111   4.076   -4.103  1.00 23.61  ? 128 PHE A CD2 1 
ATOM   1077 C CE1 . PHE A 1 151 ? 8.515   5.578   -5.944  1.00 30.27  ? 128 PHE A CE1 1 
ATOM   1078 C CE2 . PHE A 1 151 ? 7.089   3.722   -5.445  1.00 27.73  ? 128 PHE A CE2 1 
ATOM   1079 C CZ  . PHE A 1 151 ? 7.795   4.477   -6.365  1.00 28.71  ? 128 PHE A CZ  1 
ATOM   1080 N N   . GLU A 1 152 ? 9.133   7.952   0.208   1.00 23.13  ? 129 GLU A N   1 
ATOM   1081 C CA  . GLU A 1 152 ? 8.783   8.532   1.498   1.00 22.26  ? 129 GLU A CA  1 
ATOM   1082 C C   . GLU A 1 152 ? 8.272   9.964   1.370   1.00 28.95  ? 129 GLU A C   1 
ATOM   1083 O O   . GLU A 1 152 ? 8.396   10.591  0.318   1.00 27.48  ? 129 GLU A O   1 
ATOM   1084 C CB  . GLU A 1 152 ? 9.998   8.503   2.436   1.00 24.28  ? 129 GLU A CB  1 
ATOM   1085 C CG  . GLU A 1 152 ? 11.022  9.617   2.184   1.00 21.53  ? 129 GLU A CG  1 
ATOM   1086 C CD  . GLU A 1 152 ? 11.965  9.325   1.018   1.00 32.85  ? 129 GLU A CD  1 
ATOM   1087 O OE1 . GLU A 1 152 ? 11.898  8.227   0.436   1.00 27.16  ? 129 GLU A OE1 1 
ATOM   1088 O OE2 . GLU A 1 152 ? 12.780  10.203  0.685   1.00 36.79  ? 129 GLU A OE2 1 
ATOM   1089 N N   . LEU A 1 153 ? 7.691   10.474  2.452   1.00 21.63  ? 130 LEU A N   1 
ATOM   1090 C CA  . LEU A 1 153 ? 7.270   11.867  2.535   1.00 23.05  ? 130 LEU A CA  1 
ATOM   1091 C C   . LEU A 1 153 ? 7.826   12.494  3.808   1.00 30.16  ? 130 LEU A C   1 
ATOM   1092 O O   . LEU A 1 153 ? 7.478   12.074  4.916   1.00 24.43  ? 130 LEU A O   1 
ATOM   1093 C CB  . LEU A 1 153 ? 5.739   11.973  2.534   1.00 22.22  ? 130 LEU A CB  1 
ATOM   1094 C CG  . LEU A 1 153 ? 5.140   13.347  2.865   1.00 28.69  ? 130 LEU A CG  1 
ATOM   1095 C CD1 . LEU A 1 153 ? 5.505   14.387  1.803   1.00 26.54  ? 130 LEU A CD1 1 
ATOM   1096 C CD2 . LEU A 1 153 ? 3.621   13.268  3.048   1.00 25.62  ? 130 LEU A CD2 1 
ATOM   1097 N N   . ALA A 1 154 ? 8.688   13.494  3.654   1.00 25.46  ? 131 ALA A N   1 
ATOM   1098 C CA  . ALA A 1 154 ? 9.244   14.200  4.809   1.00 26.56  ? 131 ALA A CA  1 
ATOM   1099 C C   . ALA A 1 154 ? 8.187   15.107  5.414   1.00 28.72  ? 131 ALA A C   1 
ATOM   1100 O O   . ALA A 1 154 ? 7.550   15.879  4.701   1.00 31.87  ? 131 ALA A O   1 
ATOM   1101 C CB  . ALA A 1 154 ? 10.472  15.019  4.397   1.00 31.19  ? 131 ALA A CB  1 
ATOM   1102 N N   . VAL A 1 155 ? 7.974   15.015  6.723   1.00 25.43  ? 132 VAL A N   1 
ATOM   1103 C CA  . VAL A 1 155 ? 6.964   15.874  7.348   1.00 21.65  ? 132 VAL A CA  1 
ATOM   1104 C C   . VAL A 1 155 ? 7.546   16.806  8.413   1.00 31.92  ? 132 VAL A C   1 
ATOM   1105 O O   . VAL A 1 155 ? 6.809   17.521  9.092   1.00 34.84  ? 132 VAL A O   1 
ATOM   1106 C CB  . VAL A 1 155 ? 5.780   15.065  7.928   1.00 27.55  ? 132 VAL A CB  1 
ATOM   1107 C CG1 . VAL A 1 155 ? 5.076   14.292  6.818   1.00 28.89  ? 132 VAL A CG1 1 
ATOM   1108 C CG2 . VAL A 1 155 ? 6.257   14.122  9.029   1.00 24.96  ? 132 VAL A CG2 1 
ATOM   1109 N N   . GLY A 1 156 ? 8.867   16.801  8.550   1.00 32.29  ? 133 GLY A N   1 
ATOM   1110 C CA  . GLY A 1 156 ? 9.530   17.740  9.433   1.00 33.74  ? 133 GLY A CA  1 
ATOM   1111 C C   . GLY A 1 156 ? 10.254  17.085  10.592  1.00 41.95  ? 133 GLY A C   1 
ATOM   1112 O O   . GLY A 1 156 ? 9.802   16.067  11.123  1.00 31.49  ? 133 GLY A O   1 
ATOM   1113 N N   . ASP A 1 157 ? 11.388  17.671  10.967  1.00 38.27  ? 134 ASP A N   1 
ATOM   1114 C CA  . ASP A 1 157 ? 12.143  17.259  12.150  1.00 33.29  ? 134 ASP A CA  1 
ATOM   1115 C C   . ASP A 1 157 ? 12.607  15.804  12.098  1.00 40.79  ? 134 ASP A C   1 
ATOM   1116 O O   . ASP A 1 157 ? 12.631  15.116  13.119  1.00 43.88  ? 134 ASP A O   1 
ATOM   1117 C CB  . ASP A 1 157 ? 11.322  17.520  13.417  1.00 44.66  ? 134 ASP A CB  1 
ATOM   1118 C CG  . ASP A 1 157 ? 10.903  18.977  13.548  1.00 58.05  ? 134 ASP A CG  1 
ATOM   1119 O OD1 . ASP A 1 157 ? 11.753  19.863  13.314  1.00 60.01  ? 134 ASP A OD1 1 
ATOM   1120 O OD2 . ASP A 1 157 ? 9.724   19.240  13.875  1.00 56.22  ? 134 ASP A OD2 1 
ATOM   1121 N N   . GLY A 1 158 ? 12.975  15.340  10.909  1.00 34.81  ? 135 GLY A N   1 
ATOM   1122 C CA  . GLY A 1 158 ? 13.483  13.989  10.751  1.00 33.32  ? 135 GLY A CA  1 
ATOM   1123 C C   . GLY A 1 158 ? 12.416  12.905  10.746  1.00 33.42  ? 135 GLY A C   1 
ATOM   1124 O O   . GLY A 1 158 ? 12.734  11.713  10.735  1.00 36.17  ? 135 GLY A O   1 
ATOM   1125 N N   . VAL A 1 159 ? 11.151  13.307  10.750  1.00 30.67  ? 136 VAL A N   1 
ATOM   1126 C CA  . VAL A 1 159 ? 10.056  12.339  10.700  1.00 26.89  ? 136 VAL A CA  1 
ATOM   1127 C C   . VAL A 1 159 ? 9.596   12.110  9.260   1.00 28.71  ? 136 VAL A C   1 
ATOM   1128 O O   . VAL A 1 159 ? 9.448   13.063  8.488   1.00 25.74  ? 136 VAL A O   1 
ATOM   1129 C CB  . VAL A 1 159 ? 8.864   12.789  11.569  1.00 27.72  ? 136 VAL A CB  1 
ATOM   1130 C CG1 . VAL A 1 159 ? 7.705   11.774  11.474  1.00 27.04  ? 136 VAL A CG1 1 
ATOM   1131 C CG2 . VAL A 1 159 ? 9.314   12.971  13.016  1.00 32.49  ? 136 VAL A CG2 1 
ATOM   1132 N N   . TYR A 1 160 ? 9.389   10.842  8.906   1.00 24.60  ? 137 TYR A N   1 
ATOM   1133 C CA  . TYR A 1 160 ? 8.926   10.462  7.572   1.00 23.38  ? 137 TYR A CA  1 
ATOM   1134 C C   . TYR A 1 160 ? 7.635   9.651   7.604   1.00 28.76  ? 137 TYR A C   1 
ATOM   1135 O O   . TYR A 1 160 ? 7.513   8.693   8.365   1.00 22.24  ? 137 TYR A O   1 
ATOM   1136 C CB  . TYR A 1 160 ? 10.000  9.644   6.858   1.00 22.93  ? 137 TYR A CB  1 
ATOM   1137 C CG  . TYR A 1 160 ? 11.235  10.458  6.566   1.00 35.32  ? 137 TYR A CG  1 
ATOM   1138 C CD1 . TYR A 1 160 ? 11.350  11.176  5.381   1.00 28.23  ? 137 TYR A CD1 1 
ATOM   1139 C CD2 . TYR A 1 160 ? 12.274  10.529  7.485   1.00 34.00  ? 137 TYR A CD2 1 
ATOM   1140 C CE1 . TYR A 1 160 ? 12.473  11.935  5.111   1.00 34.32  ? 137 TYR A CE1 1 
ATOM   1141 C CE2 . TYR A 1 160 ? 13.405  11.286  7.224   1.00 40.97  ? 137 TYR A CE2 1 
ATOM   1142 C CZ  . TYR A 1 160 ? 13.497  11.985  6.037   1.00 42.01  ? 137 TYR A CZ  1 
ATOM   1143 O OH  . TYR A 1 160 ? 14.612  12.737  5.771   1.00 50.22  ? 137 TYR A OH  1 
ATOM   1144 N N   . TRP A 1 161 ? 6.677   10.043  6.770   1.00 23.46  ? 138 TRP A N   1 
ATOM   1145 C CA  . TRP A 1 161 ? 5.491   9.236   6.521   1.00 20.27  ? 138 TRP A CA  1 
ATOM   1146 C C   . TRP A 1 161 ? 5.690   8.604   5.156   1.00 23.29  ? 138 TRP A C   1 
ATOM   1147 O O   . TRP A 1 161 ? 6.617   8.972   4.434   1.00 23.58  ? 138 TRP A O   1 
ATOM   1148 C CB  . TRP A 1 161 ? 4.232   10.112  6.517   1.00 20.76  ? 138 TRP A CB  1 
ATOM   1149 C CG  . TRP A 1 161 ? 3.894   10.729  7.858   1.00 21.89  ? 138 TRP A CG  1 
ATOM   1150 C CD1 . TRP A 1 161 ? 4.561   10.553  9.041   1.00 21.98  ? 138 TRP A CD1 1 
ATOM   1151 C CD2 . TRP A 1 161 ? 2.795   11.611  8.145   1.00 21.06  ? 138 TRP A CD2 1 
ATOM   1152 N NE1 . TRP A 1 161 ? 3.947   11.277  10.045  1.00 20.13  ? 138 TRP A NE1 1 
ATOM   1153 C CE2 . TRP A 1 161 ? 2.857   11.927  9.523   1.00 21.81  ? 138 TRP A CE2 1 
ATOM   1154 C CE3 . TRP A 1 161 ? 1.757   12.154  7.373   1.00 20.99  ? 138 TRP A CE3 1 
ATOM   1155 C CZ2 . TRP A 1 161 ? 1.937   12.773  10.140  1.00 22.73  ? 138 TRP A CZ2 1 
ATOM   1156 C CZ3 . TRP A 1 161 ? 0.837   12.990  7.989   1.00 25.11  ? 138 TRP A CZ3 1 
ATOM   1157 C CH2 . TRP A 1 161 ? 0.937   13.297  9.360   1.00 24.15  ? 138 TRP A CH2 1 
ATOM   1158 N N   . SER A 1 162 ? 4.844   7.651   4.791   1.00 19.65  ? 139 SER A N   1 
ATOM   1159 C CA  . SER A 1 162 ? 4.869   7.170   3.417   1.00 21.96  ? 139 SER A CA  1 
ATOM   1160 C C   . SER A 1 162 ? 4.391   8.314   2.534   1.00 22.97  ? 139 SER A C   1 
ATOM   1161 O O   . SER A 1 162 ? 3.620   9.164   2.978   1.00 19.97  ? 139 SER A O   1 
ATOM   1162 C CB  . SER A 1 162 ? 3.948   5.968   3.233   1.00 22.15  ? 139 SER A CB  1 
ATOM   1163 O OG  . SER A 1 162 ? 3.896   5.579   1.871   1.00 21.35  ? 139 SER A OG  1 
ATOM   1164 N N   . GLY A 1 163 ? 4.861   8.361   1.292   1.00 21.38  ? 140 GLY A N   1 
ATOM   1165 C CA  . GLY A 1 163 ? 4.204   9.211   0.313   1.00 21.46  ? 140 GLY A CA  1 
ATOM   1166 C C   . GLY A 1 163 ? 2.945   8.484   -0.131  1.00 24.36  ? 140 GLY A C   1 
ATOM   1167 O O   . GLY A 1 163 ? 2.534   7.502   0.497   1.00 21.42  ? 140 GLY A O   1 
ATOM   1168 N N   A ARG A 1 164 ? 2.308   8.967   -1.189  0.03 21.04  ? 141 ARG A N   1 
ATOM   1169 N N   B ARG A 1 164 ? 2.328   8.953   -1.212  0.97 20.94  ? 141 ARG A N   1 
ATOM   1170 C CA  A ARG A 1 164 ? 1.221   8.203   -1.782  0.03 20.56  ? 141 ARG A CA  1 
ATOM   1171 C CA  B ARG A 1 164 ? 1.204   8.229   -1.796  0.97 20.55  ? 141 ARG A CA  1 
ATOM   1172 C C   A ARG A 1 164 ? 1.670   7.618   -3.110  0.03 22.11  ? 141 ARG A C   1 
ATOM   1173 C C   B ARG A 1 164 ? 1.656   7.620   -3.119  0.97 22.25  ? 141 ARG A C   1 
ATOM   1174 O O   A ARG A 1 164 ? 2.088   8.342   -4.013  0.03 21.55  ? 141 ARG A O   1 
ATOM   1175 O O   B ARG A 1 164 ? 2.083   8.335   -4.024  0.97 21.55  ? 141 ARG A O   1 
ATOM   1176 C CB  A ARG A 1 164 ? -0.050  9.031   -1.958  0.03 18.65  ? 141 ARG A CB  1 
ATOM   1177 C CB  B ARG A 1 164 ? -0.027  9.129   -2.008  0.97 18.27  ? 141 ARG A CB  1 
ATOM   1178 C CG  A ARG A 1 164 ? -1.194  8.190   -2.494  0.03 19.48  ? 141 ARG A CG  1 
ATOM   1179 C CG  B ARG A 1 164 ? -1.306  8.318   -2.283  0.97 19.21  ? 141 ARG A CG  1 
ATOM   1180 C CD  A ARG A 1 164 ? -2.527  8.902   -2.436  0.03 19.40  ? 141 ARG A CD  1 
ATOM   1181 C CD  B ARG A 1 164 ? -2.548  9.212   -2.551  0.97 17.78  ? 141 ARG A CD  1 
ATOM   1182 N NE  A ARG A 1 164 ? -2.921  9.190   -1.064  0.03 20.26  ? 141 ARG A NE  1 
ATOM   1183 N NE  B ARG A 1 164 ? -2.671  10.261  -1.547  0.97 20.14  ? 141 ARG A NE  1 
ATOM   1184 C CZ  A ARG A 1 164 ? -3.171  10.412  -0.617  0.03 21.62  ? 141 ARG A CZ  1 
ATOM   1185 C CZ  B ARG A 1 164 ? -3.035  10.063  -0.282  0.97 22.19  ? 141 ARG A CZ  1 
ATOM   1186 N NH1 A ARG A 1 164 ? -3.072  11.438  -1.449  0.03 22.28  ? 141 ARG A NH1 1 
ATOM   1187 N NH1 B ARG A 1 164 ? -3.334  8.842   0.151   0.97 21.97  ? 141 ARG A NH1 1 
ATOM   1188 N NH2 A ARG A 1 164 ? -3.523  10.610  0.646   0.03 21.64  ? 141 ARG A NH2 1 
ATOM   1189 N NH2 B ARG A 1 164 ? -3.089  11.094  0.556   0.97 19.63  ? 141 ARG A NH2 1 
ATOM   1190 N N   . TRP A 1 165 ? 1.582   6.299   -3.218  1.00 18.83  ? 142 TRP A N   1 
ATOM   1191 C CA  . TRP A 1 165 ? 2.150   5.596   -4.353  1.00 21.11  ? 142 TRP A CA  1 
ATOM   1192 C C   . TRP A 1 165 ? 1.485   4.264   -4.568  1.00 22.59  ? 142 TRP A C   1 
ATOM   1193 O O   . TRP A 1 165 ? 0.747   3.774   -3.711  1.00 22.62  ? 142 TRP A O   1 
ATOM   1194 C CB  . TRP A 1 165 ? 3.656   5.376   -4.138  1.00 22.65  ? 142 TRP A CB  1 
ATOM   1195 C CG  . TRP A 1 165 ? 4.043   4.773   -2.792  1.00 20.81  ? 142 TRP A CG  1 
ATOM   1196 C CD1 . TRP A 1 165 ? 4.289   5.453   -1.634  1.00 21.07  ? 142 TRP A CD1 1 
ATOM   1197 C CD2 . TRP A 1 165 ? 4.260   3.381   -2.490  1.00 19.55  ? 142 TRP A CD2 1 
ATOM   1198 N NE1 . TRP A 1 165 ? 4.647   4.578   -0.633  1.00 20.37  ? 142 TRP A NE1 1 
ATOM   1199 C CE2 . TRP A 1 165 ? 4.633   3.303   -1.129  1.00 19.20  ? 142 TRP A CE2 1 
ATOM   1200 C CE3 . TRP A 1 165 ? 4.177   2.199   -3.238  1.00 23.23  ? 142 TRP A CE3 1 
ATOM   1201 C CZ2 . TRP A 1 165 ? 4.917   2.088   -0.496  1.00 19.88  ? 142 TRP A CZ2 1 
ATOM   1202 C CZ3 . TRP A 1 165 ? 4.463   0.989   -2.606  1.00 26.10  ? 142 TRP A CZ3 1 
ATOM   1203 C CH2 . TRP A 1 165 ? 4.830   0.948   -1.245  1.00 21.82  ? 142 TRP A CH2 1 
ATOM   1204 N N   . ALA A 1 166 ? 1.752   3.666   -5.722  1.00 18.69  ? 143 ALA A N   1 
ATOM   1205 C CA  . ALA A 1 166 ? 1.245   2.335   -5.987  1.00 19.34  ? 143 ALA A CA  1 
ATOM   1206 C C   . ALA A 1 166 ? 2.274   1.529   -6.757  1.00 25.62  ? 143 ALA A C   1 
ATOM   1207 O O   . ALA A 1 166 ? 3.127   2.082   -7.457  1.00 22.82  ? 143 ALA A O   1 
ATOM   1208 C CB  . ALA A 1 166 ? -0.081  2.395   -6.742  1.00 20.93  ? 143 ALA A CB  1 
ATOM   1209 N N   . MET A 1 167 ? 2.191   0.216   -6.615  1.00 23.29  ? 144 MET A N   1 
ATOM   1210 C CA  . MET A 1 167 ? 3.166   -0.671  -7.215  1.00 25.65  ? 144 MET A CA  1 
ATOM   1211 C C   . MET A 1 167 ? 2.488   -1.976  -7.566  1.00 29.09  ? 144 MET A C   1 
ATOM   1212 O O   . MET A 1 167 ? 1.565   -2.410  -6.872  1.00 25.95  ? 144 MET A O   1 
ATOM   1213 C CB  . MET A 1 167 ? 4.316   -0.917  -6.231  1.00 27.22  ? 144 MET A CB  1 
ATOM   1214 C CG  . MET A 1 167 ? 5.424   -1.807  -6.755  1.00 29.18  ? 144 MET A CG  1 
ATOM   1215 S SD  . MET A 1 167 ? 6.702   -2.085  -5.506  1.00 30.37  ? 144 MET A SD  1 
ATOM   1216 C CE  . MET A 1 167 ? 7.293   -0.426  -5.219  1.00 24.60  ? 144 MET A CE  1 
ATOM   1217 N N   . VAL A 1 168 ? 2.927   -2.595  -8.656  1.00 23.58  ? 145 VAL A N   1 
ATOM   1218 C CA  . VAL A 1 168 ? 2.472   -3.934  -8.997  1.00 21.78  ? 145 VAL A CA  1 
ATOM   1219 C C   . VAL A 1 168 ? 3.699   -4.824  -9.093  1.00 30.79  ? 145 VAL A C   1 
ATOM   1220 O O   . VAL A 1 168 ? 4.700   -4.440  -9.700  1.00 26.41  ? 145 VAL A O   1 
ATOM   1221 C CB  . VAL A 1 168 ? 1.710   -3.971  -10.340 1.00 26.11  ? 145 VAL A CB  1 
ATOM   1222 C CG1 . VAL A 1 168 ? 1.311   -5.406  -10.685 1.00 25.14  ? 145 VAL A CG1 1 
ATOM   1223 C CG2 . VAL A 1 168 ? 0.482   -3.072  -10.286 1.00 27.23  ? 145 VAL A CG2 1 
ATOM   1224 N N   . VAL A 1 169 ? 3.634   -5.993  -8.467  1.00 27.71  ? 146 VAL A N   1 
ATOM   1225 C CA  . VAL A 1 169 ? 4.745   -6.937  -8.488  1.00 27.44  ? 146 VAL A CA  1 
ATOM   1226 C C   . VAL A 1 169 ? 4.250   -8.255  -9.055  1.00 30.71  ? 146 VAL A C   1 
ATOM   1227 O O   . VAL A 1 169 ? 3.307   -8.844  -8.533  1.00 29.56  ? 146 VAL A O   1 
ATOM   1228 C CB  . VAL A 1 169 ? 5.334   -7.159  -7.076  1.00 26.57  ? 146 VAL A CB  1 
ATOM   1229 C CG1 . VAL A 1 169 ? 6.591   -8.029  -7.150  1.00 32.11  ? 146 VAL A CG1 1 
ATOM   1230 C CG2 . VAL A 1 169 ? 5.664   -5.817  -6.427  1.00 26.34  ? 146 VAL A CG2 1 
ATOM   1231 N N   . GLU A 1 170 ? 4.872   -8.707  -10.142 1.00 30.27  ? 147 GLU A N   1 
ATOM   1232 C CA  . GLU A 1 170 ? 4.472   -9.964  -10.770 1.00 26.77  ? 147 GLU A CA  1 
ATOM   1233 C C   . GLU A 1 170 ? 5.656   -10.918 -10.836 1.00 28.58  ? 147 GLU A C   1 
ATOM   1234 O O   . GLU A 1 170 ? 6.700   -10.581 -11.401 1.00 30.57  ? 147 GLU A O   1 
ATOM   1235 C CB  . GLU A 1 170 ? 3.902   -9.718  -12.168 1.00 30.03  ? 147 GLU A CB  1 
ATOM   1236 C CG  . GLU A 1 170 ? 2.686   -8.809  -12.173 1.00 38.55  ? 147 GLU A CG  1 
ATOM   1237 C CD  . GLU A 1 170 ? 2.128   -8.587  -13.563 1.00 54.45  ? 147 GLU A CD  1 
ATOM   1238 O OE1 . GLU A 1 170 ? 1.993   -9.574  -14.314 1.00 60.79  ? 147 GLU A OE1 1 
ATOM   1239 O OE2 . GLU A 1 170 ? 1.828   -7.424  -13.905 1.00 60.67  ? 147 GLU A OE2 1 
ATOM   1240 N N   . ASN A 1 171 ? 5.488   -12.095 -10.240 1.00 32.42  ? 148 ASN A N   1 
ATOM   1241 C CA  . ASN A 1 171 ? 6.558   -13.085 -10.150 1.00 37.33  ? 148 ASN A CA  1 
ATOM   1242 C C   . ASN A 1 171 ? 7.862   -12.484 -9.644  1.00 40.34  ? 148 ASN A C   1 
ATOM   1243 O O   . ASN A 1 171 ? 8.935   -12.775 -10.166 1.00 35.36  ? 148 ASN A O   1 
ATOM   1244 C CB  . ASN A 1 171 ? 6.767   -13.758 -11.506 1.00 32.97  ? 148 ASN A CB  1 
ATOM   1245 C CG  . ASN A 1 171 ? 5.511   -14.438 -12.011 1.00 51.39  ? 148 ASN A CG  1 
ATOM   1246 O OD1 . ASN A 1 171 ? 4.876   -15.204 -11.287 1.00 53.95  ? 148 ASN A OD1 1 
ATOM   1247 N ND2 . ASN A 1 171 ? 5.133   -14.146 -13.252 1.00 53.02  ? 148 ASN A ND2 1 
ATOM   1248 N N   . GLY A 1 172 ? 7.760   -11.615 -8.643  1.00 31.62  ? 149 GLY A N   1 
ATOM   1249 C CA  . GLY A 1 172 ? 8.934   -11.031 -8.026  1.00 28.34  ? 149 GLY A CA  1 
ATOM   1250 C C   . GLY A 1 172 ? 9.524   -9.839  -8.755  1.00 29.24  ? 149 GLY A C   1 
ATOM   1251 O O   . GLY A 1 172 ? 10.508  -9.262  -8.296  1.00 32.04  ? 149 GLY A O   1 
ATOM   1252 N N   . ILE A 1 173 ? 8.930   -9.466  -9.886  1.00 28.05  ? 150 ILE A N   1 
ATOM   1253 C CA  . ILE A 1 173 ? 9.416   -8.331  -10.666 1.00 29.79  ? 150 ILE A CA  1 
ATOM   1254 C C   . ILE A 1 173 ? 8.452   -7.144  -10.574 1.00 26.52  ? 150 ILE A C   1 
ATOM   1255 O O   . ILE A 1 173 ? 7.248   -7.310  -10.735 1.00 27.30  ? 150 ILE A O   1 
ATOM   1256 C CB  . ILE A 1 173 ? 9.557   -8.692  -12.167 1.00 31.43  ? 150 ILE A CB  1 
ATOM   1257 C CG1 . ILE A 1 173 ? 10.349  -9.993  -12.352 1.00 32.89  ? 150 ILE A CG1 1 
ATOM   1258 C CG2 . ILE A 1 173 ? 10.200  -7.538  -12.934 1.00 33.06  ? 150 ILE A CG2 1 
ATOM   1259 C CD1 . ILE A 1 173 ? 11.809  -9.877  -11.990 1.00 40.32  ? 150 ILE A CD1 1 
ATOM   1260 N N   . VAL A 1 174 ? 8.982   -5.954  -10.324 1.00 29.00  ? 151 VAL A N   1 
ATOM   1261 C CA  . VAL A 1 174 ? 8.161   -4.748  -10.321 1.00 27.13  ? 151 VAL A CA  1 
ATOM   1262 C C   . VAL A 1 174 ? 7.739   -4.381  -11.745 1.00 32.06  ? 151 VAL A C   1 
ATOM   1263 O O   . VAL A 1 174 ? 8.578   -4.054  -12.585 1.00 32.53  ? 151 VAL A O   1 
ATOM   1264 C CB  . VAL A 1 174 ? 8.922   -3.564  -9.723  1.00 25.17  ? 151 VAL A CB  1 
ATOM   1265 C CG1 . VAL A 1 174 ? 8.048   -2.311  -9.743  1.00 24.75  ? 151 VAL A CG1 1 
ATOM   1266 C CG2 . VAL A 1 174 ? 9.381   -3.886  -8.308  1.00 31.21  ? 151 VAL A CG2 1 
ATOM   1267 N N   . THR A 1 175 ? 6.442   -4.430  -12.016 1.00 26.09  ? 152 THR A N   1 
ATOM   1268 C CA  . THR A 1 175 ? 5.943   -4.118  -13.354 1.00 30.07  ? 152 THR A CA  1 
ATOM   1269 C C   . THR A 1 175 ? 5.313   -2.725  -13.438 1.00 36.38  ? 152 THR A C   1 
ATOM   1270 O O   . THR A 1 175 ? 5.111   -2.194  -14.528 1.00 28.36  ? 152 THR A O   1 
ATOM   1271 C CB  . THR A 1 175 ? 4.940   -5.172  -13.831 1.00 31.30  ? 152 THR A CB  1 
ATOM   1272 O OG1 . THR A 1 175 ? 3.860   -5.269  -12.893 1.00 30.66  ? 152 THR A OG1 1 
ATOM   1273 C CG2 . THR A 1 175 ? 5.625   -6.535  -13.954 1.00 30.40  ? 152 THR A CG2 1 
ATOM   1274 N N   . TYR A 1 176 ? 5.014   -2.141  -12.281 1.00 25.11  ? 153 TYR A N   1 
ATOM   1275 C CA  . TYR A 1 176 ? 4.443   -0.798  -12.208 1.00 25.15  ? 153 TYR A CA  1 
ATOM   1276 C C   . TYR A 1 176 ? 4.875   -0.184  -10.891 1.00 28.38  ? 153 TYR A C   1 
ATOM   1277 O O   . TYR A 1 176 ? 4.871   -0.866  -9.869  1.00 25.72  ? 153 TYR A O   1 
ATOM   1278 C CB  . TYR A 1 176 ? 2.910   -0.850  -12.270 1.00 24.54  ? 153 TYR A CB  1 
ATOM   1279 C CG  . TYR A 1 176 ? 2.251   0.515   -12.137 1.00 26.44  ? 153 TYR A CG  1 
ATOM   1280 C CD1 . TYR A 1 176 ? 2.224   1.398   -13.207 1.00 20.91  ? 153 TYR A CD1 1 
ATOM   1281 C CD2 . TYR A 1 176 ? 1.657   0.921   -10.943 1.00 25.95  ? 153 TYR A CD2 1 
ATOM   1282 C CE1 . TYR A 1 176 ? 1.630   2.652   -13.101 1.00 24.41  ? 153 TYR A CE1 1 
ATOM   1283 C CE2 . TYR A 1 176 ? 1.057   2.180   -10.825 1.00 24.71  ? 153 TYR A CE2 1 
ATOM   1284 C CZ  . TYR A 1 176 ? 1.042   3.036   -11.914 1.00 30.97  ? 153 TYR A CZ  1 
ATOM   1285 O OH  . TYR A 1 176 ? 0.452   4.281   -11.823 1.00 24.64  ? 153 TYR A OH  1 
ATOM   1286 N N   . ALA A 1 177 ? 5.269   1.084   -10.914 1.00 24.15  ? 154 ALA A N   1 
ATOM   1287 C CA  . ALA A 1 177 ? 5.639   1.789   -9.685  1.00 26.41  ? 154 ALA A CA  1 
ATOM   1288 C C   . ALA A 1 177 ? 5.664   3.286   -9.924  1.00 33.43  ? 154 ALA A C   1 
ATOM   1289 O O   . ALA A 1 177 ? 6.362   3.765   -10.819 1.00 28.07  ? 154 ALA A O   1 
ATOM   1290 C CB  . ALA A 1 177 ? 7.006   1.310   -9.170  1.00 23.78  ? 154 ALA A CB  1 
ATOM   1291 N N   . ALA A 1 178 ? 4.909   4.031   -9.120  1.00 21.99  ? 155 ALA A N   1 
ATOM   1292 C CA  . ALA A 1 178 ? 4.828   5.476   -9.304  1.00 24.43  ? 155 ALA A CA  1 
ATOM   1293 C C   . ALA A 1 178 ? 4.283   6.153   -8.054  1.00 24.25  ? 155 ALA A C   1 
ATOM   1294 O O   . ALA A 1 178 ? 3.406   5.609   -7.385  1.00 23.82  ? 155 ALA A O   1 
ATOM   1295 C CB  . ALA A 1 178 ? 3.943   5.800   -10.519 1.00 21.19  ? 155 ALA A CB  1 
ATOM   1296 N N   . LYS A 1 179 ? 4.803   7.334   -7.739  1.00 21.43  ? 156 LYS A N   1 
ATOM   1297 C CA  . LYS A 1 179 ? 4.327   8.075   -6.580  1.00 24.51  ? 156 LYS A CA  1 
ATOM   1298 C C   . LYS A 1 179 ? 3.757   9.427   -6.985  1.00 23.87  ? 156 LYS A C   1 
ATOM   1299 O O   . LYS A 1 179 ? 4.142   9.992   -8.017  1.00 23.44  ? 156 LYS A O   1 
ATOM   1300 C CB  . LYS A 1 179 ? 5.463   8.275   -5.567  1.00 25.93  ? 156 LYS A CB  1 
ATOM   1301 C CG  . LYS A 1 179 ? 6.507   9.285   -6.000  1.00 35.34  ? 156 LYS A CG  1 
ATOM   1302 C CD  . LYS A 1 179 ? 7.326   9.779   -4.814  1.00 36.60  ? 156 LYS A CD  1 
ATOM   1303 C CE  . LYS A 1 179 ? 8.385   10.776  -5.267  1.00 42.79  ? 156 LYS A CE  1 
ATOM   1304 N NZ  . LYS A 1 179 ? 8.822   11.684  -4.170  1.00 43.77  ? 156 LYS A NZ  1 
ATOM   1305 N N   . GLU A 1 180 ? 2.843   9.948   -6.168  1.00 22.19  ? 157 GLU A N   1 
ATOM   1306 C CA  . GLU A 1 180 ? 2.297   11.288  -6.372  1.00 22.36  ? 157 GLU A CA  1 
ATOM   1307 C C   . GLU A 1 180 ? 3.357   12.350  -6.121  1.00 27.25  ? 157 GLU A C   1 
ATOM   1308 O O   . GLU A 1 180 ? 4.218   12.178  -5.253  1.00 24.29  ? 157 GLU A O   1 
ATOM   1309 C CB  . GLU A 1 180 ? 1.119   11.546  -5.421  1.00 17.96  ? 157 GLU A CB  1 
ATOM   1310 C CG  . GLU A 1 180 ? 0.022   10.467  -5.448  1.00 20.86  ? 157 GLU A CG  1 
ATOM   1311 C CD  . GLU A 1 180 ? -0.780  10.462  -6.740  1.00 26.75  ? 157 GLU A CD  1 
ATOM   1312 O OE1 . GLU A 1 180 ? -0.690  11.449  -7.505  1.00 25.80  ? 157 GLU A OE1 1 
ATOM   1313 O OE2 . GLU A 1 180 ? -1.497  9.468   -6.990  1.00 23.89  ? 157 GLU A OE2 1 
ATOM   1314 N N   . THR A 1 181 ? 3.281   13.454  -6.862  1.00 23.82  ? 158 THR A N   1 
ATOM   1315 C CA  . THR A 1 181 ? 4.133   14.614  -6.592  1.00 28.04  ? 158 THR A CA  1 
ATOM   1316 C C   . THR A 1 181 ? 3.502   15.462  -5.494  1.00 25.62  ? 158 THR A C   1 
ATOM   1317 O O   . THR A 1 181 ? 4.198   16.147  -4.746  1.00 29.25  ? 158 THR A O   1 
ATOM   1318 C CB  . THR A 1 181 ? 4.308   15.503  -7.847  1.00 26.90  ? 158 THR A CB  1 
ATOM   1319 O OG1 . THR A 1 181 ? 3.021   15.940  -8.299  1.00 31.75  ? 158 THR A OG1 1 
ATOM   1320 C CG2 . THR A 1 181 ? 5.000   14.734  -8.958  1.00 29.50  ? 158 THR A CG2 1 
ATOM   1321 N N   . ASN A 1 182 ? 2.176   15.407  -5.408  1.00 26.72  ? 159 ASN A N   1 
ATOM   1322 C CA  . ASN A 1 182 ? 1.423   16.106  -4.368  1.00 32.78  ? 159 ASN A CA  1 
ATOM   1323 C C   . ASN A 1 182 ? 0.542   15.134  -3.586  1.00 28.39  ? 159 ASN A C   1 
ATOM   1324 O O   . ASN A 1 182 ? -0.679  15.114  -3.758  1.00 26.55  ? 159 ASN A O   1 
ATOM   1325 C CB  . ASN A 1 182 ? 0.560   17.204  -4.990  1.00 38.56  ? 159 ASN A CB  1 
ATOM   1326 C CG  . ASN A 1 182 ? 1.387   18.263  -5.694  1.00 54.88  ? 159 ASN A CG  1 
ATOM   1327 O OD1 . ASN A 1 182 ? 1.346   18.390  -6.918  1.00 67.97  ? 159 ASN A OD1 1 
ATOM   1328 N ND2 . ASN A 1 182 ? 2.150   19.025  -4.921  1.00 66.36  ? 159 ASN A ND2 1 
ATOM   1329 N N   . PRO A 1 183 ? 1.160   14.322  -2.718  1.00 24.76  ? 160 PRO A N   1 
ATOM   1330 C CA  . PRO A 1 183 ? 0.426   13.209  -2.098  1.00 28.73  ? 160 PRO A CA  1 
ATOM   1331 C C   . PRO A 1 183 ? -0.724  13.681  -1.217  1.00 26.52  ? 160 PRO A C   1 
ATOM   1332 O O   . PRO A 1 183 ? -1.722  12.974  -1.092  1.00 29.63  ? 160 PRO A O   1 
ATOM   1333 C CB  . PRO A 1 183 ? 1.500   12.495  -1.264  1.00 28.15  ? 160 PRO A CB  1 
ATOM   1334 C CG  . PRO A 1 183 ? 2.566   13.523  -1.040  1.00 27.68  ? 160 PRO A CG  1 
ATOM   1335 C CD  . PRO A 1 183 ? 2.566   14.374  -2.282  1.00 27.29  ? 160 PRO A CD  1 
ATOM   1336 N N   . GLY A 1 184 ? -0.593  14.866  -0.634  1.00 28.45  ? 161 GLY A N   1 
ATOM   1337 C CA  . GLY A 1 184 ? -1.632  15.395  0.231   1.00 34.40  ? 161 GLY A CA  1 
ATOM   1338 C C   . GLY A 1 184 ? -2.980  15.559  -0.449  1.00 37.58  ? 161 GLY A C   1 
ATOM   1339 O O   . GLY A 1 184 ? -4.020  15.384  0.183   1.00 37.54  ? 161 GLY A O   1 
ATOM   1340 N N   . THR A 1 185 ? -2.965  15.879  -1.740  1.00 31.73  ? 162 THR A N   1 
ATOM   1341 C CA  . THR A 1 185 ? -4.197  16.206  -2.455  1.00 32.24  ? 162 THR A CA  1 
ATOM   1342 C C   . THR A 1 185 ? -4.491  15.319  -3.667  1.00 33.86  ? 162 THR A C   1 
ATOM   1343 O O   . THR A 1 185 ? -5.651  15.141  -4.027  1.00 41.32  ? 162 THR A O   1 
ATOM   1344 C CB  . THR A 1 185 ? -4.192  17.685  -2.924  1.00 35.77  ? 162 THR A CB  1 
ATOM   1345 O OG1 . THR A 1 185 ? -3.045  17.918  -3.750  1.00 39.38  ? 162 THR A OG1 1 
ATOM   1346 C CG2 . THR A 1 185 ? -4.146  18.624  -1.732  1.00 38.67  ? 162 THR A CG2 1 
ATOM   1347 N N   . ASP A 1 186 ? -3.452  14.769  -4.293  1.00 31.18  ? 163 ASP A N   1 
ATOM   1348 C CA  . ASP A 1 186 ? -3.613  14.025  -5.546  1.00 26.40  ? 163 ASP A CA  1 
ATOM   1349 C C   . ASP A 1 186 ? -3.756  12.520  -5.352  1.00 27.95  ? 163 ASP A C   1 
ATOM   1350 O O   . ASP A 1 186 ? -2.993  11.907  -4.603  1.00 23.56  ? 163 ASP A O   1 
ATOM   1351 C CB  . ASP A 1 186 ? -2.403  14.230  -6.463  1.00 29.90  ? 163 ASP A CB  1 
ATOM   1352 C CG  . ASP A 1 186 ? -2.207  15.675  -6.886  1.00 45.87  ? 163 ASP A CG  1 
ATOM   1353 O OD1 . ASP A 1 186 ? -3.128  16.495  -6.708  1.00 38.44  ? 163 ASP A OD1 1 
ATOM   1354 O OD2 . ASP A 1 186 ? -1.118  15.976  -7.420  1.00 48.29  ? 163 ASP A OD2 1 
ATOM   1355 N N   . VAL A 1 187 ? -4.716  11.928  -6.053  1.00 24.04  ? 164 VAL A N   1 
ATOM   1356 C CA  . VAL A 1 187 ? -4.786  10.480  -6.195  1.00 23.54  ? 164 VAL A CA  1 
ATOM   1357 C C   . VAL A 1 187 ? -4.869  10.178  -7.689  1.00 25.38  ? 164 VAL A C   1 
ATOM   1358 O O   . VAL A 1 187 ? -5.953  10.164  -8.274  1.00 24.27  ? 164 VAL A O   1 
ATOM   1359 C CB  . VAL A 1 187 ? -6.005  9.871   -5.466  1.00 22.89  ? 164 VAL A CB  1 
ATOM   1360 C CG1 . VAL A 1 187 ? -5.955  8.362   -5.550  1.00 22.37  ? 164 VAL A CG1 1 
ATOM   1361 C CG2 . VAL A 1 187 ? -6.044  10.317  -3.994  1.00 19.96  ? 164 VAL A CG2 1 
ATOM   1362 N N   . THR A 1 188 ? -3.715  9.970   -8.311  1.00 23.85  ? 165 THR A N   1 
ATOM   1363 C CA  . THR A 1 188 ? -3.660  9.767   -9.755  1.00 23.01  ? 165 THR A CA  1 
ATOM   1364 C C   . THR A 1 188 ? -2.922  8.477   -10.072 1.00 19.82  ? 165 THR A C   1 
ATOM   1365 O O   . THR A 1 188 ? -3.542  7.418   -10.226 1.00 22.57  ? 165 THR A O   1 
ATOM   1366 C CB  . THR A 1 188 ? -3.004  10.977  -10.476 1.00 26.63  ? 165 THR A CB  1 
ATOM   1367 O OG1 . THR A 1 188 ? -1.664  11.175  -10.001 1.00 26.69  ? 165 THR A OG1 1 
ATOM   1368 C CG2 . THR A 1 188 ? -3.804  12.240  -10.213 1.00 26.28  ? 165 THR A CG2 1 
ATOM   1369 N N   . VAL A 1 189 ? -1.595  8.553   -10.140 1.00 19.46  ? 166 VAL A N   1 
ATOM   1370 C CA  . VAL A 1 189 ? -0.796  7.359   -10.413 1.00 21.37  ? 166 VAL A CA  1 
ATOM   1371 C C   . VAL A 1 189 ? -0.934  6.302   -9.303  1.00 25.94  ? 166 VAL A C   1 
ATOM   1372 O O   . VAL A 1 189 ? -0.678  5.114   -9.527  1.00 19.80  ? 166 VAL A O   1 
ATOM   1373 C CB  . VAL A 1 189 ? 0.692   7.709   -10.650 1.00 22.10  ? 166 VAL A CB  1 
ATOM   1374 C CG1 . VAL A 1 189 ? 0.826   8.682   -11.838 1.00 22.20  ? 166 VAL A CG1 1 
ATOM   1375 C CG2 . VAL A 1 189 ? 1.329   8.297   -9.389  1.00 20.91  ? 166 VAL A CG2 1 
ATOM   1376 N N   . SER A 1 190 ? -1.354  6.733   -8.115  1.00 21.19  ? 167 SER A N   1 
ATOM   1377 C CA  . SER A 1 190 ? -1.552  5.803   -6.997  1.00 22.22  ? 167 SER A CA  1 
ATOM   1378 C C   . SER A 1 190 ? -2.979  5.263   -6.936  1.00 24.86  ? 167 SER A C   1 
ATOM   1379 O O   . SER A 1 190 ? -3.299  4.414   -6.094  1.00 22.77  ? 167 SER A O   1 
ATOM   1380 C CB  . SER A 1 190 ? -1.193  6.477   -5.664  1.00 19.90  ? 167 SER A CB  1 
ATOM   1381 O OG  . SER A 1 190 ? -2.111  7.523   -5.367  1.00 20.25  ? 167 SER A OG  1 
ATOM   1382 N N   . SER A 1 191 ? -3.837  5.745   -7.830  1.00 22.75  ? 168 SER A N   1 
ATOM   1383 C CA  . SER A 1 191 ? -5.242  5.351   -7.805  1.00 21.09  ? 168 SER A CA  1 
ATOM   1384 C C   . SER A 1 191 ? -5.423  3.909   -8.249  1.00 25.44  ? 168 SER A C   1 
ATOM   1385 O O   . SER A 1 191 ? -4.631  3.379   -9.034  1.00 23.91  ? 168 SER A O   1 
ATOM   1386 C CB  . SER A 1 191 ? -6.094  6.280   -8.684  1.00 23.88  ? 168 SER A CB  1 
ATOM   1387 O OG  . SER A 1 191 ? -5.860  6.018   -10.058 1.00 25.31  ? 168 SER A OG  1 
ATOM   1388 N N   . VAL A 1 192 ? -6.475  3.274   -7.743  1.00 23.09  ? 169 VAL A N   1 
ATOM   1389 C CA  . VAL A 1 192 ? -6.797  1.918   -8.156  1.00 27.82  ? 169 VAL A CA  1 
ATOM   1390 C C   . VAL A 1 192 ? -7.076  1.864   -9.664  1.00 22.99  ? 169 VAL A C   1 
ATOM   1391 O O   . VAL A 1 192 ? -6.799  0.855   -10.309 1.00 23.60  ? 169 VAL A O   1 
ATOM   1392 C CB  . VAL A 1 192 ? -7.988  1.322   -7.343  1.00 22.76  ? 169 VAL A CB  1 
ATOM   1393 C CG1 . VAL A 1 192 ? -9.273  2.101   -7.595  1.00 21.63  ? 169 VAL A CG1 1 
ATOM   1394 C CG2 . VAL A 1 192 ? -8.173  -0.161  -7.658  1.00 21.84  ? 169 VAL A CG2 1 
ATOM   1395 N N   . GLU A 1 193 ? -7.608  2.952   -10.219 1.00 22.04  ? 170 GLU A N   1 
ATOM   1396 C CA  . GLU A 1 193 ? -7.888  3.020   -11.658 1.00 25.22  ? 170 GLU A CA  1 
ATOM   1397 C C   . GLU A 1 193 ? -6.593  2.950   -12.482 1.00 23.29  ? 170 GLU A C   1 
ATOM   1398 O O   . GLU A 1 193 ? -6.524  2.247   -13.490 1.00 23.60  ? 170 GLU A O   1 
ATOM   1399 C CB  . GLU A 1 193 ? -8.679  4.291   -12.005 1.00 24.17  ? 170 GLU A CB  1 
ATOM   1400 C CG  . GLU A 1 193 ? -10.138 4.289   -11.518 1.00 29.45  ? 170 GLU A CG  1 
ATOM   1401 C CD  . GLU A 1 193 ? -10.299 4.729   -10.064 1.00 37.89  ? 170 GLU A CD  1 
ATOM   1402 O OE1 . GLU A 1 193 ? -9.316  5.224   -9.470  1.00 27.76  ? 170 GLU A OE1 1 
ATOM   1403 O OE2 . GLU A 1 193 ? -11.418 4.591   -9.516  1.00 30.06  ? 170 GLU A OE2 1 
ATOM   1404 N N   . SER A 1 194 ? -5.566  3.679   -12.058 1.00 22.43  ? 171 SER A N   1 
ATOM   1405 C CA  . SER A 1 194 ? -4.272  3.602   -12.740 1.00 25.68  ? 171 SER A CA  1 
ATOM   1406 C C   . SER A 1 194 ? -3.622  2.232   -12.561 1.00 28.11  ? 171 SER A C   1 
ATOM   1407 O O   . SER A 1 194 ? -3.002  1.709   -13.488 1.00 24.12  ? 171 SER A O   1 
ATOM   1408 C CB  . SER A 1 194 ? -3.330  4.719   -12.286 1.00 25.52  ? 171 SER A CB  1 
ATOM   1409 O OG  . SER A 1 194 ? -3.730  5.962   -12.849 1.00 30.94  ? 171 SER A OG  1 
ATOM   1410 N N   . VAL A 1 195 ? -3.772  1.641   -11.379 1.00 25.17  ? 172 VAL A N   1 
ATOM   1411 C CA  . VAL A 1 195 ? -3.275  0.281   -11.181 1.00 23.61  ? 172 VAL A CA  1 
ATOM   1412 C C   . VAL A 1 195 ? -3.983  -0.701  -12.122 1.00 24.66  ? 172 VAL A C   1 
ATOM   1413 O O   . VAL A 1 195 ? -3.335  -1.517  -12.779 1.00 24.99  ? 172 VAL A O   1 
ATOM   1414 C CB  . VAL A 1 195 ? -3.391  -0.180  -9.710  1.00 26.28  ? 172 VAL A CB  1 
ATOM   1415 C CG1 . VAL A 1 195 ? -3.160  -1.676  -9.600  1.00 23.43  ? 172 VAL A CG1 1 
ATOM   1416 C CG2 . VAL A 1 195 ? -2.383  0.573   -8.851  1.00 22.07  ? 172 VAL A CG2 1 
ATOM   1417 N N   . LEU A 1 196 ? -5.309  -0.603  -12.192 1.00 20.43  ? 173 LEU A N   1 
ATOM   1418 C CA  . LEU A 1 196 ? -6.098  -1.456  -13.081 1.00 28.73  ? 173 LEU A CA  1 
ATOM   1419 C C   . LEU A 1 196 ? -5.631  -1.347  -14.533 1.00 29.74  ? 173 LEU A C   1 
ATOM   1420 O O   . LEU A 1 196 ? -5.622  -2.335  -15.272 1.00 24.26  ? 173 LEU A O   1 
ATOM   1421 C CB  . LEU A 1 196 ? -7.584  -1.097  -12.990 1.00 26.12  ? 173 LEU A CB  1 
ATOM   1422 C CG  . LEU A 1 196 ? -8.331  -1.687  -11.790 1.00 34.00  ? 173 LEU A CG  1 
ATOM   1423 C CD1 . LEU A 1 196 ? -9.626  -0.926  -11.552 1.00 31.41  ? 173 LEU A CD1 1 
ATOM   1424 C CD2 . LEU A 1 196 ? -8.608  -3.161  -12.032 1.00 31.23  ? 173 LEU A CD2 1 
ATOM   1425 N N   . ALA A 1 197 ? -5.230  -0.146  -14.931 1.00 26.27  ? 174 ALA A N   1 
ATOM   1426 C CA  . ALA A 1 197 ? -4.749  0.082   -16.292 1.00 25.35  ? 174 ALA A CA  1 
ATOM   1427 C C   . ALA A 1 197 ? -3.357  -0.510  -16.529 1.00 33.66  ? 174 ALA A C   1 
ATOM   1428 O O   . ALA A 1 197 ? -2.874  -0.540  -17.661 1.00 32.43  ? 174 ALA A O   1 
ATOM   1429 C CB  . ALA A 1 197 ? -4.749  1.583   -16.610 1.00 20.99  ? 174 ALA A CB  1 
ATOM   1430 N N   . HIS A 1 198 ? -2.704  -0.973  -15.466 1.00 26.56  ? 175 HIS A N   1 
ATOM   1431 C CA  . HIS A 1 198 ? -1.361  -1.533  -15.602 1.00 23.53  ? 175 HIS A CA  1 
ATOM   1432 C C   . HIS A 1 198 ? -1.267  -2.987  -15.141 1.00 32.61  ? 175 HIS A C   1 
ATOM   1433 O O   . HIS A 1 198 ? -0.198  -3.456  -14.761 1.00 38.67  ? 175 HIS A O   1 
ATOM   1434 C CB  . HIS A 1 198 ? -0.332  -0.672  -14.858 1.00 22.73  ? 175 HIS A CB  1 
ATOM   1435 C CG  . HIS A 1 198 ? -0.088  0.666   -15.492 1.00 25.08  ? 175 HIS A CG  1 
ATOM   1436 N ND1 . HIS A 1 198 ? -0.888  1.765   -15.252 1.00 23.36  ? 175 HIS A ND1 1 
ATOM   1437 C CD2 . HIS A 1 198 ? 0.870   1.083   -16.358 1.00 24.53  ? 175 HIS A CD2 1 
ATOM   1438 C CE1 . HIS A 1 198 ? -0.431  2.800   -15.936 1.00 26.90  ? 175 HIS A CE1 1 
ATOM   1439 N NE2 . HIS A 1 198 ? 0.634   2.414   -16.615 1.00 24.01  ? 175 HIS A NE2 1 
ATOM   1440 N N   . LEU A 1 199 ? -2.390  -3.688  -15.168 1.00 28.07  ? 176 LEU A N   1 
ATOM   1441 C CA  . LEU A 1 199 ? -2.424  -5.106  -14.825 1.00 32.08  ? 176 LEU A CA  1 
ATOM   1442 C C   . LEU A 1 199 ? -2.452  -5.968  -16.085 1.00 60.75  ? 176 LEU A C   1 
ATOM   1443 O O   . LEU A 1 199 ? -2.481  -7.198  -16.021 1.00 51.58  ? 176 LEU A O   1 
ATOM   1444 C CB  . LEU A 1 199 ? -3.637  -5.414  -13.949 1.00 33.34  ? 176 LEU A CB  1 
ATOM   1445 C CG  . LEU A 1 199 ? -3.610  -4.770  -12.565 1.00 28.81  ? 176 LEU A CG  1 
ATOM   1446 C CD1 . LEU A 1 199 ? -4.912  -5.032  -11.827 1.00 35.33  ? 176 LEU A CD1 1 
ATOM   1447 C CD2 . LEU A 1 199 ? -2.423  -5.277  -11.765 1.00 34.23  ? 176 LEU A CD2 1 
ATOM   1448 O OXT . LEU A 1 199 ? -2.453  -5.452  -17.203 1.00 61.12  ? 176 LEU A OXT 1 
HETATM 1449 O O   . HOH B 2 .   ? 2.355   6.618   6.233   1.00 20.04  ? 201 HOH A O   1 
HETATM 1450 O O   . HOH B 2 .   ? -3.173  -0.180  -20.271 1.00 24.23  ? 202 HOH A O   1 
HETATM 1451 O O   . HOH B 2 .   ? 1.376   8.701   9.443   1.00 20.72  ? 203 HOH A O   1 
HETATM 1452 O O   . HOH B 2 .   ? 2.299   3.424   -18.355 1.00 23.89  ? 204 HOH A O   1 
HETATM 1453 O O   . HOH B 2 .   ? 4.103   10.833  -2.692  1.00 20.68  ? 205 HOH A O   1 
HETATM 1454 O O   . HOH B 2 .   ? -14.048 1.827   1.807   1.00 24.80  ? 206 HOH A O   1 
HETATM 1455 O O   . HOH B 2 .   ? -2.960  -3.830  10.846  1.00 21.30  ? 207 HOH A O   1 
HETATM 1456 O O   . HOH B 2 .   ? -7.764  4.810   -5.495  1.00 23.85  ? 208 HOH A O   1 
HETATM 1457 O O   . HOH B 2 .   ? -3.146  8.699   -13.000 1.00 27.03  ? 209 HOH A O   1 
HETATM 1458 O O   . HOH B 2 .   ? 2.937   8.787   11.815  1.00 25.43  ? 210 HOH A O   1 
HETATM 1459 O O   . HOH B 2 .   ? 8.028   -2.543  6.109   1.00 27.45  ? 211 HOH A O   1 
HETATM 1460 O O   . HOH B 2 .   ? 0.914   7.323   12.864  1.00 22.23  ? 212 HOH A O   1 
HETATM 1461 O O   . HOH B 2 .   ? -0.662  -2.623  10.087  1.00 31.01  ? 213 HOH A O   1 
HETATM 1462 O O   . HOH B 2 .   ? 7.135   8.064   -9.352  1.00 28.89  ? 214 HOH A O   1 
HETATM 1463 O O   . HOH B 2 .   ? 9.748   10.488  -2.006  1.00 32.73  ? 215 HOH A O   1 
HETATM 1464 O O   . HOH B 2 .   ? -13.294 7.301   -3.293  1.00 26.95  ? 216 HOH A O   1 
HETATM 1465 O O   . HOH B 2 .   ? -2.514  -10.902 13.281  1.00 33.10  ? 217 HOH A O   1 
HETATM 1466 O O   . HOH B 2 .   ? -12.635 0.808   13.254  1.00 26.99  ? 218 HOH A O   1 
HETATM 1467 O O   . HOH B 2 .   ? -11.349 5.716   -4.332  1.00 31.83  ? 219 HOH A O   1 
HETATM 1468 O O   . HOH B 2 .   ? -13.490 3.659   -10.684 1.00 28.50  ? 220 HOH A O   1 
HETATM 1469 O O   . HOH B 2 .   ? -7.245  -2.264  16.070  1.00 27.95  ? 221 HOH A O   1 
HETATM 1470 O O   . HOH B 2 .   ? 11.698  -3.410  8.319   1.00 32.31  ? 222 HOH A O   1 
HETATM 1471 O O   . HOH B 2 .   ? 10.114  8.847   10.868  1.00 32.04  ? 223 HOH A O   1 
HETATM 1472 O O   . HOH B 2 .   ? 6.357   10.687  -9.448  1.00 31.18  ? 224 HOH A O   1 
HETATM 1473 O O   . HOH B 2 .   ? -12.982 5.593   7.790   1.00 35.82  ? 225 HOH A O   1 
HETATM 1474 O O   . HOH B 2 .   ? 0.741   13.825  -7.988  1.00 34.22  ? 226 HOH A O   1 
HETATM 1475 O O   . HOH B 2 .   ? 12.243  -9.055  3.416   1.00 29.27  ? 227 HOH A O   1 
HETATM 1476 O O   . HOH B 2 .   ? -1.768  -14.750 -9.447  1.00 35.03  ? 228 HOH A O   1 
HETATM 1477 O O   . HOH B 2 .   ? -9.566  -10.321 1.644   1.00 32.58  ? 229 HOH A O   1 
HETATM 1478 O O   . HOH B 2 .   ? 14.606  -1.818  -0.617  1.00 31.47  ? 230 HOH A O   1 
HETATM 1479 O O   . HOH B 2 .   ? 15.429  2.822   4.983   1.00 33.48  ? 231 HOH A O   1 
HETATM 1480 O O   . HOH B 2 .   ? -4.716  -5.339  8.500   1.00 40.87  ? 232 HOH A O   1 
HETATM 1481 O O   . HOH B 2 .   ? 4.715   -12.633 13.958  1.00 39.42  ? 233 HOH A O   1 
HETATM 1482 O O   . HOH B 2 .   ? 11.415  15.093  7.863   1.00 35.13  ? 234 HOH A O   1 
HETATM 1483 O O   . HOH B 2 .   ? -14.914 -5.709  -6.972  1.00 29.69  ? 235 HOH A O   1 
HETATM 1484 O O   . HOH B 2 .   ? -13.359 4.545   -13.315 0.33 35.14  ? 236 HOH A O   1 
HETATM 1485 O O   . HOH B 2 .   ? 3.708   -0.741  -16.072 1.00 36.29  ? 237 HOH A O   1 
HETATM 1486 O O   . HOH B 2 .   ? 4.281   11.082  12.837  1.00 38.05  ? 238 HOH A O   1 
HETATM 1487 O O   . HOH B 2 .   ? -13.914 -13.485 7.206   1.00 45.34  ? 239 HOH A O   1 
HETATM 1488 O O   . HOH B 2 .   ? -4.183  12.587  3.193   1.00 42.06  ? 240 HOH A O   1 
HETATM 1489 O O   . HOH B 2 .   ? -14.555 -5.917  -3.552  1.00 31.10  ? 241 HOH A O   1 
HETATM 1490 O O   . HOH B 2 .   ? 5.286   -11.343 -7.002  1.00 38.16  ? 242 HOH A O   1 
HETATM 1491 O O   . HOH B 2 .   ? -15.376 -14.041 22.079  1.00 30.51  ? 243 HOH A O   1 
HETATM 1492 O O   . HOH B 2 .   ? 6.184   11.796  -1.264  1.00 31.72  ? 244 HOH A O   1 
HETATM 1493 O O   . HOH B 2 .   ? -14.746 6.516   5.656   1.00 35.06  ? 245 HOH A O   1 
HETATM 1494 O O   . HOH B 2 .   ? -6.852  13.371  -7.319  1.00 38.82  ? 246 HOH A O   1 
HETATM 1495 O O   . HOH B 2 .   ? 7.864   7.293   10.599  1.00 32.09  ? 247 HOH A O   1 
HETATM 1496 O O   . HOH B 2 .   ? -11.779 -9.470  13.029  1.00 38.19  ? 248 HOH A O   1 
HETATM 1497 O O   . HOH B 2 .   ? 0.456   -17.105 -6.006  1.00 37.48  ? 249 HOH A O   1 
HETATM 1498 O O   . HOH B 2 .   ? 9.624   14.274  0.970   1.00 36.57  ? 250 HOH A O   1 
HETATM 1499 O O   . HOH B 2 .   ? -6.373  -14.209 -7.241  1.00 42.22  ? 251 HOH A O   1 
HETATM 1500 O O   . HOH B 2 .   ? 4.518   -8.555  15.035  1.00 40.94  ? 252 HOH A O   1 
HETATM 1501 O O   . HOH B 2 .   ? -15.574 -3.545  8.631   1.00 42.25  ? 253 HOH A O   1 
HETATM 1502 O O   . HOH B 2 .   ? 10.120  -1.266  8.500   1.00 35.36  ? 254 HOH A O   1 
HETATM 1503 O O   . HOH B 2 .   ? 4.784   -2.203  13.996  1.00 44.99  ? 255 HOH A O   1 
HETATM 1504 O O   . HOH B 2 .   ? 3.228   -13.794 9.782   1.00 45.04  ? 256 HOH A O   1 
HETATM 1505 O O   . HOH B 2 .   ? -10.682 -8.219  15.336  1.00 46.86  ? 257 HOH A O   1 
HETATM 1506 O O   . HOH B 2 .   ? 11.141  -12.611 -2.599  1.00 39.50  ? 258 HOH A O   1 
HETATM 1507 O O   . HOH B 2 .   ? 6.977   16.303  12.337  1.00 41.49  ? 259 HOH A O   1 
HETATM 1508 O O   . HOH B 2 .   ? 6.241   -3.276  -16.899 1.00 40.20  ? 260 HOH A O   1 
HETATM 1509 O O   . HOH B 2 .   ? 1.340   -14.983 1.649   1.00 50.46  ? 261 HOH A O   1 
HETATM 1510 O O   . HOH B 2 .   ? -15.189 0.193   12.360  1.00 40.28  ? 262 HOH A O   1 
HETATM 1511 O O   . HOH B 2 .   ? -8.643  -13.393 8.144   1.00 41.85  ? 263 HOH A O   1 
HETATM 1512 O O   . HOH B 2 .   ? 18.181  -0.751  1.855   1.00 55.31  ? 264 HOH A O   1 
HETATM 1513 O O   . HOH B 2 .   ? 5.462   7.819   12.469  1.00 41.49  ? 265 HOH A O   1 
HETATM 1514 O O   . HOH B 2 .   ? 1.696   -12.677 -11.979 1.00 45.93  ? 266 HOH A O   1 
HETATM 1515 O O   . HOH B 2 .   ? -3.555  -14.709 10.347  1.00 47.09  ? 267 HOH A O   1 
HETATM 1516 O O   . HOH B 2 .   ? 15.373  -10.289 0.154   1.00 48.28  ? 268 HOH A O   1 
HETATM 1517 O O   . HOH B 2 .   ? -2.009  0.325   6.422   1.00 32.45  ? 269 HOH A O   1 
HETATM 1518 O O   . HOH B 2 .   ? -11.503 -11.248 0.023   1.00 48.35  ? 270 HOH A O   1 
HETATM 1519 O O   . HOH B 2 .   ? -12.859 7.822   9.196   1.00 45.83  ? 271 HOH A O   1 
HETATM 1520 O O   . HOH B 2 .   ? -4.180  -16.008 -3.987  1.00 45.30  ? 272 HOH A O   1 
HETATM 1521 O O   . HOH B 2 .   ? 9.083   -4.031  10.895  1.00 41.16  ? 273 HOH A O   1 
HETATM 1522 O O   . HOH B 2 .   ? -1.959  -13.466 -14.088 1.00 50.90  ? 274 HOH A O   1 
HETATM 1523 O O   . HOH B 2 .   ? -6.360  -5.410  17.847  1.00 38.65  ? 275 HOH A O   1 
HETATM 1524 O O   . HOH B 2 .   ? -9.371  13.065  8.891   1.00 41.40  ? 276 HOH A O   1 
HETATM 1525 O O   . HOH B 2 .   ? -12.039 -0.958  15.313  1.00 43.64  ? 277 HOH A O   1 
HETATM 1526 O O   . HOH B 2 .   ? -8.470  7.971   -10.854 1.00 44.66  ? 278 HOH A O   1 
HETATM 1527 O O   . HOH B 2 .   ? -9.655  -1.792  16.554  1.00 43.78  ? 279 HOH A O   1 
HETATM 1528 O O   . HOH B 2 .   ? 12.239  -14.846 2.091   1.00 48.31  ? 280 HOH A O   1 
HETATM 1529 O O   . HOH B 2 .   ? 7.892   17.276  2.418   1.00 42.89  ? 281 HOH A O   1 
HETATM 1530 O O   . HOH B 2 .   ? -0.129  -14.329 -11.726 1.00 44.77  ? 282 HOH A O   1 
HETATM 1531 O O   . HOH B 2 .   ? 8.680   2.253   -17.286 1.00 49.34  ? 283 HOH A O   1 
HETATM 1532 O O   . HOH B 2 .   ? 2.238   -9.219  18.303  1.00 48.91  ? 284 HOH A O   1 
HETATM 1533 O O   . HOH B 2 .   ? 14.904  7.666   0.491   1.00 40.83  ? 285 HOH A O   1 
HETATM 1534 O O   . HOH B 2 .   ? 15.966  -4.718  -7.516  1.00 42.22  ? 286 HOH A O   1 
HETATM 1535 O O   . HOH B 2 .   ? 10.617  -13.325 -5.356  1.00 49.02  ? 287 HOH A O   1 
HETATM 1536 O O   . HOH B 2 .   ? 17.108  -3.100  -0.111  1.00 51.90  ? 288 HOH A O   1 
HETATM 1537 O O   . HOH B 2 .   ? -17.633 -4.026  3.606   1.00 49.56  ? 289 HOH A O   1 
HETATM 1538 O O   . HOH B 2 .   ? 16.768  4.016   3.222   1.00 45.52  ? 290 HOH A O   1 
HETATM 1539 O O   . HOH B 2 .   ? 3.060   -3.892  18.759  1.00 44.40  ? 291 HOH A O   1 
HETATM 1540 O O   . HOH B 2 .   ? 3.841   -4.005  16.267  1.00 44.64  ? 292 HOH A O   1 
HETATM 1541 O O   . HOH B 2 .   ? 7.880   17.536  14.646  1.00 44.68  ? 293 HOH A O   1 
HETATM 1542 O O   . HOH B 2 .   ? 10.201  9.199   13.407  1.00 45.45  ? 294 HOH A O   1 
HETATM 1543 O O   . HOH B 2 .   ? -14.522 -5.553  9.883   1.00 43.92  ? 295 HOH A O   1 
HETATM 1544 O O   . HOH B 2 .   ? 12.637  12.958  1.451   1.00 57.13  ? 296 HOH A O   1 
HETATM 1545 O O   . HOH B 2 .   ? -0.415  13.412  -11.412 1.00 44.78  ? 297 HOH A O   1 
HETATM 1546 O O   . HOH B 2 .   ? -16.652 2.842   5.420   1.00 48.10  ? 298 HOH A O   1 
HETATM 1547 O O   . HOH B 2 .   ? 12.126  7.338   9.630   1.00 43.35  ? 299 HOH A O   1 
HETATM 1548 O O   . HOH B 2 .   ? 9.048   -14.437 -6.828  1.00 53.01  ? 300 HOH A O   1 
HETATM 1549 O O   . HOH B 2 .   ? -1.893  -17.366 -7.322  1.00 48.01  ? 301 HOH A O   1 
HETATM 1550 O O   . HOH B 2 .   ? -13.965 -2.441  15.922  1.00 59.60  ? 302 HOH A O   1 
HETATM 1551 O O   . HOH B 2 .   ? 12.742  1.150   -15.447 1.00 46.48  ? 303 HOH A O   1 
HETATM 1552 O O   . HOH B 2 .   ? 11.448  -16.157 0.282   1.00 53.51  ? 304 HOH A O   1 
HETATM 1553 O O   . HOH B 2 .   ? 15.697  -0.421  -2.732  1.00 45.30  ? 305 HOH A O   1 
HETATM 1554 O O   . HOH B 2 .   ? -0.035  -13.687 6.872   1.00 50.34  ? 306 HOH A O   1 
HETATM 1555 O O   . HOH B 2 .   ? 6.320   -14.569 -6.819  1.00 47.34  ? 307 HOH A O   1 
HETATM 1556 O O   . HOH B 2 .   ? 8.031   12.316  -8.489  1.00 54.80  ? 308 HOH A O   1 
HETATM 1557 O O   . HOH B 2 .   ? 6.474   13.590  -4.132  1.00 40.93  ? 309 HOH A O   1 
HETATM 1558 O O   . HOH B 2 .   ? -6.915  -6.642  -17.431 1.00 62.15  ? 310 HOH A O   1 
HETATM 1559 O O   . HOH B 2 .   ? 15.368  0.375   -4.883  1.00 50.50  ? 311 HOH A O   1 
HETATM 1560 O O   . HOH B 2 .   ? -7.524  10.378  -10.410 1.00 45.74  ? 312 HOH A O   1 
HETATM 1561 O O   . HOH B 2 .   ? -12.847 3.186   14.566  1.00 50.46  ? 313 HOH A O   1 
HETATM 1562 O O   . HOH B 2 .   ? 9.899   8.072   -8.964  1.00 35.13  ? 314 HOH A O   1 
HETATM 1563 O O   . HOH B 2 .   ? -0.817  -12.740 15.818  1.00 44.26  ? 315 HOH A O   1 
HETATM 1564 O O   . HOH B 2 .   ? -15.499 3.621   3.002   1.00 35.29  ? 316 HOH A O   1 
HETATM 1565 O O   . HOH B 2 .   ? -1.563  -8.515  -14.482 1.00 49.26  ? 317 HOH A O   1 
HETATM 1566 O O   . HOH B 2 .   ? -12.998 -13.703 23.500  1.00 38.77  ? 318 HOH A O   1 
HETATM 1567 O O   . HOH B 2 .   ? 6.973   4.211   -18.045 1.00 41.14  ? 319 HOH A O   1 
HETATM 1568 O O   . HOH B 2 .   ? 9.457   15.686  16.069  1.00 42.21  ? 320 HOH A O   1 
HETATM 1569 O O   . HOH B 2 .   ? 13.662  -11.525 4.333   1.00 53.36  ? 321 HOH A O   1 
HETATM 1570 O O   . HOH B 2 .   ? -13.931 -8.191  12.775  1.00 46.73  ? 322 HOH A O   1 
HETATM 1571 O O   . HOH B 2 .   ? 17.518  -4.709  4.121   1.00 46.06  ? 323 HOH A O   1 
HETATM 1572 O O   . HOH B 2 .   ? 2.352   -2.636  -16.970 1.00 47.16  ? 324 HOH A O   1 
HETATM 1573 O O   . HOH B 2 .   ? -0.786  -16.875 -3.358  1.00 50.94  ? 325 HOH A O   1 
HETATM 1574 O O   . HOH B 2 .   ? 11.650  -10.335 -3.220  1.00 50.49  ? 326 HOH A O   1 
HETATM 1575 O O   . HOH B 2 .   ? -14.932 -16.043 20.292  1.00 47.71  ? 327 HOH A O   1 
HETATM 1576 O O   . HOH B 2 .   ? 5.058   -6.211  21.327  1.00 57.29  ? 328 HOH A O   1 
HETATM 1577 O O   . HOH B 2 .   ? 11.958  -10.545 -6.197  1.00 51.09  ? 329 HOH A O   1 
HETATM 1578 O O   . HOH B 2 .   ? -4.698  -15.852 -8.344  1.00 54.63  ? 330 HOH A O   1 
HETATM 1579 O O   . HOH B 2 .   ? 8.149   14.269  -6.599  1.00 55.25  ? 331 HOH A O   1 
HETATM 1580 O O   . HOH B 2 .   ? -2.092  -9.679  23.696  1.00 47.03  ? 332 HOH A O   1 
HETATM 1581 O O   . HOH B 2 .   ? 3.888   18.781  -3.069  1.00 60.28  ? 333 HOH A O   1 
HETATM 1582 O O   . HOH B 2 .   ? 6.314   4.309   12.345  1.00 31.88  ? 334 HOH A O   1 
HETATM 1583 O O   . HOH B 2 .   ? 10.540  3.006   -15.278 1.00 37.62  ? 335 HOH A O   1 
HETATM 1584 O O   . HOH B 2 .   ? 4.852   -6.801  16.635  1.00 45.59  ? 336 HOH A O   1 
HETATM 1585 O O   . HOH B 2 .   ? 2.805   -18.842 -5.770  1.00 51.98  ? 337 HOH A O   1 
HETATM 1586 O O   . HOH B 2 .   ? -7.289  -16.184 -5.256  1.00 54.65  ? 338 HOH A O   1 
HETATM 1587 O O   . HOH B 2 .   ? -1.177  -14.645 14.283  1.00 55.96  ? 339 HOH A O   1 
HETATM 1588 O O   . HOH B 2 .   ? 18.370  2.540   1.912   1.00 60.49  ? 340 HOH A O   1 
HETATM 1589 O O   . HOH B 2 .   ? -15.393 -3.946  -9.157  1.00 53.83  ? 341 HOH A O   1 
HETATM 1590 O O   . HOH B 2 .   ? 6.352   14.771  -1.879  1.00 47.44  ? 342 HOH A O   1 
HETATM 1591 O O   . HOH B 2 .   ? 7.135   -10.734 -14.108 1.00 42.70  ? 343 HOH A O   1 
HETATM 1592 O O   . HOH B 2 .   ? -16.435 -13.694 14.561  1.00 58.57  ? 344 HOH A O   1 
HETATM 1593 O O   . HOH B 2 .   ? -11.074 9.755   9.019   1.00 35.29  ? 345 HOH A O   1 
HETATM 1594 O O   . HOH B 2 .   ? 8.342   13.760  -1.451  1.00 59.40  ? 346 HOH A O   1 
HETATM 1595 O O   . HOH B 2 .   ? 17.077  0.794   6.588   1.00 56.53  ? 347 HOH A O   1 
HETATM 1596 O O   . HOH B 2 .   ? 13.690  16.601  8.398   1.00 49.87  ? 348 HOH A O   1 
HETATM 1597 O O   . HOH B 2 .   ? 17.947  1.836   -0.875  1.00 57.94  ? 349 HOH A O   1 
HETATM 1598 O O   . HOH B 2 .   ? 8.731   -12.914 -14.650 1.00 60.08  ? 350 HOH A O   1 
HETATM 1599 O O   . HOH B 2 .   ? 13.954  15.463  6.446   1.00 63.57  ? 351 HOH A O   1 
HETATM 1600 O O   . HOH B 2 .   ? -17.396 -8.214  -0.887  1.00 64.72  ? 352 HOH A O   1 
HETATM 1601 O O   . HOH B 2 .   ? 7.427   8.232   -16.661 1.00 33.89  ? 353 HOH A O   1 
HETATM 1602 O O   . HOH B 2 .   ? 5.624   -3.735  19.832  1.00 56.68  ? 354 HOH A O   1 
HETATM 1603 O O   . HOH B 2 .   ? -17.230 -12.335 18.889  1.00 43.27  ? 355 HOH A O   1 
HETATM 1604 O O   . HOH B 2 .   ? 7.274   6.511   -18.053 1.00 49.08  ? 356 HOH A O   1 
HETATM 1605 O O   . HOH B 2 .   ? 15.617  1.810   -9.315  1.00 52.24  ? 357 HOH A O   1 
HETATM 1606 O O   . HOH B 2 .   ? -11.664 -13.794 0.790   1.00 60.43  ? 358 HOH A O   1 
HETATM 1607 O O   . HOH B 2 .   ? -16.524 2.504   11.802  1.00 53.08  ? 359 HOH A O   1 
HETATM 1608 O O   . HOH B 2 .   ? 9.546   19.013  5.566   1.00 60.83  ? 360 HOH A O   1 
HETATM 1609 O O   . HOH B 2 .   ? -8.536  15.375  -0.596  1.00 36.81  ? 361 HOH A O   1 
HETATM 1610 O O   . HOH B 2 .   ? 2.437   -5.994  19.959  1.00 49.54  ? 362 HOH A O   1 
HETATM 1611 O O   . HOH B 2 .   ? 1.443   15.054  -10.871 1.00 55.37  ? 363 HOH A O   1 
HETATM 1612 O O   . HOH B 2 .   ? 7.182   -13.858 6.593   1.00 36.68  ? 364 HOH A O   1 
HETATM 1613 O O   . HOH B 2 .   ? -10.275 13.548  -0.389  1.00 39.32  ? 365 HOH A O   1 
HETATM 1614 O O   . HOH B 2 .   ? 3.515   19.402  -7.486  1.00 62.10  ? 366 HOH A O   1 
HETATM 1615 O O   . HOH B 2 .   ? 7.549   20.636  5.116   1.00 66.14  ? 367 HOH A O   1 
HETATM 1616 O O   . HOH B 2 .   ? 16.492  -7.278  -2.205  1.00 44.90  ? 368 HOH A O   1 
HETATM 1617 O O   . HOH B 2 .   ? -13.796 -15.430 17.921  1.00 46.78  ? 369 HOH A O   1 
HETATM 1618 O O   . HOH B 2 .   ? -7.409  -4.271  -15.714 1.00 51.15  ? 370 HOH A O   1 
HETATM 1619 O O   . HOH B 2 .   ? 12.164  10.433  14.084  1.00 55.36  ? 371 HOH A O   1 
HETATM 1620 O O   . HOH B 2 .   ? 8.670   -17.552 -6.074  1.00 58.05  ? 372 HOH A O   1 
HETATM 1621 O O   . HOH B 2 .   ? -8.482  2.155   -15.319 1.00 35.53  ? 373 HOH A O   1 
HETATM 1622 O O   . HOH B 2 .   ? 4.365   -0.065  13.643  1.00 40.01  ? 374 HOH A O   1 
HETATM 1623 O O   . HOH B 2 .   ? 17.289  -5.290  -1.905  1.00 53.65  ? 375 HOH A O   1 
HETATM 1624 O O   . HOH B 2 .   ? 1.610   -11.907 -14.302 1.00 54.73  ? 376 HOH A O   1 
HETATM 1625 O O   . HOH B 2 .   ? 4.374   17.096  -0.835  1.00 50.94  ? 377 HOH A O   1 
HETATM 1626 O O   . HOH B 2 .   ? -9.416  -3.296  -16.029 1.00 57.63  ? 378 HOH A O   1 
HETATM 1627 O O   . HOH B 2 .   ? 10.327  7.566   -15.820 1.00 54.99  ? 379 HOH A O   1 
HETATM 1628 O O   . HOH B 2 .   ? -9.506  6.448   -6.967  1.00 29.84  ? 380 HOH A O   1 
HETATM 1629 O O   . HOH B 2 .   ? 2.035   -3.834  -14.300 1.00 48.44  ? 381 HOH A O   1 
HETATM 1630 O O   . HOH B 2 .   ? -8.039  13.597  -4.333  1.00 43.99  ? 382 HOH A O   1 
HETATM 1631 O O   . HOH B 2 .   ? -15.728 4.663   12.080  1.00 55.99  ? 383 HOH A O   1 
HETATM 1632 O O   . HOH B 2 .   ? 4.361   15.889  11.745  1.00 56.41  ? 384 HOH A O   1 
HETATM 1633 O O   . HOH B 2 .   ? 15.232  4.538   7.758   1.00 57.08  ? 385 HOH A O   1 
HETATM 1634 O O   . HOH B 2 .   ? 13.393  -10.419 6.555   1.00 61.56  ? 386 HOH A O   1 
HETATM 1635 O O   . HOH B 2 .   ? 4.979   -14.807 5.602   1.00 58.16  ? 387 HOH A O   1 
HETATM 1636 O O   . HOH B 2 .   ? 13.719  4.003   9.478   1.00 55.74  ? 388 HOH A O   1 
HETATM 1637 O O   . HOH B 2 .   ? 12.862  9.829   -4.003  1.00 56.95  ? 389 HOH A O   1 
HETATM 1638 O O   . HOH B 2 .   ? 12.658  12.565  15.194  1.00 61.29  ? 390 HOH A O   1 
HETATM 1639 O O   . HOH B 2 .   ? 15.939  -8.329  -4.619  1.00 60.66  ? 391 HOH A O   1 
HETATM 1640 O O   . HOH B 2 .   ? 13.657  10.107  -1.830  1.00 50.80  ? 392 HOH A O   1 
HETATM 1641 O O   . HOH B 2 .   ? 10.026  -13.840 -12.373 1.00 52.92  ? 393 HOH A O   1 
HETATM 1642 O O   . HOH B 2 .   ? 12.841  -8.018  -15.798 1.00 58.23  ? 394 HOH A O   1 
HETATM 1643 O O   . HOH B 2 .   ? 10.569  17.869  1.594   1.00 63.05  ? 395 HOH A O   1 
HETATM 1644 O O   . HOH B 2 .   ? 12.234  17.937  3.229   1.00 66.92  ? 396 HOH A O   1 
HETATM 1645 O O   . HOH B 2 .   ? -12.038 8.279   -7.405  1.00 54.35  ? 397 HOH A O   1 
HETATM 1646 O O   . HOH B 2 .   ? -12.296 4.430   -6.981  1.00 31.50  ? 398 HOH A O   1 
HETATM 1647 O O   . HOH B 2 .   ? -11.853 -11.113 -2.698  1.00 50.65  ? 399 HOH A O   1 
HETATM 1648 O O   . HOH B 2 .   ? -9.651  -16.995 -1.312  1.00 61.19  ? 400 HOH A O   1 
HETATM 1649 O O   . HOH B 2 .   ? -8.066  -5.399  19.757  1.00 59.25  ? 401 HOH A O   1 
HETATM 1650 O O   . HOH B 2 .   ? -13.747 6.883   11.306  1.00 62.37  ? 402 HOH A O   1 
HETATM 1651 O O   . HOH B 2 .   ? 15.101  10.686  10.544  1.00 53.61  ? 403 HOH A O   1 
HETATM 1652 O O   . HOH B 2 .   ? -16.124 -2.899  -12.276 1.00 55.27  ? 404 HOH A O   1 
HETATM 1653 O O   . HOH B 2 .   ? 13.922  -2.874  9.115   1.00 62.82  ? 405 HOH A O   1 
HETATM 1654 O O   . HOH B 2 .   ? 1.123   -13.292 4.662   1.00 56.80  ? 406 HOH A O   1 
HETATM 1655 O O   . HOH B 2 .   ? 16.957  9.666   7.514   1.00 65.34  ? 407 HOH A O   1 
HETATM 1656 O O   . HOH B 2 .   ? -5.252  -16.930 16.792  1.00 55.41  ? 408 HOH A O   1 
HETATM 1657 O O   . HOH B 2 .   ? 13.648  -13.990 -1.949  1.00 64.02  ? 409 HOH A O   1 
HETATM 1658 O O   . HOH B 2 .   ? 7.452   -13.322 14.006  1.00 62.70  ? 410 HOH A O   1 
HETATM 1659 O O   . HOH B 2 .   ? 0.686   -9.257  -16.823 1.00 61.01  ? 411 HOH A O   1 
HETATM 1660 O O   . HOH B 2 .   ? 15.347  -0.910  9.199   1.00 58.30  ? 412 HOH A O   1 
HETATM 1661 O O   . HOH B 2 .   ? -5.903  -18.366 14.988  1.00 68.86  ? 413 HOH A O   1 
HETATM 1662 O O   . HOH B 2 .   ? -5.154  -13.132 7.044   1.00 37.98  ? 414 HOH A O   1 
HETATM 1663 O O   . HOH B 2 .   ? 17.010  -6.657  -11.093 1.00 47.20  ? 415 HOH A O   1 
HETATM 1664 O O   . HOH B 2 .   ? 12.727  20.149  9.050   1.00 51.28  ? 416 HOH A O   1 
HETATM 1665 O O   . HOH B 2 .   ? 1.265   16.955  -0.653  1.00 44.55  ? 417 HOH A O   1 
HETATM 1666 O O   . HOH B 2 .   ? 5.340   0.196   -18.216 1.00 43.67  ? 418 HOH A O   1 
HETATM 1667 O O   . HOH B 2 .   ? -12.687 -7.771  2.877   1.00 43.51  ? 419 HOH A O   1 
HETATM 1668 O O   . HOH B 2 .   ? -6.904  -17.696 19.610  1.00 51.03  ? 420 HOH A O   1 
HETATM 1669 O O   . HOH B 2 .   ? -1.844  -14.617 3.563   1.00 51.39  ? 421 HOH A O   1 
HETATM 1670 O O   . HOH B 2 .   ? -9.585  14.177  -2.620  1.00 52.23  ? 422 HOH A O   1 
HETATM 1671 O O   . HOH B 2 .   ? 16.793  12.676  8.100   1.00 59.98  ? 423 HOH A O   1 
HETATM 1672 O O   . HOH B 2 .   ? 11.777  15.142  15.811  1.00 58.43  ? 424 HOH A O   1 
HETATM 1673 O O   . HOH B 2 .   ? -11.923 -2.961  -17.499 1.00 68.18  ? 425 HOH A O   1 
HETATM 1674 O O   . HOH B 2 .   ? -5.063  -4.955  -17.159 1.00 77.89  ? 426 HOH A O   1 
HETATM 1675 O O   . HOH B 2 .   ? -13.990 -5.796  -0.377  1.00 51.62  ? 427 HOH A O   1 
HETATM 1676 O O   . HOH B 2 .   ? -16.512 -1.126  -1.125  1.00 37.32  ? 428 HOH A O   1 
HETATM 1677 O O   . HOH B 2 .   ? 12.694  -2.604  -8.394  1.00 52.10  ? 429 HOH A O   1 
HETATM 1678 O O   . HOH B 2 .   ? 3.277   -14.440 2.961   1.00 65.69  ? 430 HOH A O   1 
HETATM 1679 O O   . HOH B 2 .   ? 14.068  -10.027 -2.425  1.00 53.90  ? 431 HOH A O   1 
HETATM 1680 O O   . HOH B 2 .   ? -3.328  -15.256 -1.730  1.00 51.56  ? 432 HOH A O   1 
HETATM 1681 O O   . HOH B 2 .   ? -15.233 3.918   14.162  0.50 71.69  ? 433 HOH A O   1 
HETATM 1682 O O   . HOH B 2 .   ? -6.073  -15.044 10.906  1.00 59.77  ? 434 HOH A O   1 
HETATM 1683 O O   . HOH B 2 .   ? 2.951   16.909  9.967   1.00 69.40  ? 435 HOH A O   1 
HETATM 1684 O O   . HOH B 2 .   ? 8.180   -5.307  -16.132 1.00 59.59  ? 436 HOH A O   1 
HETATM 1685 O O   . HOH B 2 .   ? 1.847   26.236  -21.346 1.00 52.48  ? 437 HOH A O   1 
HETATM 1686 O O   . HOH B 2 .   ? 17.221  -3.419  6.773   1.00 62.48  ? 438 HOH A O   1 
HETATM 1687 O O   . HOH B 2 .   ? 14.114  14.727  2.972   1.00 60.77  ? 439 HOH A O   1 
HETATM 1688 O O   . HOH B 2 .   ? -0.445  -12.950 20.410  1.00 69.63  ? 440 HOH A O   1 
HETATM 1689 O O   . HOH B 2 .   ? 8.475   13.327  -11.585 1.00 53.40  ? 441 HOH A O   1 
HETATM 1690 O O   . HOH B 2 .   ? -0.154  18.239  -2.065  1.00 56.68  ? 442 HOH A O   1 
HETATM 1691 O O   . HOH B 2 .   ? -8.604  -14.148 -11.133 1.00 58.99  ? 443 HOH A O   1 
HETATM 1692 O O   . HOH B 2 .   ? 3.995   1.984   13.549  1.00 51.94  ? 444 HOH A O   1 
HETATM 1693 O O   . HOH B 2 .   ? 14.206  2.898   -5.536  1.00 55.02  ? 445 HOH A O   1 
HETATM 1694 O O   . HOH B 2 .   ? -12.591 -7.734  18.794  1.00 69.06  ? 446 HOH A O   1 
# 
loop_
_pdbx_poly_seq_scheme.asym_id 
_pdbx_poly_seq_scheme.entity_id 
_pdbx_poly_seq_scheme.seq_id 
_pdbx_poly_seq_scheme.mon_id 
_pdbx_poly_seq_scheme.ndb_seq_num 
_pdbx_poly_seq_scheme.pdb_seq_num 
_pdbx_poly_seq_scheme.auth_seq_num 
_pdbx_poly_seq_scheme.pdb_mon_id 
_pdbx_poly_seq_scheme.auth_mon_id 
_pdbx_poly_seq_scheme.pdb_strand_id 
_pdbx_poly_seq_scheme.pdb_ins_code 
_pdbx_poly_seq_scheme.hetero 
A 1 1   MET 1   -22 ?   ?   ?   A . n 
A 1 2   GLY 2   -21 ?   ?   ?   A . n 
A 1 3   SER 3   -20 ?   ?   ?   A . n 
A 1 4   SER 4   -19 ?   ?   ?   A . n 
A 1 5   HIS 5   -18 ?   ?   ?   A . n 
A 1 6   HIS 6   -17 ?   ?   ?   A . n 
A 1 7   HIS 7   -16 ?   ?   ?   A . n 
A 1 8   HIS 8   -15 ?   ?   ?   A . n 
A 1 9   HIS 9   -14 ?   ?   ?   A . n 
A 1 10  HIS 10  -13 ?   ?   ?   A . n 
A 1 11  SER 11  -12 ?   ?   ?   A . n 
A 1 12  SER 12  -11 ?   ?   ?   A . n 
A 1 13  GLY 13  -10 -10 GLY GLY A . n 
A 1 14  LEU 14  -9  -9  LEU LEU A . n 
A 1 15  VAL 15  -8  -8  VAL VAL A . n 
A 1 16  PRO 16  -7  -7  PRO PRO A . n 
A 1 17  ARG 17  -6  -6  ARG ARG A . n 
A 1 18  GLY 18  -5  -5  GLY GLY A . n 
A 1 19  SER 19  -4  -4  SER SER A . n 
A 1 20  HIS 20  -3  -3  HIS HIS A . n 
A 1 21  MET 21  -2  -2  MET MET A . n 
A 1 22  ALA 22  -1  -1  ALA ALA A . n 
A 1 23  SER 23  0   0   SER SER A . n 
A 1 24  MET 24  1   1   MET MET A . n 
A 1 25  SER 25  2   2   SER SER A . n 
A 1 26  ASP 26  3   3   ASP ASP A . n 
A 1 27  LEU 27  4   4   LEU LEU A . n 
A 1 28  VAL 28  5   5   VAL VAL A . n 
A 1 29  ASN 29  6   6   ASN ASN A . n 
A 1 30  LYS 30  7   7   LYS LYS A . n 
A 1 31  LYS 31  8   8   LYS LYS A . n 
A 1 32  PHE 32  9   9   PHE PHE A . n 
A 1 33  PRO 33  10  10  PRO PRO A . n 
A 1 34  ALA 34  11  11  ALA ALA A . n 
A 1 35  GLY 35  12  12  GLY GLY A . n 
A 1 36  ASP 36  13  13  ASP ASP A . n 
A 1 37  TYR 37  14  14  TYR TYR A . n 
A 1 38  LYS 38  15  15  LYS LYS A . n 
A 1 39  PHE 39  16  16  PHE PHE A . n 
A 1 40  GLN 40  17  17  GLN GLN A . n 
A 1 41  TYR 41  18  18  TYR TYR A . n 
A 1 42  ILE 42  19  19  ILE ILE A . n 
A 1 43  ALA 43  20  20  ALA ALA A . n 
A 1 44  ILE 44  21  21  ILE ILE A . n 
A 1 45  SER 45  22  22  SER SER A . n 
A 1 46  GLN 46  23  23  GLN GLN A . n 
A 1 47  SER 47  24  24  SER SER A . n 
A 1 48  ASP 48  25  25  ASP ASP A . n 
A 1 49  ALA 49  26  26  ALA ALA A . n 
A 1 50  ASP 50  27  27  ASP ASP A . n 
A 1 51  SER 51  28  28  SER SER A . n 
A 1 52  GLU 52  29  29  GLU GLU A . n 
A 1 53  SER 53  30  30  SER SER A . n 
A 1 54  CYS 54  31  31  CYS CYS A . n 
A 1 55  LYS 55  32  32  LYS LYS A . n 
A 1 56  MET 56  33  33  MET MET A . n 
A 1 57  PRO 57  34  34  PRO PRO A . n 
A 1 58  GLN 58  35  35  GLN GLN A . n 
A 1 59  THR 59  36  36  THR THR A . n 
A 1 60  VAL 60  37  37  VAL VAL A . n 
A 1 61  GLU 61  38  38  GLU GLU A . n 
A 1 62  TRP 62  39  39  TRP TRP A . n 
A 1 63  SER 63  40  40  SER SER A . n 
A 1 64  LYS 64  41  41  LYS LYS A . n 
A 1 65  LEU 65  42  42  LEU LEU A . n 
A 1 66  ILE 66  43  43  ILE ILE A . n 
A 1 67  SER 67  44  44  SER SER A . n 
A 1 68  GLU 68  45  45  GLU GLU A . n 
A 1 69  ASN 69  46  46  ASN ASN A . n 
A 1 70  LYS 70  47  47  LYS LYS A . n 
A 1 71  LYS 71  48  48  LYS LYS A . n 
A 1 72  VAL 72  49  49  VAL VAL A . n 
A 1 73  ILE 73  50  50  ILE ILE A . n 
A 1 74  ILE 74  51  51  ILE ILE A . n 
A 1 75  THR 75  52  52  THR THR A . n 
A 1 76  GLY 76  53  53  GLY GLY A . n 
A 1 77  ALA 77  54  54  ALA ALA A . n 
A 1 78  PRO 78  55  55  PRO PRO A . n 
A 1 79  ALA 79  56  56  ALA ALA A . n 
A 1 80  ALA 80  57  57  ALA ALA A . n 
A 1 81  PHE 81  58  58  PHE PHE A . n 
A 1 82  SER 82  59  59  SER SER A . n 
A 1 83  PRO 83  60  60  PRO PRO A . n 
A 1 84  THR 84  61  61  THR THR A . n 
A 1 85  CYS 85  62  62  CYS CYS A . n 
A 1 86  THR 86  63  63  THR THR A . n 
A 1 87  VAL 87  64  64  VAL VAL A . n 
A 1 88  SER 88  65  65  SER SER A . n 
A 1 89  HIS 89  66  66  HIS HIS A . n 
A 1 90  ILE 90  67  67  ILE ILE A . n 
A 1 91  PRO 91  68  68  PRO PRO A . n 
A 1 92  GLY 92  69  69  GLY GLY A . n 
A 1 93  TYR 93  70  70  TYR TYR A . n 
A 1 94  ILE 94  71  71  ILE ILE A . n 
A 1 95  ASN 95  72  72  ASN ASN A . n 
A 1 96  TYR 96  73  73  TYR TYR A . n 
A 1 97  LEU 97  74  74  LEU LEU A . n 
A 1 98  ASP 98  75  75  ASP ASP A . n 
A 1 99  GLU 99  76  76  GLU GLU A . n 
A 1 100 LEU 100 77  77  LEU LEU A . n 
A 1 101 VAL 101 78  78  VAL VAL A . n 
A 1 102 LYS 102 79  79  LYS LYS A . n 
A 1 103 GLU 103 80  80  GLU GLU A . n 
A 1 104 LYS 104 81  81  LYS LYS A . n 
A 1 105 GLU 105 82  82  GLU GLU A . n 
A 1 106 VAL 106 83  83  VAL VAL A . n 
A 1 107 ASP 107 84  84  ASP ASP A . n 
A 1 108 GLN 108 85  85  GLN GLN A . n 
A 1 109 VAL 109 86  86  VAL VAL A . n 
A 1 110 ILE 110 87  87  ILE ILE A . n 
A 1 111 VAL 111 88  88  VAL VAL A . n 
A 1 112 VAL 112 89  89  VAL VAL A . n 
A 1 113 THR 113 90  90  THR THR A . n 
A 1 114 VAL 114 91  91  VAL VAL A . n 
A 1 115 ASP 115 92  92  ASP ASP A . n 
A 1 116 ASN 116 93  93  ASN ASN A . n 
A 1 117 PRO 117 94  94  PRO PRO A . n 
A 1 118 PHE 118 95  95  PHE PHE A . n 
A 1 119 ALA 119 96  96  ALA ALA A . n 
A 1 120 ASN 120 97  97  ASN ASN A . n 
A 1 121 GLN 121 98  98  GLN GLN A . n 
A 1 122 ALA 122 99  99  ALA ALA A . n 
A 1 123 TRP 123 100 100 TRP TRP A . n 
A 1 124 ALA 124 101 101 ALA ALA A . n 
A 1 125 LYS 125 102 102 LYS LYS A . n 
A 1 126 SER 126 103 103 SER SER A . n 
A 1 127 LEU 127 104 104 LEU LEU A . n 
A 1 128 GLY 128 105 105 GLY GLY A . n 
A 1 129 VAL 129 106 106 VAL VAL A . n 
A 1 130 LYS 130 107 107 LYS LYS A . n 
A 1 131 ASP 131 108 108 ASP ASP A . n 
A 1 132 THR 132 109 109 THR THR A . n 
A 1 133 THR 133 110 110 THR THR A . n 
A 1 134 HIS 134 111 111 HIS HIS A . n 
A 1 135 ILE 135 112 112 ILE ILE A . n 
A 1 136 LYS 136 113 113 LYS LYS A . n 
A 1 137 PHE 137 114 114 PHE PHE A . n 
A 1 138 ALA 138 115 115 ALA ALA A . n 
A 1 139 SER 139 116 116 SER SER A . n 
A 1 140 ASP 140 117 117 ASP ASP A . n 
A 1 141 PRO 141 118 118 PRO PRO A . n 
A 1 142 GLY 142 119 119 GLY GLY A . n 
A 1 143 CYS 143 120 120 CYS CYS A . n 
A 1 144 ALA 144 121 121 ALA ALA A . n 
A 1 145 PHE 145 122 122 PHE PHE A . n 
A 1 146 THR 146 123 123 THR THR A . n 
A 1 147 LYS 147 124 124 LYS LYS A . n 
A 1 148 SER 148 125 125 SER SER A . n 
A 1 149 ILE 149 126 126 ILE ILE A . n 
A 1 150 GLY 150 127 127 GLY GLY A . n 
A 1 151 PHE 151 128 128 PHE PHE A . n 
A 1 152 GLU 152 129 129 GLU GLU A . n 
A 1 153 LEU 153 130 130 LEU LEU A . n 
A 1 154 ALA 154 131 131 ALA ALA A . n 
A 1 155 VAL 155 132 132 VAL VAL A . n 
A 1 156 GLY 156 133 133 GLY GLY A . n 
A 1 157 ASP 157 134 134 ASP ASP A . n 
A 1 158 GLY 158 135 135 GLY GLY A . n 
A 1 159 VAL 159 136 136 VAL VAL A . n 
A 1 160 TYR 160 137 137 TYR TYR A . n 
A 1 161 TRP 161 138 138 TRP TRP A . n 
A 1 162 SER 162 139 139 SER SER A . n 
A 1 163 GLY 163 140 140 GLY GLY A . n 
A 1 164 ARG 164 141 141 ARG ARG A . n 
A 1 165 TRP 165 142 142 TRP TRP A . n 
A 1 166 ALA 166 143 143 ALA ALA A . n 
A 1 167 MET 167 144 144 MET MET A . n 
A 1 168 VAL 168 145 145 VAL VAL A . n 
A 1 169 VAL 169 146 146 VAL VAL A . n 
A 1 170 GLU 170 147 147 GLU GLU A . n 
A 1 171 ASN 171 148 148 ASN ASN A . n 
A 1 172 GLY 172 149 149 GLY GLY A . n 
A 1 173 ILE 173 150 150 ILE ILE A . n 
A 1 174 VAL 174 151 151 VAL VAL A . n 
A 1 175 THR 175 152 152 THR THR A . n 
A 1 176 TYR 176 153 153 TYR TYR A . n 
A 1 177 ALA 177 154 154 ALA ALA A . n 
A 1 178 ALA 178 155 155 ALA ALA A . n 
A 1 179 LYS 179 156 156 LYS LYS A . n 
A 1 180 GLU 180 157 157 GLU GLU A . n 
A 1 181 THR 181 158 158 THR THR A . n 
A 1 182 ASN 182 159 159 ASN ASN A . n 
A 1 183 PRO 183 160 160 PRO PRO A . n 
A 1 184 GLY 184 161 161 GLY GLY A . n 
A 1 185 THR 185 162 162 THR THR A . n 
A 1 186 ASP 186 163 163 ASP ASP A . n 
A 1 187 VAL 187 164 164 VAL VAL A . n 
A 1 188 THR 188 165 165 THR THR A . n 
A 1 189 VAL 189 166 166 VAL VAL A . n 
A 1 190 SER 190 167 167 SER SER A . n 
A 1 191 SER 191 168 168 SER SER A . n 
A 1 192 VAL 192 169 169 VAL VAL A . n 
A 1 193 GLU 193 170 170 GLU GLU A . n 
A 1 194 SER 194 171 171 SER SER A . n 
A 1 195 VAL 195 172 172 VAL VAL A . n 
A 1 196 LEU 196 173 173 LEU LEU A . n 
A 1 197 ALA 197 174 174 ALA ALA A . n 
A 1 198 HIS 198 175 175 HIS HIS A . n 
A 1 199 LEU 199 176 176 LEU LEU A . n 
# 
loop_
_pdbx_nonpoly_scheme.asym_id 
_pdbx_nonpoly_scheme.entity_id 
_pdbx_nonpoly_scheme.mon_id 
_pdbx_nonpoly_scheme.ndb_seq_num 
_pdbx_nonpoly_scheme.pdb_seq_num 
_pdbx_nonpoly_scheme.auth_seq_num 
_pdbx_nonpoly_scheme.pdb_mon_id 
_pdbx_nonpoly_scheme.auth_mon_id 
_pdbx_nonpoly_scheme.pdb_strand_id 
_pdbx_nonpoly_scheme.pdb_ins_code 
B 2 HOH 1   201 1   HOH HOH A . 
B 2 HOH 2   202 2   HOH HOH A . 
B 2 HOH 3   203 3   HOH HOH A . 
B 2 HOH 4   204 4   HOH HOH A . 
B 2 HOH 5   205 5   HOH HOH A . 
B 2 HOH 6   206 6   HOH HOH A . 
B 2 HOH 7   207 7   HOH HOH A . 
B 2 HOH 8   208 8   HOH HOH A . 
B 2 HOH 9   209 9   HOH HOH A . 
B 2 HOH 10  210 10  HOH HOH A . 
B 2 HOH 11  211 11  HOH HOH A . 
B 2 HOH 12  212 12  HOH HOH A . 
B 2 HOH 13  213 13  HOH HOH A . 
B 2 HOH 14  214 14  HOH HOH A . 
B 2 HOH 15  215 15  HOH HOH A . 
B 2 HOH 16  216 16  HOH HOH A . 
B 2 HOH 17  217 17  HOH HOH A . 
B 2 HOH 18  218 18  HOH HOH A . 
B 2 HOH 19  219 19  HOH HOH A . 
B 2 HOH 20  220 20  HOH HOH A . 
B 2 HOH 21  221 21  HOH HOH A . 
B 2 HOH 22  222 22  HOH HOH A . 
B 2 HOH 23  223 23  HOH HOH A . 
B 2 HOH 24  224 24  HOH HOH A . 
B 2 HOH 25  225 25  HOH HOH A . 
B 2 HOH 26  226 26  HOH HOH A . 
B 2 HOH 27  227 27  HOH HOH A . 
B 2 HOH 28  228 28  HOH HOH A . 
B 2 HOH 29  229 29  HOH HOH A . 
B 2 HOH 30  230 30  HOH HOH A . 
B 2 HOH 31  231 31  HOH HOH A . 
B 2 HOH 32  232 32  HOH HOH A . 
B 2 HOH 33  233 33  HOH HOH A . 
B 2 HOH 34  234 34  HOH HOH A . 
B 2 HOH 35  235 35  HOH HOH A . 
B 2 HOH 36  236 36  HOH HOH A . 
B 2 HOH 37  237 37  HOH HOH A . 
B 2 HOH 38  238 38  HOH HOH A . 
B 2 HOH 39  239 39  HOH HOH A . 
B 2 HOH 40  240 40  HOH HOH A . 
B 2 HOH 41  241 41  HOH HOH A . 
B 2 HOH 42  242 42  HOH HOH A . 
B 2 HOH 43  243 43  HOH HOH A . 
B 2 HOH 44  244 44  HOH HOH A . 
B 2 HOH 45  245 45  HOH HOH A . 
B 2 HOH 46  246 46  HOH HOH A . 
B 2 HOH 47  247 47  HOH HOH A . 
B 2 HOH 48  248 48  HOH HOH A . 
B 2 HOH 49  249 49  HOH HOH A . 
B 2 HOH 50  250 50  HOH HOH A . 
B 2 HOH 51  251 51  HOH HOH A . 
B 2 HOH 52  252 52  HOH HOH A . 
B 2 HOH 53  253 53  HOH HOH A . 
B 2 HOH 54  254 54  HOH HOH A . 
B 2 HOH 55  255 55  HOH HOH A . 
B 2 HOH 56  256 56  HOH HOH A . 
B 2 HOH 57  257 57  HOH HOH A . 
B 2 HOH 58  258 58  HOH HOH A . 
B 2 HOH 59  259 59  HOH HOH A . 
B 2 HOH 60  260 60  HOH HOH A . 
B 2 HOH 61  261 61  HOH HOH A . 
B 2 HOH 62  262 62  HOH HOH A . 
B 2 HOH 63  263 63  HOH HOH A . 
B 2 HOH 64  264 64  HOH HOH A . 
B 2 HOH 65  265 65  HOH HOH A . 
B 2 HOH 66  266 66  HOH HOH A . 
B 2 HOH 67  267 67  HOH HOH A . 
B 2 HOH 68  268 68  HOH HOH A . 
B 2 HOH 69  269 69  HOH HOH A . 
B 2 HOH 70  270 70  HOH HOH A . 
B 2 HOH 71  271 71  HOH HOH A . 
B 2 HOH 72  272 72  HOH HOH A . 
B 2 HOH 73  273 73  HOH HOH A . 
B 2 HOH 74  274 74  HOH HOH A . 
B 2 HOH 75  275 75  HOH HOH A . 
B 2 HOH 76  276 76  HOH HOH A . 
B 2 HOH 77  277 77  HOH HOH A . 
B 2 HOH 78  278 78  HOH HOH A . 
B 2 HOH 79  279 79  HOH HOH A . 
B 2 HOH 80  280 80  HOH HOH A . 
B 2 HOH 81  281 81  HOH HOH A . 
B 2 HOH 82  282 82  HOH HOH A . 
B 2 HOH 83  283 83  HOH HOH A . 
B 2 HOH 84  284 84  HOH HOH A . 
B 2 HOH 85  285 85  HOH HOH A . 
B 2 HOH 86  286 86  HOH HOH A . 
B 2 HOH 87  287 87  HOH HOH A . 
B 2 HOH 88  288 88  HOH HOH A . 
B 2 HOH 89  289 89  HOH HOH A . 
B 2 HOH 90  290 90  HOH HOH A . 
B 2 HOH 91  291 91  HOH HOH A . 
B 2 HOH 92  292 92  HOH HOH A . 
B 2 HOH 93  293 93  HOH HOH A . 
B 2 HOH 94  294 94  HOH HOH A . 
B 2 HOH 95  295 95  HOH HOH A . 
B 2 HOH 96  296 96  HOH HOH A . 
B 2 HOH 97  297 97  HOH HOH A . 
B 2 HOH 98  298 98  HOH HOH A . 
B 2 HOH 99  299 99  HOH HOH A . 
B 2 HOH 100 300 100 HOH HOH A . 
B 2 HOH 101 301 101 HOH HOH A . 
B 2 HOH 102 302 102 HOH HOH A . 
B 2 HOH 103 303 103 HOH HOH A . 
B 2 HOH 104 304 104 HOH HOH A . 
B 2 HOH 105 305 105 HOH HOH A . 
B 2 HOH 106 306 106 HOH HOH A . 
B 2 HOH 107 307 107 HOH HOH A . 
B 2 HOH 108 308 108 HOH HOH A . 
B 2 HOH 109 309 109 HOH HOH A . 
B 2 HOH 110 310 110 HOH HOH A . 
B 2 HOH 111 311 111 HOH HOH A . 
B 2 HOH 112 312 112 HOH HOH A . 
B 2 HOH 113 313 113 HOH HOH A . 
B 2 HOH 114 314 114 HOH HOH A . 
B 2 HOH 115 315 115 HOH HOH A . 
B 2 HOH 116 316 116 HOH HOH A . 
B 2 HOH 117 317 117 HOH HOH A . 
B 2 HOH 118 318 118 HOH HOH A . 
B 2 HOH 119 319 119 HOH HOH A . 
B 2 HOH 120 320 120 HOH HOH A . 
B 2 HOH 121 321 121 HOH HOH A . 
B 2 HOH 122 322 122 HOH HOH A . 
B 2 HOH 123 323 123 HOH HOH A . 
B 2 HOH 124 324 124 HOH HOH A . 
B 2 HOH 125 325 125 HOH HOH A . 
B 2 HOH 126 326 126 HOH HOH A . 
B 2 HOH 127 327 127 HOH HOH A . 
B 2 HOH 128 328 129 HOH HOH A . 
B 2 HOH 129 329 130 HOH HOH A . 
B 2 HOH 130 330 131 HOH HOH A . 
B 2 HOH 131 331 132 HOH HOH A . 
B 2 HOH 132 332 133 HOH HOH A . 
B 2 HOH 133 333 134 HOH HOH A . 
B 2 HOH 134 334 136 HOH HOH A . 
B 2 HOH 135 335 137 HOH HOH A . 
B 2 HOH 136 336 138 HOH HOH A . 
B 2 HOH 137 337 139 HOH HOH A . 
B 2 HOH 138 338 140 HOH HOH A . 
B 2 HOH 139 339 141 HOH HOH A . 
B 2 HOH 140 340 142 HOH HOH A . 
B 2 HOH 141 341 143 HOH HOH A . 
B 2 HOH 142 342 144 HOH HOH A . 
B 2 HOH 143 343 145 HOH HOH A . 
B 2 HOH 144 344 146 HOH HOH A . 
B 2 HOH 145 345 148 HOH HOH A . 
B 2 HOH 146 346 150 HOH HOH A . 
B 2 HOH 147 347 151 HOH HOH A . 
B 2 HOH 148 348 152 HOH HOH A . 
B 2 HOH 149 349 153 HOH HOH A . 
B 2 HOH 150 350 154 HOH HOH A . 
B 2 HOH 151 351 156 HOH HOH A . 
B 2 HOH 152 352 157 HOH HOH A . 
B 2 HOH 153 353 158 HOH HOH A . 
B 2 HOH 154 354 159 HOH HOH A . 
B 2 HOH 155 355 160 HOH HOH A . 
B 2 HOH 156 356 161 HOH HOH A . 
B 2 HOH 157 357 162 HOH HOH A . 
B 2 HOH 158 358 163 HOH HOH A . 
B 2 HOH 159 359 164 HOH HOH A . 
B 2 HOH 160 360 165 HOH HOH A . 
B 2 HOH 161 361 166 HOH HOH A . 
B 2 HOH 162 362 167 HOH HOH A . 
B 2 HOH 163 363 168 HOH HOH A . 
B 2 HOH 164 364 169 HOH HOH A . 
B 2 HOH 165 365 170 HOH HOH A . 
B 2 HOH 166 366 171 HOH HOH A . 
B 2 HOH 167 367 172 HOH HOH A . 
B 2 HOH 168 368 174 HOH HOH A . 
B 2 HOH 169 369 175 HOH HOH A . 
B 2 HOH 170 370 177 HOH HOH A . 
B 2 HOH 171 371 178 HOH HOH A . 
B 2 HOH 172 372 179 HOH HOH A . 
B 2 HOH 173 373 180 HOH HOH A . 
B 2 HOH 174 374 181 HOH HOH A . 
B 2 HOH 175 375 182 HOH HOH A . 
B 2 HOH 176 376 183 HOH HOH A . 
B 2 HOH 177 377 184 HOH HOH A . 
B 2 HOH 178 378 185 HOH HOH A . 
B 2 HOH 179 379 186 HOH HOH A . 
B 2 HOH 180 380 187 HOH HOH A . 
B 2 HOH 181 381 189 HOH HOH A . 
B 2 HOH 182 382 190 HOH HOH A . 
B 2 HOH 183 383 191 HOH HOH A . 
B 2 HOH 184 384 192 HOH HOH A . 
B 2 HOH 185 385 193 HOH HOH A . 
B 2 HOH 186 386 194 HOH HOH A . 
B 2 HOH 187 387 195 HOH HOH A . 
B 2 HOH 188 388 196 HOH HOH A . 
B 2 HOH 189 389 197 HOH HOH A . 
B 2 HOH 190 390 198 HOH HOH A . 
B 2 HOH 191 391 199 HOH HOH A . 
B 2 HOH 192 392 200 HOH HOH A . 
B 2 HOH 193 393 201 HOH HOH A . 
B 2 HOH 194 394 202 HOH HOH A . 
B 2 HOH 195 395 203 HOH HOH A . 
B 2 HOH 196 396 204 HOH HOH A . 
B 2 HOH 197 397 205 HOH HOH A . 
B 2 HOH 198 398 206 HOH HOH A . 
B 2 HOH 199 399 207 HOH HOH A . 
B 2 HOH 200 400 208 HOH HOH A . 
B 2 HOH 201 401 209 HOH HOH A . 
B 2 HOH 202 402 210 HOH HOH A . 
B 2 HOH 203 403 211 HOH HOH A . 
B 2 HOH 204 404 212 HOH HOH A . 
B 2 HOH 205 405 213 HOH HOH A . 
B 2 HOH 206 406 214 HOH HOH A . 
B 2 HOH 207 407 215 HOH HOH A . 
B 2 HOH 208 408 216 HOH HOH A . 
B 2 HOH 209 409 218 HOH HOH A . 
B 2 HOH 210 410 219 HOH HOH A . 
B 2 HOH 211 411 220 HOH HOH A . 
B 2 HOH 212 412 221 HOH HOH A . 
B 2 HOH 213 413 222 HOH HOH A . 
B 2 HOH 214 414 223 HOH HOH A . 
B 2 HOH 215 415 224 HOH HOH A . 
B 2 HOH 216 416 225 HOH HOH A . 
B 2 HOH 217 417 226 HOH HOH A . 
B 2 HOH 218 418 227 HOH HOH A . 
B 2 HOH 219 419 228 HOH HOH A . 
B 2 HOH 220 420 229 HOH HOH A . 
B 2 HOH 221 421 230 HOH HOH A . 
B 2 HOH 222 422 235 HOH HOH A . 
B 2 HOH 223 423 237 HOH HOH A . 
B 2 HOH 224 424 238 HOH HOH A . 
B 2 HOH 225 425 239 HOH HOH A . 
B 2 HOH 226 426 240 HOH HOH A . 
B 2 HOH 227 427 241 HOH HOH A . 
B 2 HOH 228 428 242 HOH HOH A . 
B 2 HOH 229 429 243 HOH HOH A . 
B 2 HOH 230 430 244 HOH HOH A . 
B 2 HOH 231 431 247 HOH HOH A . 
B 2 HOH 232 432 248 HOH HOH A . 
B 2 HOH 233 433 249 HOH HOH A . 
B 2 HOH 234 434 250 HOH HOH A . 
B 2 HOH 235 435 251 HOH HOH A . 
B 2 HOH 236 436 252 HOH HOH A . 
B 2 HOH 237 437 253 HOH HOH A . 
B 2 HOH 238 438 254 HOH HOH A . 
B 2 HOH 239 439 255 HOH HOH A . 
B 2 HOH 240 440 256 HOH HOH A . 
B 2 HOH 241 441 257 HOH HOH A . 
B 2 HOH 242 442 258 HOH HOH A . 
B 2 HOH 243 443 259 HOH HOH A . 
B 2 HOH 244 444 260 HOH HOH A . 
B 2 HOH 245 445 261 HOH HOH A . 
B 2 HOH 246 446 262 HOH HOH A . 
# 
_pdbx_struct_assembly.id                   1 
_pdbx_struct_assembly.details              author_and_software_defined_assembly 
_pdbx_struct_assembly.method_details       PISA 
_pdbx_struct_assembly.oligomeric_details   dimeric 
_pdbx_struct_assembly.oligomeric_count     2 
# 
_pdbx_struct_assembly_gen.assembly_id       1 
_pdbx_struct_assembly_gen.oper_expression   1,2 
_pdbx_struct_assembly_gen.asym_id_list      A,B 
# 
loop_
_pdbx_struct_assembly_prop.biol_id 
_pdbx_struct_assembly_prop.type 
_pdbx_struct_assembly_prop.value 
_pdbx_struct_assembly_prop.details 
1 'ABSA (A^2)' 1130  ? 
1 MORE         -13   ? 
1 'SSA (A^2)'  17230 ? 
# 
loop_
_pdbx_struct_oper_list.id 
_pdbx_struct_oper_list.type 
_pdbx_struct_oper_list.name 
_pdbx_struct_oper_list.symmetry_operation 
_pdbx_struct_oper_list.matrix[1][1] 
_pdbx_struct_oper_list.matrix[1][2] 
_pdbx_struct_oper_list.matrix[1][3] 
_pdbx_struct_oper_list.vector[1] 
_pdbx_struct_oper_list.matrix[2][1] 
_pdbx_struct_oper_list.matrix[2][2] 
_pdbx_struct_oper_list.matrix[2][3] 
_pdbx_struct_oper_list.vector[2] 
_pdbx_struct_oper_list.matrix[3][1] 
_pdbx_struct_oper_list.matrix[3][2] 
_pdbx_struct_oper_list.matrix[3][3] 
_pdbx_struct_oper_list.vector[3] 
1 'identity operation'         1_555  x,y,z         1.0000000000 0.0000000000 0.0000000000  0.0000000000  0.0000000000 1.0000000000  0.0000000000  0.0000000000  0.0000000000  0.0000000000  1.0000000000  0.0000000000  
2 'crystal symmetry operation' 16_566 x,-y+1,-z+3/2 0.9551420715 0.2927444364 -0.0447696132 -1.1965314108 0.2927444364 -0.9561672237 -0.0067033774 12.2200561201 -0.0447696132 -0.0067033774 -0.9989748478 27.6518926992 
# 
loop_
_pdbx_struct_special_symmetry.id 
_pdbx_struct_special_symmetry.PDB_model_num 
_pdbx_struct_special_symmetry.auth_asym_id 
_pdbx_struct_special_symmetry.auth_comp_id 
_pdbx_struct_special_symmetry.auth_seq_id 
_pdbx_struct_special_symmetry.PDB_ins_code 
_pdbx_struct_special_symmetry.label_asym_id 
_pdbx_struct_special_symmetry.label_comp_id 
_pdbx_struct_special_symmetry.label_seq_id 
1 1 A HOH 236 ? B HOH . 
2 1 A HOH 433 ? B HOH . 
# 
loop_
_pdbx_audit_revision_history.ordinal 
_pdbx_audit_revision_history.data_content_type 
_pdbx_audit_revision_history.major_revision 
_pdbx_audit_revision_history.minor_revision 
_pdbx_audit_revision_history.revision_date 
1 'Structure model' 1 0 2012-10-10 
2 'Structure model' 1 1 2017-11-15 
3 'Structure model' 1 2 2023-11-08 
# 
_pdbx_audit_revision_details.ordinal             1 
_pdbx_audit_revision_details.revision_ordinal    1 
_pdbx_audit_revision_details.data_content_type   'Structure model' 
_pdbx_audit_revision_details.provider            repository 
_pdbx_audit_revision_details.type                'Initial release' 
_pdbx_audit_revision_details.description         ? 
_pdbx_audit_revision_details.details             ? 
# 
loop_
_pdbx_audit_revision_group.ordinal 
_pdbx_audit_revision_group.revision_ordinal 
_pdbx_audit_revision_group.data_content_type 
_pdbx_audit_revision_group.group 
1 2 'Structure model' 'Refinement description' 
2 3 'Structure model' 'Data collection'        
3 3 'Structure model' 'Database references'    
4 3 'Structure model' 'Refinement description' 
# 
loop_
_pdbx_audit_revision_category.ordinal 
_pdbx_audit_revision_category.revision_ordinal 
_pdbx_audit_revision_category.data_content_type 
_pdbx_audit_revision_category.category 
1 2 'Structure model' software                      
2 3 'Structure model' chem_comp_atom                
3 3 'Structure model' chem_comp_bond                
4 3 'Structure model' database_2                    
5 3 'Structure model' pdbx_initial_refinement_model 
6 3 'Structure model' struct_ref_seq_dif            
# 
loop_
_pdbx_audit_revision_item.ordinal 
_pdbx_audit_revision_item.revision_ordinal 
_pdbx_audit_revision_item.data_content_type 
_pdbx_audit_revision_item.item 
1  2 'Structure model' '_software.classification'            
2  2 'Structure model' '_software.contact_author'            
3  2 'Structure model' '_software.contact_author_email'      
4  2 'Structure model' '_software.date'                      
5  2 'Structure model' '_software.language'                  
6  2 'Structure model' '_software.location'                  
7  2 'Structure model' '_software.name'                      
8  2 'Structure model' '_software.type'                      
9  2 'Structure model' '_software.version'                   
10 3 'Structure model' '_database_2.pdbx_DOI'                
11 3 'Structure model' '_database_2.pdbx_database_accession' 
12 3 'Structure model' '_struct_ref_seq_dif.details'         
# 
loop_
_software.pdbx_ordinal 
_software.name 
_software.version 
_software.date 
_software.type 
_software.contact_author 
_software.contact_author_email 
_software.classification 
_software.location 
_software.language 
_software.citation_id 
1 DENZO       .        ?                package 'Zbyszek Otwinowski' hkl@hkl-xray.com         'data reduction'  
http://www.hkl-xray.com/                  ?   ? 
2 SCALEPACK   .        ?                package 'Zbyszek Otwinowski' hkl@hkl-xray.com         'data scaling'    
http://www.hkl-xray.com/                  ?   ? 
3 PHENIX      1.8_1069 ?                package 'Paul D. Adams'      PDAdams@lbl.gov          refinement        
http://www.phenix-online.org/             C++ ? 
4 PDB_EXTRACT 3.11     'April 22, 2011' package PDB                  deposit@deposit.rcsb.org 'data extraction' 
http://sw-tools.pdb.org/apps/PDB_EXTRACT/ C++ ? 
5 HKL-2000    .        ?                ?       ?                    ?                        'data collection' ? ?   ? 
6 HKL-2000    .        ?                ?       ?                    ?                        'data reduction'  ? ?   ? 
7 PHENIX      .        ?                ?       ?                    ?                        phasing           ? ?   ? 
# 
loop_
_pdbx_validate_close_contact.id 
_pdbx_validate_close_contact.PDB_model_num 
_pdbx_validate_close_contact.auth_atom_id_1 
_pdbx_validate_close_contact.auth_asym_id_1 
_pdbx_validate_close_contact.auth_comp_id_1 
_pdbx_validate_close_contact.auth_seq_id_1 
_pdbx_validate_close_contact.PDB_ins_code_1 
_pdbx_validate_close_contact.label_alt_id_1 
_pdbx_validate_close_contact.auth_atom_id_2 
_pdbx_validate_close_contact.auth_asym_id_2 
_pdbx_validate_close_contact.auth_comp_id_2 
_pdbx_validate_close_contact.auth_seq_id_2 
_pdbx_validate_close_contact.PDB_ins_code_2 
_pdbx_validate_close_contact.label_alt_id_2 
_pdbx_validate_close_contact.dist 
1 1 NH1 A ARG 141 ? A O A PRO 160 ? ? 2.08 
2 1 O   A HOH 374 ? ? O A HOH 444 ? ? 2.08 
3 1 O   A HOH 368 ? ? O A HOH 375 ? ? 2.16 
# 
_pdbx_validate_symm_contact.id                1 
_pdbx_validate_symm_contact.PDB_model_num     1 
_pdbx_validate_symm_contact.auth_atom_id_1    O 
_pdbx_validate_symm_contact.auth_asym_id_1    A 
_pdbx_validate_symm_contact.auth_comp_id_1    HOH 
_pdbx_validate_symm_contact.auth_seq_id_1     238 
_pdbx_validate_symm_contact.PDB_ins_code_1    ? 
_pdbx_validate_symm_contact.label_alt_id_1    ? 
_pdbx_validate_symm_contact.site_symmetry_1   1_555 
_pdbx_validate_symm_contact.auth_atom_id_2    O 
_pdbx_validate_symm_contact.auth_asym_id_2    A 
_pdbx_validate_symm_contact.auth_comp_id_2    HOH 
_pdbx_validate_symm_contact.auth_seq_id_2     444 
_pdbx_validate_symm_contact.PDB_ins_code_2    ? 
_pdbx_validate_symm_contact.label_alt_id_2    ? 
_pdbx_validate_symm_contact.site_symmetry_2   16_566 
_pdbx_validate_symm_contact.dist              2.03 
# 
loop_
_pdbx_validate_torsion.id 
_pdbx_validate_torsion.PDB_model_num 
_pdbx_validate_torsion.auth_comp_id 
_pdbx_validate_torsion.auth_asym_id 
_pdbx_validate_torsion.auth_seq_id 
_pdbx_validate_torsion.PDB_ins_code 
_pdbx_validate_torsion.label_alt_id 
_pdbx_validate_torsion.phi 
_pdbx_validate_torsion.psi 
1 1 PRO A -7  ? ? -76.09  -154.18 
2 1 PHE A 58  ? ? 75.35   -4.16   
3 1 HIS A 66  ? ? -96.70  -68.42  
4 1 THR A 165 ? ? -126.32 -85.04  
# 
loop_
_pdbx_unobs_or_zero_occ_residues.id 
_pdbx_unobs_or_zero_occ_residues.PDB_model_num 
_pdbx_unobs_or_zero_occ_residues.polymer_flag 
_pdbx_unobs_or_zero_occ_residues.occupancy_flag 
_pdbx_unobs_or_zero_occ_residues.auth_asym_id 
_pdbx_unobs_or_zero_occ_residues.auth_comp_id 
_pdbx_unobs_or_zero_occ_residues.auth_seq_id 
_pdbx_unobs_or_zero_occ_residues.PDB_ins_code 
_pdbx_unobs_or_zero_occ_residues.label_asym_id 
_pdbx_unobs_or_zero_occ_residues.label_comp_id 
_pdbx_unobs_or_zero_occ_residues.label_seq_id 
1  1 Y 1 A MET -22 ? A MET 1  
2  1 Y 1 A GLY -21 ? A GLY 2  
3  1 Y 1 A SER -20 ? A SER 3  
4  1 Y 1 A SER -19 ? A SER 4  
5  1 Y 1 A HIS -18 ? A HIS 5  
6  1 Y 1 A HIS -17 ? A HIS 6  
7  1 Y 1 A HIS -16 ? A HIS 7  
8  1 Y 1 A HIS -15 ? A HIS 8  
9  1 Y 1 A HIS -14 ? A HIS 9  
10 1 Y 1 A HIS -13 ? A HIS 10 
11 1 Y 1 A SER -12 ? A SER 11 
12 1 Y 1 A SER -11 ? A SER 12 
# 
loop_
_chem_comp_atom.comp_id 
_chem_comp_atom.atom_id 
_chem_comp_atom.type_symbol 
_chem_comp_atom.pdbx_aromatic_flag 
_chem_comp_atom.pdbx_stereo_config 
_chem_comp_atom.pdbx_ordinal 
ALA N    N N N 1   
ALA CA   C N S 2   
ALA C    C N N 3   
ALA O    O N N 4   
ALA CB   C N N 5   
ALA OXT  O N N 6   
ALA H    H N N 7   
ALA H2   H N N 8   
ALA HA   H N N 9   
ALA HB1  H N N 10  
ALA HB2  H N N 11  
ALA HB3  H N N 12  
ALA HXT  H N N 13  
ARG N    N N N 14  
ARG CA   C N S 15  
ARG C    C N N 16  
ARG O    O N N 17  
ARG CB   C N N 18  
ARG CG   C N N 19  
ARG CD   C N N 20  
ARG NE   N N N 21  
ARG CZ   C N N 22  
ARG NH1  N N N 23  
ARG NH2  N N N 24  
ARG OXT  O N N 25  
ARG H    H N N 26  
ARG H2   H N N 27  
ARG HA   H N N 28  
ARG HB2  H N N 29  
ARG HB3  H N N 30  
ARG HG2  H N N 31  
ARG HG3  H N N 32  
ARG HD2  H N N 33  
ARG HD3  H N N 34  
ARG HE   H N N 35  
ARG HH11 H N N 36  
ARG HH12 H N N 37  
ARG HH21 H N N 38  
ARG HH22 H N N 39  
ARG HXT  H N N 40  
ASN N    N N N 41  
ASN CA   C N S 42  
ASN C    C N N 43  
ASN O    O N N 44  
ASN CB   C N N 45  
ASN CG   C N N 46  
ASN OD1  O N N 47  
ASN ND2  N N N 48  
ASN OXT  O N N 49  
ASN H    H N N 50  
ASN H2   H N N 51  
ASN HA   H N N 52  
ASN HB2  H N N 53  
ASN HB3  H N N 54  
ASN HD21 H N N 55  
ASN HD22 H N N 56  
ASN HXT  H N N 57  
ASP N    N N N 58  
ASP CA   C N S 59  
ASP C    C N N 60  
ASP O    O N N 61  
ASP CB   C N N 62  
ASP CG   C N N 63  
ASP OD1  O N N 64  
ASP OD2  O N N 65  
ASP OXT  O N N 66  
ASP H    H N N 67  
ASP H2   H N N 68  
ASP HA   H N N 69  
ASP HB2  H N N 70  
ASP HB3  H N N 71  
ASP HD2  H N N 72  
ASP HXT  H N N 73  
CYS N    N N N 74  
CYS CA   C N R 75  
CYS C    C N N 76  
CYS O    O N N 77  
CYS CB   C N N 78  
CYS SG   S N N 79  
CYS OXT  O N N 80  
CYS H    H N N 81  
CYS H2   H N N 82  
CYS HA   H N N 83  
CYS HB2  H N N 84  
CYS HB3  H N N 85  
CYS HG   H N N 86  
CYS HXT  H N N 87  
GLN N    N N N 88  
GLN CA   C N S 89  
GLN C    C N N 90  
GLN O    O N N 91  
GLN CB   C N N 92  
GLN CG   C N N 93  
GLN CD   C N N 94  
GLN OE1  O N N 95  
GLN NE2  N N N 96  
GLN OXT  O N N 97  
GLN H    H N N 98  
GLN H2   H N N 99  
GLN HA   H N N 100 
GLN HB2  H N N 101 
GLN HB3  H N N 102 
GLN HG2  H N N 103 
GLN HG3  H N N 104 
GLN HE21 H N N 105 
GLN HE22 H N N 106 
GLN HXT  H N N 107 
GLU N    N N N 108 
GLU CA   C N S 109 
GLU C    C N N 110 
GLU O    O N N 111 
GLU CB   C N N 112 
GLU CG   C N N 113 
GLU CD   C N N 114 
GLU OE1  O N N 115 
GLU OE2  O N N 116 
GLU OXT  O N N 117 
GLU H    H N N 118 
GLU H2   H N N 119 
GLU HA   H N N 120 
GLU HB2  H N N 121 
GLU HB3  H N N 122 
GLU HG2  H N N 123 
GLU HG3  H N N 124 
GLU HE2  H N N 125 
GLU HXT  H N N 126 
GLY N    N N N 127 
GLY CA   C N N 128 
GLY C    C N N 129 
GLY O    O N N 130 
GLY OXT  O N N 131 
GLY H    H N N 132 
GLY H2   H N N 133 
GLY HA2  H N N 134 
GLY HA3  H N N 135 
GLY HXT  H N N 136 
HIS N    N N N 137 
HIS CA   C N S 138 
HIS C    C N N 139 
HIS O    O N N 140 
HIS CB   C N N 141 
HIS CG   C Y N 142 
HIS ND1  N Y N 143 
HIS CD2  C Y N 144 
HIS CE1  C Y N 145 
HIS NE2  N Y N 146 
HIS OXT  O N N 147 
HIS H    H N N 148 
HIS H2   H N N 149 
HIS HA   H N N 150 
HIS HB2  H N N 151 
HIS HB3  H N N 152 
HIS HD1  H N N 153 
HIS HD2  H N N 154 
HIS HE1  H N N 155 
HIS HE2  H N N 156 
HIS HXT  H N N 157 
HOH O    O N N 158 
HOH H1   H N N 159 
HOH H2   H N N 160 
ILE N    N N N 161 
ILE CA   C N S 162 
ILE C    C N N 163 
ILE O    O N N 164 
ILE CB   C N S 165 
ILE CG1  C N N 166 
ILE CG2  C N N 167 
ILE CD1  C N N 168 
ILE OXT  O N N 169 
ILE H    H N N 170 
ILE H2   H N N 171 
ILE HA   H N N 172 
ILE HB   H N N 173 
ILE HG12 H N N 174 
ILE HG13 H N N 175 
ILE HG21 H N N 176 
ILE HG22 H N N 177 
ILE HG23 H N N 178 
ILE HD11 H N N 179 
ILE HD12 H N N 180 
ILE HD13 H N N 181 
ILE HXT  H N N 182 
LEU N    N N N 183 
LEU CA   C N S 184 
LEU C    C N N 185 
LEU O    O N N 186 
LEU CB   C N N 187 
LEU CG   C N N 188 
LEU CD1  C N N 189 
LEU CD2  C N N 190 
LEU OXT  O N N 191 
LEU H    H N N 192 
LEU H2   H N N 193 
LEU HA   H N N 194 
LEU HB2  H N N 195 
LEU HB3  H N N 196 
LEU HG   H N N 197 
LEU HD11 H N N 198 
LEU HD12 H N N 199 
LEU HD13 H N N 200 
LEU HD21 H N N 201 
LEU HD22 H N N 202 
LEU HD23 H N N 203 
LEU HXT  H N N 204 
LYS N    N N N 205 
LYS CA   C N S 206 
LYS C    C N N 207 
LYS O    O N N 208 
LYS CB   C N N 209 
LYS CG   C N N 210 
LYS CD   C N N 211 
LYS CE   C N N 212 
LYS NZ   N N N 213 
LYS OXT  O N N 214 
LYS H    H N N 215 
LYS H2   H N N 216 
LYS HA   H N N 217 
LYS HB2  H N N 218 
LYS HB3  H N N 219 
LYS HG2  H N N 220 
LYS HG3  H N N 221 
LYS HD2  H N N 222 
LYS HD3  H N N 223 
LYS HE2  H N N 224 
LYS HE3  H N N 225 
LYS HZ1  H N N 226 
LYS HZ2  H N N 227 
LYS HZ3  H N N 228 
LYS HXT  H N N 229 
MET N    N N N 230 
MET CA   C N S 231 
MET C    C N N 232 
MET O    O N N 233 
MET CB   C N N 234 
MET CG   C N N 235 
MET SD   S N N 236 
MET CE   C N N 237 
MET OXT  O N N 238 
MET H    H N N 239 
MET H2   H N N 240 
MET HA   H N N 241 
MET HB2  H N N 242 
MET HB3  H N N 243 
MET HG2  H N N 244 
MET HG3  H N N 245 
MET HE1  H N N 246 
MET HE2  H N N 247 
MET HE3  H N N 248 
MET HXT  H N N 249 
PHE N    N N N 250 
PHE CA   C N S 251 
PHE C    C N N 252 
PHE O    O N N 253 
PHE CB   C N N 254 
PHE CG   C Y N 255 
PHE CD1  C Y N 256 
PHE CD2  C Y N 257 
PHE CE1  C Y N 258 
PHE CE2  C Y N 259 
PHE CZ   C Y N 260 
PHE OXT  O N N 261 
PHE H    H N N 262 
PHE H2   H N N 263 
PHE HA   H N N 264 
PHE HB2  H N N 265 
PHE HB3  H N N 266 
PHE HD1  H N N 267 
PHE HD2  H N N 268 
PHE HE1  H N N 269 
PHE HE2  H N N 270 
PHE HZ   H N N 271 
PHE HXT  H N N 272 
PRO N    N N N 273 
PRO CA   C N S 274 
PRO C    C N N 275 
PRO O    O N N 276 
PRO CB   C N N 277 
PRO CG   C N N 278 
PRO CD   C N N 279 
PRO OXT  O N N 280 
PRO H    H N N 281 
PRO HA   H N N 282 
PRO HB2  H N N 283 
PRO HB3  H N N 284 
PRO HG2  H N N 285 
PRO HG3  H N N 286 
PRO HD2  H N N 287 
PRO HD3  H N N 288 
PRO HXT  H N N 289 
SER N    N N N 290 
SER CA   C N S 291 
SER C    C N N 292 
SER O    O N N 293 
SER CB   C N N 294 
SER OG   O N N 295 
SER OXT  O N N 296 
SER H    H N N 297 
SER H2   H N N 298 
SER HA   H N N 299 
SER HB2  H N N 300 
SER HB3  H N N 301 
SER HG   H N N 302 
SER HXT  H N N 303 
THR N    N N N 304 
THR CA   C N S 305 
THR C    C N N 306 
THR O    O N N 307 
THR CB   C N R 308 
THR OG1  O N N 309 
THR CG2  C N N 310 
THR OXT  O N N 311 
THR H    H N N 312 
THR H2   H N N 313 
THR HA   H N N 314 
THR HB   H N N 315 
THR HG1  H N N 316 
THR HG21 H N N 317 
THR HG22 H N N 318 
THR HG23 H N N 319 
THR HXT  H N N 320 
TRP N    N N N 321 
TRP CA   C N S 322 
TRP C    C N N 323 
TRP O    O N N 324 
TRP CB   C N N 325 
TRP CG   C Y N 326 
TRP CD1  C Y N 327 
TRP CD2  C Y N 328 
TRP NE1  N Y N 329 
TRP CE2  C Y N 330 
TRP CE3  C Y N 331 
TRP CZ2  C Y N 332 
TRP CZ3  C Y N 333 
TRP CH2  C Y N 334 
TRP OXT  O N N 335 
TRP H    H N N 336 
TRP H2   H N N 337 
TRP HA   H N N 338 
TRP HB2  H N N 339 
TRP HB3  H N N 340 
TRP HD1  H N N 341 
TRP HE1  H N N 342 
TRP HE3  H N N 343 
TRP HZ2  H N N 344 
TRP HZ3  H N N 345 
TRP HH2  H N N 346 
TRP HXT  H N N 347 
TYR N    N N N 348 
TYR CA   C N S 349 
TYR C    C N N 350 
TYR O    O N N 351 
TYR CB   C N N 352 
TYR CG   C Y N 353 
TYR CD1  C Y N 354 
TYR CD2  C Y N 355 
TYR CE1  C Y N 356 
TYR CE2  C Y N 357 
TYR CZ   C Y N 358 
TYR OH   O N N 359 
TYR OXT  O N N 360 
TYR H    H N N 361 
TYR H2   H N N 362 
TYR HA   H N N 363 
TYR HB2  H N N 364 
TYR HB3  H N N 365 
TYR HD1  H N N 366 
TYR HD2  H N N 367 
TYR HE1  H N N 368 
TYR HE2  H N N 369 
TYR HH   H N N 370 
TYR HXT  H N N 371 
VAL N    N N N 372 
VAL CA   C N S 373 
VAL C    C N N 374 
VAL O    O N N 375 
VAL CB   C N N 376 
VAL CG1  C N N 377 
VAL CG2  C N N 378 
VAL OXT  O N N 379 
VAL H    H N N 380 
VAL H2   H N N 381 
VAL HA   H N N 382 
VAL HB   H N N 383 
VAL HG11 H N N 384 
VAL HG12 H N N 385 
VAL HG13 H N N 386 
VAL HG21 H N N 387 
VAL HG22 H N N 388 
VAL HG23 H N N 389 
VAL HXT  H N N 390 
# 
loop_
_chem_comp_bond.comp_id 
_chem_comp_bond.atom_id_1 
_chem_comp_bond.atom_id_2 
_chem_comp_bond.value_order 
_chem_comp_bond.pdbx_aromatic_flag 
_chem_comp_bond.pdbx_stereo_config 
_chem_comp_bond.pdbx_ordinal 
ALA N   CA   sing N N 1   
ALA N   H    sing N N 2   
ALA N   H2   sing N N 3   
ALA CA  C    sing N N 4   
ALA CA  CB   sing N N 5   
ALA CA  HA   sing N N 6   
ALA C   O    doub N N 7   
ALA C   OXT  sing N N 8   
ALA CB  HB1  sing N N 9   
ALA CB  HB2  sing N N 10  
ALA CB  HB3  sing N N 11  
ALA OXT HXT  sing N N 12  
ARG N   CA   sing N N 13  
ARG N   H    sing N N 14  
ARG N   H2   sing N N 15  
ARG CA  C    sing N N 16  
ARG CA  CB   sing N N 17  
ARG CA  HA   sing N N 18  
ARG C   O    doub N N 19  
ARG C   OXT  sing N N 20  
ARG CB  CG   sing N N 21  
ARG CB  HB2  sing N N 22  
ARG CB  HB3  sing N N 23  
ARG CG  CD   sing N N 24  
ARG CG  HG2  sing N N 25  
ARG CG  HG3  sing N N 26  
ARG CD  NE   sing N N 27  
ARG CD  HD2  sing N N 28  
ARG CD  HD3  sing N N 29  
ARG NE  CZ   sing N N 30  
ARG NE  HE   sing N N 31  
ARG CZ  NH1  sing N N 32  
ARG CZ  NH2  doub N N 33  
ARG NH1 HH11 sing N N 34  
ARG NH1 HH12 sing N N 35  
ARG NH2 HH21 sing N N 36  
ARG NH2 HH22 sing N N 37  
ARG OXT HXT  sing N N 38  
ASN N   CA   sing N N 39  
ASN N   H    sing N N 40  
ASN N   H2   sing N N 41  
ASN CA  C    sing N N 42  
ASN CA  CB   sing N N 43  
ASN CA  HA   sing N N 44  
ASN C   O    doub N N 45  
ASN C   OXT  sing N N 46  
ASN CB  CG   sing N N 47  
ASN CB  HB2  sing N N 48  
ASN CB  HB3  sing N N 49  
ASN CG  OD1  doub N N 50  
ASN CG  ND2  sing N N 51  
ASN ND2 HD21 sing N N 52  
ASN ND2 HD22 sing N N 53  
ASN OXT HXT  sing N N 54  
ASP N   CA   sing N N 55  
ASP N   H    sing N N 56  
ASP N   H2   sing N N 57  
ASP CA  C    sing N N 58  
ASP CA  CB   sing N N 59  
ASP CA  HA   sing N N 60  
ASP C   O    doub N N 61  
ASP C   OXT  sing N N 62  
ASP CB  CG   sing N N 63  
ASP CB  HB2  sing N N 64  
ASP CB  HB3  sing N N 65  
ASP CG  OD1  doub N N 66  
ASP CG  OD2  sing N N 67  
ASP OD2 HD2  sing N N 68  
ASP OXT HXT  sing N N 69  
CYS N   CA   sing N N 70  
CYS N   H    sing N N 71  
CYS N   H2   sing N N 72  
CYS CA  C    sing N N 73  
CYS CA  CB   sing N N 74  
CYS CA  HA   sing N N 75  
CYS C   O    doub N N 76  
CYS C   OXT  sing N N 77  
CYS CB  SG   sing N N 78  
CYS CB  HB2  sing N N 79  
CYS CB  HB3  sing N N 80  
CYS SG  HG   sing N N 81  
CYS OXT HXT  sing N N 82  
GLN N   CA   sing N N 83  
GLN N   H    sing N N 84  
GLN N   H2   sing N N 85  
GLN CA  C    sing N N 86  
GLN CA  CB   sing N N 87  
GLN CA  HA   sing N N 88  
GLN C   O    doub N N 89  
GLN C   OXT  sing N N 90  
GLN CB  CG   sing N N 91  
GLN CB  HB2  sing N N 92  
GLN CB  HB3  sing N N 93  
GLN CG  CD   sing N N 94  
GLN CG  HG2  sing N N 95  
GLN CG  HG3  sing N N 96  
GLN CD  OE1  doub N N 97  
GLN CD  NE2  sing N N 98  
GLN NE2 HE21 sing N N 99  
GLN NE2 HE22 sing N N 100 
GLN OXT HXT  sing N N 101 
GLU N   CA   sing N N 102 
GLU N   H    sing N N 103 
GLU N   H2   sing N N 104 
GLU CA  C    sing N N 105 
GLU CA  CB   sing N N 106 
GLU CA  HA   sing N N 107 
GLU C   O    doub N N 108 
GLU C   OXT  sing N N 109 
GLU CB  CG   sing N N 110 
GLU CB  HB2  sing N N 111 
GLU CB  HB3  sing N N 112 
GLU CG  CD   sing N N 113 
GLU CG  HG2  sing N N 114 
GLU CG  HG3  sing N N 115 
GLU CD  OE1  doub N N 116 
GLU CD  OE2  sing N N 117 
GLU OE2 HE2  sing N N 118 
GLU OXT HXT  sing N N 119 
GLY N   CA   sing N N 120 
GLY N   H    sing N N 121 
GLY N   H2   sing N N 122 
GLY CA  C    sing N N 123 
GLY CA  HA2  sing N N 124 
GLY CA  HA3  sing N N 125 
GLY C   O    doub N N 126 
GLY C   OXT  sing N N 127 
GLY OXT HXT  sing N N 128 
HIS N   CA   sing N N 129 
HIS N   H    sing N N 130 
HIS N   H2   sing N N 131 
HIS CA  C    sing N N 132 
HIS CA  CB   sing N N 133 
HIS CA  HA   sing N N 134 
HIS C   O    doub N N 135 
HIS C   OXT  sing N N 136 
HIS CB  CG   sing N N 137 
HIS CB  HB2  sing N N 138 
HIS CB  HB3  sing N N 139 
HIS CG  ND1  sing Y N 140 
HIS CG  CD2  doub Y N 141 
HIS ND1 CE1  doub Y N 142 
HIS ND1 HD1  sing N N 143 
HIS CD2 NE2  sing Y N 144 
HIS CD2 HD2  sing N N 145 
HIS CE1 NE2  sing Y N 146 
HIS CE1 HE1  sing N N 147 
HIS NE2 HE2  sing N N 148 
HIS OXT HXT  sing N N 149 
HOH O   H1   sing N N 150 
HOH O   H2   sing N N 151 
ILE N   CA   sing N N 152 
ILE N   H    sing N N 153 
ILE N   H2   sing N N 154 
ILE CA  C    sing N N 155 
ILE CA  CB   sing N N 156 
ILE CA  HA   sing N N 157 
ILE C   O    doub N N 158 
ILE C   OXT  sing N N 159 
ILE CB  CG1  sing N N 160 
ILE CB  CG2  sing N N 161 
ILE CB  HB   sing N N 162 
ILE CG1 CD1  sing N N 163 
ILE CG1 HG12 sing N N 164 
ILE CG1 HG13 sing N N 165 
ILE CG2 HG21 sing N N 166 
ILE CG2 HG22 sing N N 167 
ILE CG2 HG23 sing N N 168 
ILE CD1 HD11 sing N N 169 
ILE CD1 HD12 sing N N 170 
ILE CD1 HD13 sing N N 171 
ILE OXT HXT  sing N N 172 
LEU N   CA   sing N N 173 
LEU N   H    sing N N 174 
LEU N   H2   sing N N 175 
LEU CA  C    sing N N 176 
LEU CA  CB   sing N N 177 
LEU CA  HA   sing N N 178 
LEU C   O    doub N N 179 
LEU C   OXT  sing N N 180 
LEU CB  CG   sing N N 181 
LEU CB  HB2  sing N N 182 
LEU CB  HB3  sing N N 183 
LEU CG  CD1  sing N N 184 
LEU CG  CD2  sing N N 185 
LEU CG  HG   sing N N 186 
LEU CD1 HD11 sing N N 187 
LEU CD1 HD12 sing N N 188 
LEU CD1 HD13 sing N N 189 
LEU CD2 HD21 sing N N 190 
LEU CD2 HD22 sing N N 191 
LEU CD2 HD23 sing N N 192 
LEU OXT HXT  sing N N 193 
LYS N   CA   sing N N 194 
LYS N   H    sing N N 195 
LYS N   H2   sing N N 196 
LYS CA  C    sing N N 197 
LYS CA  CB   sing N N 198 
LYS CA  HA   sing N N 199 
LYS C   O    doub N N 200 
LYS C   OXT  sing N N 201 
LYS CB  CG   sing N N 202 
LYS CB  HB2  sing N N 203 
LYS CB  HB3  sing N N 204 
LYS CG  CD   sing N N 205 
LYS CG  HG2  sing N N 206 
LYS CG  HG3  sing N N 207 
LYS CD  CE   sing N N 208 
LYS CD  HD2  sing N N 209 
LYS CD  HD3  sing N N 210 
LYS CE  NZ   sing N N 211 
LYS CE  HE2  sing N N 212 
LYS CE  HE3  sing N N 213 
LYS NZ  HZ1  sing N N 214 
LYS NZ  HZ2  sing N N 215 
LYS NZ  HZ3  sing N N 216 
LYS OXT HXT  sing N N 217 
MET N   CA   sing N N 218 
MET N   H    sing N N 219 
MET N   H2   sing N N 220 
MET CA  C    sing N N 221 
MET CA  CB   sing N N 222 
MET CA  HA   sing N N 223 
MET C   O    doub N N 224 
MET C   OXT  sing N N 225 
MET CB  CG   sing N N 226 
MET CB  HB2  sing N N 227 
MET CB  HB3  sing N N 228 
MET CG  SD   sing N N 229 
MET CG  HG2  sing N N 230 
MET CG  HG3  sing N N 231 
MET SD  CE   sing N N 232 
MET CE  HE1  sing N N 233 
MET CE  HE2  sing N N 234 
MET CE  HE3  sing N N 235 
MET OXT HXT  sing N N 236 
PHE N   CA   sing N N 237 
PHE N   H    sing N N 238 
PHE N   H2   sing N N 239 
PHE CA  C    sing N N 240 
PHE CA  CB   sing N N 241 
PHE CA  HA   sing N N 242 
PHE C   O    doub N N 243 
PHE C   OXT  sing N N 244 
PHE CB  CG   sing N N 245 
PHE CB  HB2  sing N N 246 
PHE CB  HB3  sing N N 247 
PHE CG  CD1  doub Y N 248 
PHE CG  CD2  sing Y N 249 
PHE CD1 CE1  sing Y N 250 
PHE CD1 HD1  sing N N 251 
PHE CD2 CE2  doub Y N 252 
PHE CD2 HD2  sing N N 253 
PHE CE1 CZ   doub Y N 254 
PHE CE1 HE1  sing N N 255 
PHE CE2 CZ   sing Y N 256 
PHE CE2 HE2  sing N N 257 
PHE CZ  HZ   sing N N 258 
PHE OXT HXT  sing N N 259 
PRO N   CA   sing N N 260 
PRO N   CD   sing N N 261 
PRO N   H    sing N N 262 
PRO CA  C    sing N N 263 
PRO CA  CB   sing N N 264 
PRO CA  HA   sing N N 265 
PRO C   O    doub N N 266 
PRO C   OXT  sing N N 267 
PRO CB  CG   sing N N 268 
PRO CB  HB2  sing N N 269 
PRO CB  HB3  sing N N 270 
PRO CG  CD   sing N N 271 
PRO CG  HG2  sing N N 272 
PRO CG  HG3  sing N N 273 
PRO CD  HD2  sing N N 274 
PRO CD  HD3  sing N N 275 
PRO OXT HXT  sing N N 276 
SER N   CA   sing N N 277 
SER N   H    sing N N 278 
SER N   H2   sing N N 279 
SER CA  C    sing N N 280 
SER CA  CB   sing N N 281 
SER CA  HA   sing N N 282 
SER C   O    doub N N 283 
SER C   OXT  sing N N 284 
SER CB  OG   sing N N 285 
SER CB  HB2  sing N N 286 
SER CB  HB3  sing N N 287 
SER OG  HG   sing N N 288 
SER OXT HXT  sing N N 289 
THR N   CA   sing N N 290 
THR N   H    sing N N 291 
THR N   H2   sing N N 292 
THR CA  C    sing N N 293 
THR CA  CB   sing N N 294 
THR CA  HA   sing N N 295 
THR C   O    doub N N 296 
THR C   OXT  sing N N 297 
THR CB  OG1  sing N N 298 
THR CB  CG2  sing N N 299 
THR CB  HB   sing N N 300 
THR OG1 HG1  sing N N 301 
THR CG2 HG21 sing N N 302 
THR CG2 HG22 sing N N 303 
THR CG2 HG23 sing N N 304 
THR OXT HXT  sing N N 305 
TRP N   CA   sing N N 306 
TRP N   H    sing N N 307 
TRP N   H2   sing N N 308 
TRP CA  C    sing N N 309 
TRP CA  CB   sing N N 310 
TRP CA  HA   sing N N 311 
TRP C   O    doub N N 312 
TRP C   OXT  sing N N 313 
TRP CB  CG   sing N N 314 
TRP CB  HB2  sing N N 315 
TRP CB  HB3  sing N N 316 
TRP CG  CD1  doub Y N 317 
TRP CG  CD2  sing Y N 318 
TRP CD1 NE1  sing Y N 319 
TRP CD1 HD1  sing N N 320 
TRP CD2 CE2  doub Y N 321 
TRP CD2 CE3  sing Y N 322 
TRP NE1 CE2  sing Y N 323 
TRP NE1 HE1  sing N N 324 
TRP CE2 CZ2  sing Y N 325 
TRP CE3 CZ3  doub Y N 326 
TRP CE3 HE3  sing N N 327 
TRP CZ2 CH2  doub Y N 328 
TRP CZ2 HZ2  sing N N 329 
TRP CZ3 CH2  sing Y N 330 
TRP CZ3 HZ3  sing N N 331 
TRP CH2 HH2  sing N N 332 
TRP OXT HXT  sing N N 333 
TYR N   CA   sing N N 334 
TYR N   H    sing N N 335 
TYR N   H2   sing N N 336 
TYR CA  C    sing N N 337 
TYR CA  CB   sing N N 338 
TYR CA  HA   sing N N 339 
TYR C   O    doub N N 340 
TYR C   OXT  sing N N 341 
TYR CB  CG   sing N N 342 
TYR CB  HB2  sing N N 343 
TYR CB  HB3  sing N N 344 
TYR CG  CD1  doub Y N 345 
TYR CG  CD2  sing Y N 346 
TYR CD1 CE1  sing Y N 347 
TYR CD1 HD1  sing N N 348 
TYR CD2 CE2  doub Y N 349 
TYR CD2 HD2  sing N N 350 
TYR CE1 CZ   doub Y N 351 
TYR CE1 HE1  sing N N 352 
TYR CE2 CZ   sing Y N 353 
TYR CE2 HE2  sing N N 354 
TYR CZ  OH   sing N N 355 
TYR OH  HH   sing N N 356 
TYR OXT HXT  sing N N 357 
VAL N   CA   sing N N 358 
VAL N   H    sing N N 359 
VAL N   H2   sing N N 360 
VAL CA  C    sing N N 361 
VAL CA  CB   sing N N 362 
VAL CA  HA   sing N N 363 
VAL C   O    doub N N 364 
VAL C   OXT  sing N N 365 
VAL CB  CG1  sing N N 366 
VAL CB  CG2  sing N N 367 
VAL CB  HB   sing N N 368 
VAL CG1 HG11 sing N N 369 
VAL CG1 HG12 sing N N 370 
VAL CG1 HG13 sing N N 371 
VAL CG2 HG21 sing N N 372 
VAL CG2 HG22 sing N N 373 
VAL CG2 HG23 sing N N 374 
VAL OXT HXT  sing N N 375 
# 
_pdbx_entity_nonpoly.entity_id   2 
_pdbx_entity_nonpoly.name        water 
_pdbx_entity_nonpoly.comp_id     HOH 
# 
loop_
_pdbx_initial_refinement_model.id 
_pdbx_initial_refinement_model.entity_id_list 
_pdbx_initial_refinement_model.type 
_pdbx_initial_refinement_model.source_name 
_pdbx_initial_refinement_model.accession_code 
_pdbx_initial_refinement_model.details 
1 ? 'experimental model' PDB 1TP9 'PDB ENTRIES 1TP9, 3UMA, 1NM3 AND 2PWJ' 
2 ? 'experimental model' PDB 3UMA 'PDB ENTRIES 1TP9, 3UMA, 1NM3 AND 2PWJ' 
3 ? 'experimental model' PDB 1NM3 'PDB ENTRIES 1TP9, 3UMA, 1NM3 AND 2PWJ' 
4 ? 'experimental model' PDB 2PWJ 'PDB ENTRIES 1TP9, 3UMA, 1NM3 AND 2PWJ' 
# 
